data_1USK
#
_entry.id   1USK
#
_cell.length_a   68.421
_cell.length_b   70.140
_cell.length_c   79.902
_cell.angle_alpha   112.79
_cell.angle_beta   93.23
_cell.angle_gamma   90.97
#
_symmetry.space_group_name_H-M   'P 1'
#
loop_
_entity.id
_entity.type
_entity.pdbx_description
1 polymer 'LEUCINE-SPECIFIC BINDING PROTEIN'
2 non-polymer LEUCINE
3 water water
#
_entity_poly.entity_id   1
_entity_poly.type   'polypeptide(L)'
_entity_poly.pdbx_seq_one_letter_code
;DDIKVAVVGAMSGPIAQWGDMEFNGARQAIKDINAKGGIKGDKLVGVEYDDACDPKQAVAVANKIVNDGIKYVIGHLCSS
STQPASDIYEDEGILMISPGATNPELTQRGYQHIMRTAGLDSSQGPTAAKYILETVKPQRIAIIHDKQQYGEGLARSVQD
GLKAANANVVFFDGITAGEKDFSALIARLKKENIDFVYYGGYYPEMGQMLRQARSVGLKTQFMGPEGVGNASLSNIAGDA
AEGMLVTMPKRYDQDPANQGIVDALKADKKDPSGPYVWITYAAVQSLATALERTGSDEPLALVKDLKANGANTVIGPLNW
DEKGDLKGFDFGVFQWHADGSSTKAK
;
_entity_poly.pdbx_strand_id   A,B,C,D
#
# COMPACT_ATOMS: atom_id res chain seq x y z
N ASP A 1 -13.81 37.38 17.50
CA ASP A 1 -13.09 36.16 17.05
C ASP A 1 -12.67 36.27 15.58
N ASP A 2 -11.89 35.29 15.12
CA ASP A 2 -11.46 35.21 13.71
C ASP A 2 -12.67 35.06 12.78
N ILE A 3 -12.74 35.93 11.78
CA ILE A 3 -13.76 35.84 10.73
C ILE A 3 -13.25 34.98 9.58
N LYS A 4 -13.84 33.80 9.41
CA LYS A 4 -13.43 32.89 8.34
C LYS A 4 -14.13 33.22 7.01
N VAL A 5 -13.37 33.13 5.92
CA VAL A 5 -13.85 33.44 4.58
C VAL A 5 -13.29 32.41 3.61
N ALA A 6 -14.17 31.61 3.03
CA ALA A 6 -13.78 30.67 1.99
C ALA A 6 -13.38 31.42 0.71
N VAL A 7 -12.24 31.03 0.12
CA VAL A 7 -11.84 31.48 -1.21
C VAL A 7 -11.79 30.25 -2.11
N VAL A 8 -12.55 30.27 -3.20
CA VAL A 8 -12.75 29.10 -4.03
C VAL A 8 -12.46 29.39 -5.49
N GLY A 9 -11.58 28.58 -6.07
CA GLY A 9 -11.28 28.64 -7.49
C GLY A 9 -10.41 27.49 -7.95
N ALA A 10 -9.88 27.58 -9.16
CA ALA A 10 -9.05 26.51 -9.73
C ALA A 10 -7.59 26.55 -9.24
N MET A 11 -7.21 25.60 -8.41
CA MET A 11 -5.81 25.36 -8.06
C MET A 11 -5.25 24.19 -8.87
N SER A 12 -6.11 23.51 -9.60
CA SER A 12 -5.70 22.46 -10.54
C SER A 12 -6.57 22.50 -11.80
N GLY A 13 -6.26 21.66 -12.78
CA GLY A 13 -6.98 21.64 -14.04
C GLY A 13 -6.37 22.57 -15.08
N PRO A 14 -6.92 22.56 -16.29
CA PRO A 14 -6.30 23.22 -17.44
C PRO A 14 -6.35 24.77 -17.43
N ILE A 15 -7.14 25.39 -16.55
CA ILE A 15 -7.13 26.85 -16.44
C ILE A 15 -6.79 27.31 -15.03
N ALA A 16 -5.82 26.62 -14.44
CA ALA A 16 -5.35 26.92 -13.10
C ALA A 16 -4.63 28.26 -13.02
N GLN A 17 -4.16 28.78 -14.16
CA GLN A 17 -3.48 30.07 -14.18
C GLN A 17 -4.41 31.23 -13.85
N TRP A 18 -5.68 31.11 -14.23
CA TRP A 18 -6.68 32.08 -13.80
C TRP A 18 -6.82 32.03 -12.29
N GLY A 19 -6.92 30.82 -11.75
CA GLY A 19 -7.00 30.62 -10.31
C GLY A 19 -5.81 31.18 -9.56
N ASP A 20 -4.62 31.14 -10.17
CA ASP A 20 -3.41 31.68 -9.53
C ASP A 20 -3.56 33.16 -9.24
N MET A 21 -4.17 33.88 -10.18
CA MET A 21 -4.44 35.30 -10.01
C MET A 21 -5.44 35.56 -8.89
N GLU A 22 -6.48 34.74 -8.83
CA GLU A 22 -7.53 34.86 -7.80
C GLU A 22 -6.97 34.73 -6.38
N PHE A 23 -6.17 33.70 -6.15
CA PHE A 23 -5.66 33.43 -4.82
C PHE A 23 -4.55 34.41 -4.43
N ASN A 24 -3.81 34.91 -5.42
CA ASN A 24 -2.81 35.94 -5.18
C ASN A 24 -3.45 37.26 -4.73
N GLY A 25 -4.56 37.62 -5.37
CA GLY A 25 -5.26 38.87 -5.05
C GLY A 25 -5.99 38.81 -3.72
N ALA A 26 -6.56 37.65 -3.41
CA ALA A 26 -7.29 37.45 -2.17
C ALA A 26 -6.34 37.49 -0.98
N ARG A 27 -5.26 36.72 -1.06
CA ARG A 27 -4.25 36.66 -0.02
C ARG A 27 -3.72 38.05 0.33
N GLN A 28 -3.44 38.85 -0.69
CA GLN A 28 -2.87 40.18 -0.49
C GLN A 28 -3.88 41.13 0.14
N ALA A 29 -5.15 40.98 -0.20
CA ALA A 29 -6.22 41.81 0.36
C ALA A 29 -6.47 41.48 1.83
N ILE A 30 -6.50 40.19 2.14
CA ILE A 30 -6.66 39.72 3.52
C ILE A 30 -5.49 40.20 4.38
N LYS A 31 -4.29 40.21 3.82
CA LYS A 31 -3.07 40.65 4.50
C LYS A 31 -3.05 42.17 4.73
N ASP A 32 -3.57 42.95 3.78
CA ASP A 32 -3.58 44.41 3.89
C ASP A 32 -4.64 44.86 4.88
N ILE A 33 -5.77 44.17 4.89
CA ILE A 33 -6.89 44.51 5.76
C ILE A 33 -6.55 44.19 7.21
N ASN A 34 -5.90 43.06 7.45
CA ASN A 34 -5.44 42.71 8.79
C ASN A 34 -4.35 43.66 9.29
N ALA A 35 -3.48 44.10 8.39
CA ALA A 35 -2.38 45.01 8.71
C ALA A 35 -2.88 46.37 9.21
N LYS A 36 -4.07 46.78 8.79
CA LYS A 36 -4.67 48.07 9.18
C LYS A 36 -5.62 47.98 10.38
N GLY A 37 -5.78 46.78 10.95
CA GLY A 37 -6.59 46.60 12.14
C GLY A 37 -7.69 45.55 12.05
N GLY A 38 -7.83 44.92 10.90
CA GLY A 38 -8.89 43.93 10.67
C GLY A 38 -10.28 44.56 10.62
N ILE A 39 -11.27 43.76 10.98
CA ILE A 39 -12.67 44.22 11.09
C ILE A 39 -12.99 44.48 12.57
N LYS A 40 -12.69 45.70 13.03
CA LYS A 40 -12.91 46.09 14.43
C LYS A 40 -12.15 45.21 15.42
N GLY A 41 -10.90 44.88 15.08
CA GLY A 41 -10.04 44.07 15.95
C GLY A 41 -9.95 42.61 15.56
N ASP A 42 -10.94 42.12 14.84
CA ASP A 42 -11.00 40.70 14.44
C ASP A 42 -10.16 40.44 13.19
N LYS A 43 -9.64 39.22 13.10
CA LYS A 43 -8.71 38.85 12.04
C LYS A 43 -9.43 38.08 10.93
N LEU A 44 -9.30 38.55 9.70
CA LEU A 44 -9.76 37.79 8.54
C LEU A 44 -8.82 36.63 8.28
N VAL A 45 -9.39 35.45 8.10
CA VAL A 45 -8.64 34.25 7.76
C VAL A 45 -9.27 33.67 6.51
N GLY A 46 -8.48 33.57 5.44
CA GLY A 46 -8.90 32.88 4.24
C GLY A 46 -8.77 31.38 4.40
N VAL A 47 -9.78 30.63 3.94
CA VAL A 47 -9.73 29.19 3.91
C VAL A 47 -9.88 28.78 2.44
N GLU A 48 -8.84 28.15 1.90
CA GLU A 48 -8.74 27.96 0.46
C GLU A 48 -9.24 26.58 0.02
N TYR A 49 -10.12 26.58 -0.99
CA TYR A 49 -10.72 25.37 -1.54
C TYR A 49 -10.45 25.29 -3.03
N ASP A 50 -10.16 24.08 -3.51
CA ASP A 50 -9.93 23.82 -4.93
C ASP A 50 -11.13 23.10 -5.52
N ASP A 51 -11.83 23.76 -6.44
CA ASP A 51 -12.92 23.14 -7.19
C ASP A 51 -12.52 22.75 -8.63
N ALA A 52 -11.33 23.19 -9.04
CA ALA A 52 -10.76 22.86 -10.35
C ALA A 52 -11.57 23.38 -11.52
N CYS A 53 -12.43 24.36 -11.26
CA CYS A 53 -13.37 24.89 -12.26
C CYS A 53 -14.18 23.78 -12.94
N ASP A 54 -14.77 22.93 -12.11
CA ASP A 54 -15.48 21.74 -12.54
C ASP A 54 -16.80 21.64 -11.76
N PRO A 55 -17.94 21.63 -12.46
CA PRO A 55 -19.27 21.63 -11.81
C PRO A 55 -19.41 20.65 -10.64
N LYS A 56 -18.98 19.40 -10.81
CA LYS A 56 -19.14 18.37 -9.78
C LYS A 56 -18.31 18.66 -8.53
N GLN A 57 -17.04 19.02 -8.71
CA GLN A 57 -16.17 19.36 -7.58
C GLN A 57 -16.63 20.62 -6.85
N ALA A 58 -17.29 21.52 -7.58
CA ALA A 58 -17.78 22.76 -7.01
C ALA A 58 -18.93 22.51 -6.06
N VAL A 59 -19.76 21.51 -6.38
CA VAL A 59 -20.89 21.10 -5.54
C VAL A 59 -20.36 20.44 -4.27
N ALA A 60 -19.25 19.71 -4.39
CA ALA A 60 -18.59 19.09 -3.25
C ALA A 60 -17.96 20.11 -2.29
N VAL A 61 -17.39 21.17 -2.85
CA VAL A 61 -16.73 22.21 -2.06
C VAL A 61 -17.77 23.05 -1.32
N ALA A 62 -18.86 23.38 -2.00
CA ALA A 62 -19.93 24.18 -1.42
C ALA A 62 -20.58 23.44 -0.23
N ASN A 63 -20.81 22.14 -0.42
CA ASN A 63 -21.33 21.28 0.65
C ASN A 63 -20.39 21.22 1.87
N LYS A 64 -19.09 21.20 1.61
CA LYS A 64 -18.08 21.16 2.66
C LYS A 64 -18.02 22.48 3.43
N ILE A 65 -18.23 23.58 2.71
CA ILE A 65 -18.23 24.93 3.30
C ILE A 65 -19.41 25.11 4.28
N VAL A 66 -20.56 24.54 3.95
CA VAL A 66 -21.74 24.59 4.83
C VAL A 66 -21.43 23.81 6.11
N ASN A 67 -20.80 22.65 5.93
CA ASN A 67 -20.44 21.77 7.04
C ASN A 67 -19.31 22.31 7.90
N ASP A 68 -18.50 23.22 7.34
CA ASP A 68 -17.36 23.80 8.05
C ASP A 68 -17.76 25.01 8.89
N GLY A 69 -18.99 25.50 8.71
CA GLY A 69 -19.50 26.63 9.47
C GLY A 69 -19.24 27.99 8.88
N ILE A 70 -18.67 28.05 7.67
CA ILE A 70 -18.30 29.32 7.04
C ILE A 70 -19.52 30.01 6.42
N LYS A 71 -19.64 31.31 6.66
CA LYS A 71 -20.82 32.09 6.26
C LYS A 71 -20.58 33.02 5.05
N TYR A 72 -19.32 33.19 4.65
CA TYR A 72 -18.96 34.10 3.56
C TYR A 72 -18.00 33.43 2.57
N VAL A 73 -18.23 33.62 1.27
CA VAL A 73 -17.51 32.91 0.22
C VAL A 73 -17.10 33.86 -0.90
N ILE A 74 -15.80 34.02 -1.10
CA ILE A 74 -15.25 34.68 -2.28
C ILE A 74 -14.98 33.62 -3.36
N GLY A 75 -15.97 33.41 -4.22
CA GLY A 75 -15.88 32.41 -5.27
C GLY A 75 -17.22 32.16 -5.94
N HIS A 76 -17.31 31.15 -6.81
CA HIS A 76 -16.16 30.42 -7.29
C HIS A 76 -15.58 31.22 -8.47
N LEU A 77 -14.75 30.60 -9.31
CA LEU A 77 -14.03 31.32 -10.36
C LEU A 77 -14.76 31.29 -11.70
N CYS A 78 -15.07 30.10 -12.18
CA CYS A 78 -15.70 29.93 -13.49
C CYS A 78 -17.21 29.96 -13.36
N SER A 79 -17.91 30.19 -14.48
CA SER A 79 -19.36 30.29 -14.49
C SER A 79 -20.05 28.94 -14.26
N SER A 80 -19.51 27.90 -14.88
CA SER A 80 -20.10 26.56 -14.82
C SER A 80 -19.92 25.90 -13.45
N SER A 81 -18.93 26.33 -12.68
CA SER A 81 -18.73 25.83 -11.33
C SER A 81 -19.39 26.74 -10.27
N THR A 82 -19.48 28.04 -10.55
CA THR A 82 -20.05 29.01 -9.61
C THR A 82 -21.58 28.88 -9.47
N GLN A 83 -22.27 28.63 -10.58
CA GLN A 83 -23.73 28.59 -10.56
C GLN A 83 -24.34 27.46 -9.74
N PRO A 84 -23.94 26.20 -9.92
CA PRO A 84 -24.46 25.11 -9.08
C PRO A 84 -24.09 25.26 -7.59
N ALA A 85 -22.94 25.85 -7.30
CA ALA A 85 -22.53 26.11 -5.92
C ALA A 85 -23.41 27.19 -5.27
N SER A 86 -23.86 28.15 -6.07
CA SER A 86 -24.70 29.24 -5.56
C SER A 86 -26.09 28.75 -5.15
N ASP A 87 -26.54 27.64 -5.74
CA ASP A 87 -27.80 27.01 -5.37
C ASP A 87 -27.74 26.51 -3.92
N ILE A 88 -26.61 25.91 -3.54
CA ILE A 88 -26.40 25.44 -2.18
C ILE A 88 -26.26 26.61 -1.19
N TYR A 89 -25.52 27.65 -1.58
CA TYR A 89 -25.29 28.79 -0.69
C TYR A 89 -26.57 29.57 -0.41
N GLU A 90 -27.40 29.76 -1.44
CA GLU A 90 -28.67 30.46 -1.27
C GLU A 90 -29.59 29.72 -0.30
N ASP A 91 -29.66 28.39 -0.44
CA ASP A 91 -30.46 27.53 0.44
C ASP A 91 -30.03 27.55 1.90
N GLU A 92 -28.73 27.69 2.13
CA GLU A 92 -28.17 27.63 3.48
C GLU A 92 -27.97 29.00 4.11
N GLY A 93 -28.25 30.06 3.34
CA GLY A 93 -28.10 31.43 3.83
C GLY A 93 -26.65 31.85 4.00
N ILE A 94 -25.86 31.66 2.94
CA ILE A 94 -24.43 31.99 2.95
C ILE A 94 -24.14 33.04 1.88
N LEU A 95 -23.41 34.08 2.27
CA LEU A 95 -22.96 35.11 1.32
C LEU A 95 -21.97 34.53 0.32
N MET A 96 -22.16 34.87 -0.95
CA MET A 96 -21.24 34.44 -2.01
C MET A 96 -21.01 35.60 -2.98
N ILE A 97 -19.78 36.09 -3.00
CA ILE A 97 -19.34 37.10 -3.97
C ILE A 97 -18.34 36.47 -4.93
N SER A 98 -18.75 36.29 -6.18
CA SER A 98 -17.90 35.70 -7.22
C SER A 98 -17.00 36.75 -7.87
N PRO A 99 -15.68 36.56 -7.79
CA PRO A 99 -14.74 37.45 -8.50
C PRO A 99 -14.47 37.07 -9.95
N GLY A 100 -14.99 35.95 -10.44
CA GLY A 100 -14.64 35.46 -11.76
C GLY A 100 -15.76 35.18 -12.75
N ALA A 101 -16.91 34.72 -12.26
CA ALA A 101 -18.02 34.30 -13.11
C ALA A 101 -18.66 35.48 -13.82
N THR A 102 -18.69 35.44 -15.15
CA THR A 102 -19.22 36.54 -15.96
C THR A 102 -20.54 36.19 -16.68
N ASN A 103 -20.94 34.93 -16.67
CA ASN A 103 -22.18 34.52 -17.34
C ASN A 103 -23.40 35.13 -16.65
N PRO A 104 -24.33 35.72 -17.40
CA PRO A 104 -25.49 36.43 -16.82
C PRO A 104 -26.46 35.62 -15.93
N GLU A 105 -26.70 34.35 -16.25
CA GLU A 105 -27.71 33.55 -15.55
C GLU A 105 -27.56 33.51 -14.01
N LEU A 106 -26.34 33.67 -13.51
CA LEU A 106 -26.04 33.61 -12.09
C LEU A 106 -26.96 34.51 -11.26
N THR A 107 -27.13 35.75 -11.68
CA THR A 107 -27.88 36.75 -10.90
C THR A 107 -29.24 37.09 -11.54
N GLN A 108 -29.84 36.14 -12.25
CA GLN A 108 -31.13 36.37 -12.91
C GLN A 108 -32.19 35.37 -12.43
N ARG A 109 -32.04 34.87 -11.21
CA ARG A 109 -32.93 33.86 -10.67
C ARG A 109 -33.54 34.21 -9.30
N GLY A 110 -33.41 35.47 -8.89
CA GLY A 110 -34.02 35.96 -7.65
C GLY A 110 -33.25 35.67 -6.38
N TYR A 111 -31.98 35.29 -6.49
CA TYR A 111 -31.18 34.91 -5.33
C TYR A 111 -30.74 36.17 -4.58
N GLN A 112 -30.98 36.17 -3.28
CA GLN A 112 -30.73 37.33 -2.42
C GLN A 112 -29.34 37.32 -1.76
N HIS A 113 -28.65 36.19 -1.79
CA HIS A 113 -27.38 36.03 -1.09
C HIS A 113 -26.18 36.11 -2.04
N ILE A 114 -26.43 36.46 -3.31
CA ILE A 114 -25.44 36.34 -4.38
C ILE A 114 -25.06 37.69 -4.99
N MET A 115 -23.76 37.96 -5.04
CA MET A 115 -23.20 39.10 -5.76
C MET A 115 -21.98 38.68 -6.59
N ARG A 116 -21.41 39.64 -7.31
CA ARG A 116 -20.13 39.43 -8.01
C ARG A 116 -19.39 40.76 -8.24
N THR A 117 -18.06 40.68 -8.32
CA THR A 117 -17.23 41.82 -8.73
C THR A 117 -16.68 41.66 -10.16
N ALA A 118 -17.02 40.53 -10.80
CA ALA A 118 -16.68 40.33 -12.19
C ALA A 118 -17.71 41.04 -13.05
N GLY A 119 -17.39 41.22 -14.33
CA GLY A 119 -18.28 41.87 -15.27
C GLY A 119 -19.39 40.93 -15.70
N LEU A 120 -20.09 41.30 -16.76
CA LEU A 120 -21.14 40.48 -17.33
C LEU A 120 -20.80 40.18 -18.78
N ASP A 121 -21.15 38.99 -19.25
CA ASP A 121 -20.96 38.64 -20.65
C ASP A 121 -22.07 39.29 -21.50
N SER A 122 -23.16 39.71 -20.84
CA SER A 122 -24.20 40.49 -21.51
C SER A 122 -23.68 41.86 -21.98
N SER A 123 -22.49 42.23 -21.53
CA SER A 123 -21.82 43.43 -21.99
C SER A 123 -20.53 43.12 -22.80
N GLN A 124 -19.84 42.03 -22.45
CA GLN A 124 -18.61 41.64 -23.12
C GLN A 124 -18.89 41.15 -24.55
N GLY A 125 -19.99 40.40 -24.71
CA GLY A 125 -20.41 39.88 -25.99
C GLY A 125 -20.76 40.96 -27.00
N PRO A 126 -21.72 41.81 -26.69
CA PRO A 126 -22.03 42.98 -27.53
C PRO A 126 -20.83 43.90 -27.81
N THR A 127 -19.88 44.01 -26.88
CA THR A 127 -18.67 44.82 -27.11
C THR A 127 -17.86 44.25 -28.26
N ALA A 128 -17.75 42.93 -28.32
CA ALA A 128 -17.07 42.24 -29.42
C ALA A 128 -17.80 42.41 -30.75
N ALA A 129 -19.13 42.26 -30.74
CA ALA A 129 -19.92 42.38 -31.97
C ALA A 129 -19.79 43.78 -32.60
N LYS A 130 -19.84 44.81 -31.75
CA LYS A 130 -19.71 46.18 -32.21
C LYS A 130 -18.39 46.36 -32.95
N TYR A 131 -17.29 45.92 -32.32
CA TYR A 131 -15.96 46.04 -32.91
C TYR A 131 -15.85 45.28 -34.24
N ILE A 132 -16.47 44.11 -34.31
CA ILE A 132 -16.44 43.29 -35.54
C ILE A 132 -17.15 44.02 -36.68
N LEU A 133 -18.33 44.58 -36.41
CA LEU A 133 -19.15 45.21 -37.44
C LEU A 133 -18.60 46.56 -37.91
N GLU A 134 -17.96 47.30 -37.00
CA GLU A 134 -17.59 48.70 -37.24
C GLU A 134 -16.13 48.93 -37.63
N THR A 135 -15.23 48.08 -37.15
CA THR A 135 -13.80 48.27 -37.36
C THR A 135 -13.17 47.18 -38.23
N VAL A 136 -13.36 45.92 -37.86
CA VAL A 136 -12.77 44.79 -38.58
C VAL A 136 -13.40 44.63 -39.97
N LYS A 137 -14.74 44.63 -40.01
CA LYS A 137 -15.53 44.49 -41.25
C LYS A 137 -15.16 43.29 -42.13
N PRO A 138 -15.30 42.07 -41.62
CA PRO A 138 -14.98 40.87 -42.42
C PRO A 138 -16.13 40.48 -43.36
N GLN A 139 -15.80 39.72 -44.41
CA GLN A 139 -16.80 39.25 -45.36
C GLN A 139 -17.51 38.00 -44.87
N ARG A 140 -16.75 37.08 -44.29
CA ARG A 140 -17.23 35.73 -43.95
C ARG A 140 -16.78 35.30 -42.55
N ILE A 141 -17.75 35.03 -41.68
CA ILE A 141 -17.51 34.83 -40.24
C ILE A 141 -17.90 33.43 -39.81
N ALA A 142 -17.06 32.82 -38.96
CA ALA A 142 -17.42 31.60 -38.24
C ALA A 142 -17.30 31.84 -36.74
N ILE A 143 -18.21 31.26 -35.98
CA ILE A 143 -18.21 31.38 -34.54
C ILE A 143 -18.08 29.98 -33.95
N ILE A 144 -17.02 29.78 -33.16
CA ILE A 144 -16.73 28.52 -32.49
C ILE A 144 -16.82 28.73 -30.97
N HIS A 145 -17.19 27.68 -30.24
CA HIS A 145 -17.23 27.69 -28.77
C HIS A 145 -16.80 26.34 -28.21
N ASP A 146 -16.60 26.26 -26.89
CA ASP A 146 -16.09 25.03 -26.25
C ASP A 146 -17.16 24.19 -25.50
N LYS A 147 -18.43 24.45 -25.80
CA LYS A 147 -19.56 23.67 -25.27
C LYS A 147 -19.76 23.79 -23.74
N GLN A 148 -19.19 24.85 -23.15
CA GLN A 148 -19.36 25.12 -21.72
C GLN A 148 -20.05 26.47 -21.53
N GLN A 149 -20.60 26.68 -20.33
CA GLN A 149 -21.50 27.80 -20.07
C GLN A 149 -20.92 29.17 -20.42
N TYR A 150 -19.66 29.41 -20.09
CA TYR A 150 -19.02 30.70 -20.35
C TYR A 150 -18.77 30.93 -21.85
N GLY A 151 -18.12 29.98 -22.50
CA GLY A 151 -17.75 30.14 -23.90
C GLY A 151 -18.93 30.11 -24.86
N GLU A 152 -19.81 29.13 -24.67
CA GLU A 152 -20.99 28.99 -25.51
C GLU A 152 -21.96 30.15 -25.34
N GLY A 153 -22.04 30.70 -24.13
CA GLY A 153 -22.87 31.85 -23.85
C GLY A 153 -22.39 33.11 -24.56
N LEU A 154 -21.07 33.30 -24.57
CA LEU A 154 -20.45 34.44 -25.27
C LEU A 154 -20.50 34.27 -26.79
N ALA A 155 -20.43 33.02 -27.25
CA ALA A 155 -20.47 32.72 -28.67
C ALA A 155 -21.88 32.99 -29.21
N ARG A 156 -22.88 32.56 -28.46
CA ARG A 156 -24.28 32.84 -28.79
C ARG A 156 -24.60 34.33 -28.76
N SER A 157 -24.00 35.06 -27.82
CA SER A 157 -24.23 36.51 -27.70
C SER A 157 -23.61 37.28 -28.86
N VAL A 158 -22.44 36.83 -29.32
CA VAL A 158 -21.79 37.44 -30.47
C VAL A 158 -22.52 37.06 -31.76
N GLN A 159 -23.08 35.86 -31.83
CA GLN A 159 -23.86 35.45 -32.97
C GLN A 159 -25.07 36.37 -33.11
N ASP A 160 -25.82 36.55 -32.03
CA ASP A 160 -27.01 37.40 -32.05
C ASP A 160 -26.67 38.86 -32.40
N GLY A 161 -25.60 39.39 -31.81
CA GLY A 161 -25.21 40.77 -32.06
C GLY A 161 -24.87 41.02 -33.53
N LEU A 162 -24.18 40.06 -34.14
CA LEU A 162 -23.84 40.12 -35.56
C LEU A 162 -25.05 39.94 -36.46
N LYS A 163 -25.96 39.05 -36.06
CA LYS A 163 -27.15 38.75 -36.86
C LYS A 163 -28.17 39.89 -36.78
N ALA A 164 -28.10 40.71 -35.73
CA ALA A 164 -28.91 41.91 -35.62
C ALA A 164 -28.58 42.89 -36.74
N ALA A 165 -27.32 42.92 -37.17
CA ALA A 165 -26.87 43.74 -38.29
C ALA A 165 -26.72 42.93 -39.59
N ASN A 166 -27.26 41.72 -39.59
CA ASN A 166 -27.31 40.86 -40.77
C ASN A 166 -25.95 40.62 -41.42
N ALA A 167 -24.93 40.47 -40.57
CA ALA A 167 -23.60 40.08 -41.01
C ALA A 167 -23.59 38.62 -41.44
N ASN A 168 -22.67 38.27 -42.34
CA ASN A 168 -22.62 36.92 -42.90
C ASN A 168 -21.91 35.94 -41.97
N VAL A 169 -22.66 35.35 -41.05
CA VAL A 169 -22.17 34.28 -40.21
C VAL A 169 -22.37 32.98 -40.97
N VAL A 170 -21.27 32.46 -41.53
CA VAL A 170 -21.32 31.28 -42.37
C VAL A 170 -21.71 30.04 -41.57
N PHE A 171 -21.04 29.81 -40.43
CA PHE A 171 -21.39 28.69 -39.56
C PHE A 171 -21.06 28.87 -38.08
N PHE A 172 -21.75 28.09 -37.25
CA PHE A 172 -21.68 28.11 -35.80
C PHE A 172 -21.49 26.66 -35.32
N ASP A 173 -20.40 26.39 -34.62
CA ASP A 173 -20.14 25.03 -34.14
C ASP A 173 -19.36 25.03 -32.83
N GLY A 174 -19.31 23.86 -32.18
CA GLY A 174 -18.56 23.66 -30.97
C GLY A 174 -17.40 22.70 -31.15
N ILE A 175 -16.41 22.82 -30.28
CA ILE A 175 -15.33 21.85 -30.15
C ILE A 175 -15.27 21.42 -28.69
N THR A 176 -14.77 20.21 -28.42
CA THR A 176 -14.69 19.70 -27.06
C THR A 176 -13.44 20.25 -26.38
N ALA A 177 -13.61 20.84 -25.19
CA ALA A 177 -12.48 21.32 -24.39
C ALA A 177 -11.48 20.19 -24.13
N GLY A 178 -10.19 20.49 -24.31
CA GLY A 178 -9.13 19.49 -24.22
C GLY A 178 -8.71 18.95 -25.58
N GLU A 179 -9.27 19.52 -26.65
CA GLU A 179 -8.90 19.14 -28.02
C GLU A 179 -7.46 19.54 -28.34
N LYS A 180 -6.73 18.62 -28.96
CA LYS A 180 -5.36 18.86 -29.39
C LYS A 180 -5.32 19.13 -30.89
N ASP A 181 -6.10 18.34 -31.64
CA ASP A 181 -6.08 18.36 -33.09
C ASP A 181 -7.25 19.16 -33.69
N PHE A 182 -6.94 20.37 -34.15
CA PHE A 182 -7.94 21.24 -34.78
C PHE A 182 -7.94 21.17 -36.32
N SER A 183 -7.40 20.10 -36.89
CA SER A 183 -7.24 20.01 -38.34
C SER A 183 -8.58 19.95 -39.10
N ALA A 184 -9.62 19.42 -38.46
CA ALA A 184 -10.95 19.41 -39.07
C ALA A 184 -11.56 20.83 -39.13
N LEU A 185 -11.41 21.59 -38.06
CA LEU A 185 -11.87 22.97 -38.01
C LEU A 185 -11.16 23.83 -39.06
N ILE A 186 -9.84 23.72 -39.10
CA ILE A 186 -8.99 24.45 -40.04
C ILE A 186 -9.39 24.15 -41.49
N ALA A 187 -9.72 22.89 -41.77
CA ALA A 187 -10.09 22.47 -43.13
C ALA A 187 -11.41 23.13 -43.54
N ARG A 188 -12.33 23.26 -42.59
CA ARG A 188 -13.61 23.92 -42.84
C ARG A 188 -13.46 25.43 -43.02
N LEU A 189 -12.51 26.04 -42.32
CA LEU A 189 -12.24 27.48 -42.47
C LEU A 189 -11.66 27.77 -43.87
N LYS A 190 -10.83 26.88 -44.38
CA LYS A 190 -10.29 27.01 -45.74
C LYS A 190 -11.37 26.81 -46.80
N LYS A 191 -12.16 25.75 -46.64
CA LYS A 191 -13.27 25.44 -47.55
C LYS A 191 -14.26 26.59 -47.68
N GLU A 192 -14.57 27.24 -46.55
CA GLU A 192 -15.60 28.25 -46.51
C GLU A 192 -15.03 29.67 -46.65
N ASN A 193 -13.75 29.79 -47.00
CA ASN A 193 -13.09 31.10 -47.17
C ASN A 193 -13.30 32.05 -45.98
N ILE A 194 -13.27 31.49 -44.76
CA ILE A 194 -13.52 32.27 -43.54
C ILE A 194 -12.35 33.21 -43.25
N ASP A 195 -12.63 34.52 -43.22
CA ASP A 195 -11.59 35.50 -42.89
C ASP A 195 -11.65 36.04 -41.45
N PHE A 196 -12.66 35.63 -40.68
CA PHE A 196 -12.80 36.04 -39.28
C PHE A 196 -13.48 34.98 -38.41
N VAL A 197 -12.92 34.74 -37.22
CA VAL A 197 -13.44 33.75 -36.27
C VAL A 197 -13.58 34.37 -34.88
N TYR A 198 -14.75 34.22 -34.27
CA TYR A 198 -14.88 34.48 -32.84
C TYR A 198 -14.95 33.16 -32.10
N TYR A 199 -14.04 32.99 -31.15
CA TYR A 199 -13.99 31.81 -30.30
C TYR A 199 -14.42 32.13 -28.88
N GLY A 200 -15.48 31.47 -28.42
CA GLY A 200 -15.91 31.55 -27.04
C GLY A 200 -15.29 30.42 -26.23
N GLY A 201 -14.45 30.79 -25.27
CA GLY A 201 -13.69 29.82 -24.50
C GLY A 201 -12.47 30.37 -23.79
N TYR A 202 -11.59 29.46 -23.40
CA TYR A 202 -10.42 29.77 -22.59
C TYR A 202 -9.13 29.58 -23.41
N TYR A 203 -8.01 29.99 -22.81
CA TYR A 203 -6.73 30.08 -23.51
C TYR A 203 -6.09 28.78 -24.03
N PRO A 204 -6.29 27.62 -23.39
CA PRO A 204 -5.64 26.39 -23.89
C PRO A 204 -6.07 26.01 -25.31
N GLU A 205 -7.34 26.19 -25.62
CA GLU A 205 -7.86 25.85 -26.94
C GLU A 205 -7.55 26.96 -27.96
N MET A 206 -7.67 28.21 -27.53
CA MET A 206 -7.33 29.35 -28.39
C MET A 206 -5.88 29.27 -28.87
N GLY A 207 -4.97 28.98 -27.94
CA GLY A 207 -3.55 28.90 -28.23
C GLY A 207 -3.21 27.90 -29.31
N GLN A 208 -3.72 26.68 -29.17
CA GLN A 208 -3.44 25.60 -30.13
C GLN A 208 -4.12 25.83 -31.48
N MET A 209 -5.29 26.46 -31.45
CA MET A 209 -6.02 26.80 -32.67
C MET A 209 -5.25 27.83 -33.51
N LEU A 210 -4.66 28.82 -32.83
CA LEU A 210 -3.90 29.87 -33.50
C LEU A 210 -2.63 29.34 -34.14
N ARG A 211 -1.88 28.52 -33.41
CA ARG A 211 -0.64 27.94 -33.92
C ARG A 211 -0.86 27.04 -35.13
N GLN A 212 -1.91 26.24 -35.10
CA GLN A 212 -2.17 25.27 -36.17
C GLN A 212 -2.76 25.92 -37.42
N ALA A 213 -3.51 27.00 -37.25
CA ALA A 213 -4.06 27.76 -38.35
C ALA A 213 -2.94 28.39 -39.17
N ARG A 214 -1.95 28.97 -38.49
CA ARG A 214 -0.84 29.62 -39.18
C ARG A 214 0.13 28.63 -39.82
N SER A 215 0.21 27.42 -39.27
CA SER A 215 1.13 26.38 -39.78
C SER A 215 0.76 25.90 -41.19
N VAL A 216 -0.49 26.12 -41.61
CA VAL A 216 -0.93 25.81 -42.98
C VAL A 216 -1.37 27.07 -43.75
N GLY A 217 -1.02 28.25 -43.24
CA GLY A 217 -1.20 29.50 -43.96
C GLY A 217 -2.58 30.12 -43.97
N LEU A 218 -3.39 29.85 -42.95
CA LEU A 218 -4.68 30.51 -42.81
C LEU A 218 -4.43 31.99 -42.49
N LYS A 219 -5.07 32.88 -43.26
CA LYS A 219 -4.92 34.32 -43.05
C LYS A 219 -6.03 34.89 -42.16
N THR A 220 -6.79 33.99 -41.53
CA THR A 220 -7.95 34.34 -40.72
C THR A 220 -7.61 35.22 -39.53
N GLN A 221 -8.48 36.19 -39.25
CA GLN A 221 -8.38 37.02 -38.06
C GLN A 221 -9.17 36.34 -36.94
N PHE A 222 -8.56 36.11 -35.79
CA PHE A 222 -9.23 35.49 -34.64
C PHE A 222 -9.54 36.51 -33.54
N MET A 223 -10.55 36.18 -32.73
CA MET A 223 -10.98 37.01 -31.61
C MET A 223 -11.59 36.12 -30.52
N GLY A 224 -11.40 36.50 -29.26
CA GLY A 224 -11.97 35.76 -28.13
C GLY A 224 -12.23 36.65 -26.93
N PRO A 225 -12.87 36.11 -25.89
CA PRO A 225 -13.19 36.87 -24.67
C PRO A 225 -12.01 36.91 -23.70
N GLU A 226 -12.18 37.50 -22.52
CA GLU A 226 -11.08 37.71 -21.58
C GLU A 226 -10.45 36.40 -21.10
N GLY A 227 -11.19 35.30 -21.24
CA GLY A 227 -10.72 33.98 -20.89
C GLY A 227 -9.52 33.47 -21.68
N VAL A 228 -9.29 34.03 -22.87
CA VAL A 228 -8.10 33.68 -23.65
C VAL A 228 -6.92 34.63 -23.39
N GLY A 229 -7.20 35.79 -22.79
CA GLY A 229 -6.21 36.84 -22.59
C GLY A 229 -5.31 36.61 -21.41
N ASN A 230 -4.45 35.60 -21.53
CA ASN A 230 -3.62 35.09 -20.45
C ASN A 230 -2.15 35.10 -20.89
N ALA A 231 -1.24 35.14 -19.93
CA ALA A 231 0.19 35.02 -20.21
C ALA A 231 0.51 33.72 -20.98
N SER A 232 -0.30 32.70 -20.75
CA SER A 232 -0.13 31.41 -21.41
C SER A 232 -0.45 31.45 -22.91
N LEU A 233 -1.33 32.36 -23.32
CA LEU A 233 -1.82 32.39 -24.70
C LEU A 233 -0.71 32.40 -25.75
N SER A 234 0.23 33.34 -25.59
CA SER A 234 1.31 33.51 -26.56
C SER A 234 2.40 32.47 -26.40
N ASN A 235 2.54 31.89 -25.21
CA ASN A 235 3.45 30.77 -25.01
C ASN A 235 2.98 29.54 -25.80
N ILE A 236 1.68 29.31 -25.83
CA ILE A 236 1.09 28.18 -26.56
C ILE A 236 1.02 28.46 -28.07
N ALA A 237 0.72 29.70 -28.45
CA ALA A 237 0.44 30.03 -29.85
C ALA A 237 1.69 30.38 -30.64
N GLY A 238 2.69 30.93 -29.96
CA GLY A 238 3.89 31.43 -30.61
C GLY A 238 3.57 32.68 -31.42
N ASP A 239 4.23 32.82 -32.56
CA ASP A 239 4.04 33.98 -33.45
C ASP A 239 2.61 34.17 -33.95
N ALA A 240 1.82 33.09 -33.94
CA ALA A 240 0.40 33.13 -34.30
C ALA A 240 -0.46 33.96 -33.36
N ALA A 241 0.07 34.29 -32.17
CA ALA A 241 -0.63 35.18 -31.23
C ALA A 241 -0.69 36.63 -31.72
N GLU A 242 0.22 37.01 -32.61
CA GLU A 242 0.26 38.37 -33.16
C GLU A 242 -1.00 38.66 -33.98
N GLY A 243 -1.67 39.77 -33.66
CA GLY A 243 -2.88 40.17 -34.36
C GLY A 243 -4.18 39.70 -33.70
N MET A 244 -4.06 38.76 -32.77
CA MET A 244 -5.19 38.24 -32.01
C MET A 244 -5.97 39.36 -31.30
N LEU A 245 -7.28 39.42 -31.52
CA LEU A 245 -8.15 40.37 -30.83
C LEU A 245 -8.76 39.74 -29.59
N VAL A 246 -8.90 40.52 -28.51
CA VAL A 246 -9.48 40.00 -27.28
C VAL A 246 -10.10 41.10 -26.43
N THR A 247 -11.28 40.82 -25.89
CA THR A 247 -11.94 41.74 -24.97
C THR A 247 -11.47 41.46 -23.55
N MET A 248 -11.03 42.50 -22.86
CA MET A 248 -10.55 42.40 -21.48
C MET A 248 -11.06 43.55 -20.62
N PRO A 249 -11.04 43.37 -19.30
CA PRO A 249 -11.26 44.48 -18.38
C PRO A 249 -10.12 45.51 -18.45
N LYS A 250 -10.40 46.69 -17.92
CA LYS A 250 -9.42 47.76 -17.76
C LYS A 250 -8.14 47.24 -17.11
N ARG A 251 -7.00 47.86 -17.44
CA ARG A 251 -5.73 47.50 -16.82
C ARG A 251 -5.61 48.18 -15.46
N TYR A 252 -6.09 47.49 -14.42
CA TYR A 252 -6.13 48.06 -13.07
C TYR A 252 -4.73 48.23 -12.47
N ASP A 253 -3.76 47.47 -12.96
CA ASP A 253 -2.38 47.56 -12.48
C ASP A 253 -1.62 48.83 -12.93
N GLN A 254 -2.20 49.58 -13.86
CA GLN A 254 -1.63 50.86 -14.32
C GLN A 254 -2.31 52.08 -13.65
N ASP A 255 -3.29 51.81 -12.79
CA ASP A 255 -3.89 52.85 -11.95
C ASP A 255 -2.89 53.28 -10.87
N PRO A 256 -2.54 54.57 -10.80
CA PRO A 256 -1.60 55.06 -9.77
C PRO A 256 -1.97 54.68 -8.34
N ALA A 257 -3.27 54.68 -8.01
CA ALA A 257 -3.73 54.33 -6.66
C ALA A 257 -3.38 52.90 -6.22
N ASN A 258 -3.21 52.00 -7.19
CA ASN A 258 -2.87 50.60 -6.92
C ASN A 258 -1.37 50.28 -6.96
N GLN A 259 -0.52 51.29 -7.02
CA GLN A 259 0.92 51.10 -7.16
C GLN A 259 1.54 50.50 -5.90
N GLY A 260 0.98 50.81 -4.74
CA GLY A 260 1.37 50.19 -3.50
C GLY A 260 1.21 48.68 -3.52
N ILE A 261 0.09 48.22 -4.08
CA ILE A 261 -0.21 46.78 -4.18
C ILE A 261 0.59 46.11 -5.27
N VAL A 262 0.87 46.83 -6.36
CA VAL A 262 1.76 46.32 -7.41
C VAL A 262 3.14 46.03 -6.80
N ASP A 263 3.63 46.95 -5.98
CA ASP A 263 4.95 46.84 -5.38
C ASP A 263 5.01 45.67 -4.39
N ALA A 264 3.92 45.42 -3.68
CA ALA A 264 3.85 44.30 -2.75
C ALA A 264 3.90 42.96 -3.50
N LEU A 265 3.19 42.88 -4.62
CA LEU A 265 3.18 41.67 -5.44
C LEU A 265 4.52 41.45 -6.12
N LYS A 266 5.21 42.52 -6.50
CA LYS A 266 6.52 42.42 -7.14
C LYS A 266 7.62 42.04 -6.15
N ALA A 267 7.39 42.33 -4.87
CA ALA A 267 8.32 41.95 -3.80
C ALA A 267 8.23 40.45 -3.52
N ASP A 268 7.04 39.87 -3.72
CA ASP A 268 6.84 38.43 -3.61
C ASP A 268 7.05 37.72 -4.96
N LYS A 269 7.59 38.45 -5.93
CA LYS A 269 7.85 37.94 -7.27
C LYS A 269 6.61 37.29 -7.89
N LYS A 270 5.53 38.08 -7.94
CA LYS A 270 4.25 37.64 -8.53
C LYS A 270 3.84 38.63 -9.62
N ASP A 271 3.22 38.12 -10.68
CA ASP A 271 2.80 38.95 -11.81
C ASP A 271 1.57 39.77 -11.45
N PRO A 272 1.69 41.09 -11.43
CA PRO A 272 0.55 41.96 -11.06
C PRO A 272 -0.40 42.31 -12.21
N SER A 273 -0.13 41.85 -13.43
CA SER A 273 -0.82 42.35 -14.63
C SER A 273 -2.18 41.70 -14.94
N GLY A 274 -2.51 40.62 -14.25
CA GLY A 274 -3.72 39.88 -14.56
C GLY A 274 -4.97 40.53 -13.99
N PRO A 275 -6.05 40.64 -14.78
CA PRO A 275 -7.27 41.31 -14.33
C PRO A 275 -7.87 40.76 -13.04
N TYR A 276 -7.91 39.44 -12.89
CA TYR A 276 -8.56 38.81 -11.73
C TYR A 276 -7.76 38.84 -10.43
N VAL A 277 -6.51 39.28 -10.49
CA VAL A 277 -5.80 39.64 -9.27
C VAL A 277 -6.58 40.77 -8.59
N TRP A 278 -6.97 41.76 -9.38
CA TRP A 278 -7.61 42.98 -8.88
C TRP A 278 -9.10 42.79 -8.61
N ILE A 279 -9.77 42.03 -9.45
CA ILE A 279 -11.20 41.82 -9.28
C ILE A 279 -11.47 40.96 -8.02
N THR A 280 -10.54 40.07 -7.68
CA THR A 280 -10.62 39.28 -6.45
C THR A 280 -10.27 40.07 -5.19
N TYR A 281 -9.19 40.86 -5.26
CA TYR A 281 -8.86 41.82 -4.20
C TYR A 281 -10.09 42.68 -3.87
N ALA A 282 -10.79 43.09 -4.91
CA ALA A 282 -11.98 43.95 -4.78
C ALA A 282 -13.14 43.27 -4.04
N ALA A 283 -13.31 41.97 -4.27
CA ALA A 283 -14.36 41.19 -3.61
C ALA A 283 -14.12 41.04 -2.11
N VAL A 284 -12.85 40.93 -1.71
CA VAL A 284 -12.52 40.87 -0.29
C VAL A 284 -12.75 42.25 0.35
N GLN A 285 -12.39 43.30 -0.39
CA GLN A 285 -12.60 44.68 0.05
C GLN A 285 -14.08 45.02 0.23
N SER A 286 -14.94 44.42 -0.58
CA SER A 286 -16.38 44.66 -0.50
C SER A 286 -16.97 43.91 0.71
N LEU A 287 -16.52 42.68 0.96
CA LEU A 287 -16.96 41.92 2.12
C LEU A 287 -16.55 42.60 3.42
N ALA A 288 -15.35 43.19 3.43
CA ALA A 288 -14.78 43.82 4.61
C ALA A 288 -15.44 45.16 4.88
N THR A 289 -15.82 45.85 3.80
CA THR A 289 -16.50 47.13 3.91
C THR A 289 -17.90 46.97 4.51
N ALA A 290 -18.54 45.84 4.22
CA ALA A 290 -19.90 45.59 4.67
C ALA A 290 -19.91 45.15 6.13
N LEU A 291 -18.98 44.26 6.50
CA LEU A 291 -18.82 43.82 7.89
C LEU A 291 -18.48 44.99 8.81
N GLU A 292 -17.64 45.89 8.31
CA GLU A 292 -17.17 47.03 9.09
C GLU A 292 -18.29 48.07 9.29
N ARG A 293 -18.99 48.40 8.21
CA ARG A 293 -19.98 49.48 8.22
C ARG A 293 -21.23 49.15 9.04
N THR A 294 -21.75 47.93 8.85
CA THR A 294 -22.97 47.51 9.53
C THR A 294 -22.70 47.04 10.96
N GLY A 295 -21.53 46.45 11.18
CA GLY A 295 -21.22 45.78 12.43
C GLY A 295 -22.03 44.51 12.61
N SER A 296 -22.43 43.90 11.50
CA SER A 296 -23.33 42.74 11.49
C SER A 296 -22.63 41.50 10.98
N ASP A 297 -23.18 40.33 11.29
CA ASP A 297 -22.66 39.06 10.80
C ASP A 297 -23.71 38.26 9.98
N GLU A 298 -24.80 38.93 9.60
CA GLU A 298 -25.88 38.30 8.86
C GLU A 298 -25.66 38.50 7.35
N PRO A 299 -25.46 37.41 6.60
CA PRO A 299 -25.29 37.49 5.14
C PRO A 299 -26.28 38.42 4.41
N LEU A 300 -27.57 38.35 4.73
CA LEU A 300 -28.55 39.20 4.04
C LEU A 300 -28.37 40.69 4.32
N ALA A 301 -28.06 41.03 5.57
CA ALA A 301 -27.80 42.41 5.95
C ALA A 301 -26.51 42.97 5.34
N LEU A 302 -25.53 42.10 5.08
CA LEU A 302 -24.28 42.52 4.44
C LEU A 302 -24.49 42.83 2.96
N VAL A 303 -25.33 42.03 2.30
CA VAL A 303 -25.64 42.20 0.88
C VAL A 303 -26.49 43.45 0.67
N LYS A 304 -27.49 43.64 1.53
CA LYS A 304 -28.36 44.82 1.45
C LYS A 304 -27.53 46.09 1.63
N ASP A 305 -26.55 46.03 2.53
CA ASP A 305 -25.68 47.17 2.78
C ASP A 305 -24.84 47.52 1.56
N LEU A 306 -24.35 46.50 0.85
CA LEU A 306 -23.53 46.72 -0.35
C LEU A 306 -24.35 47.25 -1.53
N LYS A 307 -25.57 46.74 -1.69
CA LYS A 307 -26.45 47.20 -2.78
C LYS A 307 -26.88 48.65 -2.56
N ALA A 308 -26.97 49.04 -1.29
CA ALA A 308 -27.41 50.38 -0.90
C ALA A 308 -26.27 51.41 -0.94
N ASN A 309 -25.12 51.06 -0.36
CA ASN A 309 -24.03 52.01 -0.12
C ASN A 309 -22.79 51.84 -0.99
N GLY A 310 -22.60 50.64 -1.55
CA GLY A 310 -21.46 50.36 -2.42
C GLY A 310 -20.15 50.19 -1.66
N ALA A 311 -19.04 50.25 -2.37
CA ALA A 311 -17.71 50.11 -1.75
C ALA A 311 -16.62 50.71 -2.62
N ASN A 312 -15.62 51.33 -2.00
CA ASN A 312 -14.46 51.83 -2.73
C ASN A 312 -13.37 50.77 -2.76
N THR A 313 -13.02 50.30 -3.97
CA THR A 313 -12.09 49.19 -4.16
C THR A 313 -11.01 49.51 -5.18
N VAL A 314 -10.11 48.55 -5.40
CA VAL A 314 -9.01 48.69 -6.36
C VAL A 314 -9.43 48.64 -7.84
N ILE A 315 -10.67 48.25 -8.11
CA ILE A 315 -11.19 48.28 -9.48
C ILE A 315 -12.19 49.44 -9.69
N GLY A 316 -12.18 50.41 -8.78
CA GLY A 316 -13.04 51.58 -8.86
C GLY A 316 -14.13 51.61 -7.81
N PRO A 317 -14.92 52.69 -7.79
CA PRO A 317 -16.08 52.76 -6.91
C PRO A 317 -17.19 51.82 -7.38
N LEU A 318 -17.54 50.85 -6.55
CA LEU A 318 -18.43 49.77 -6.92
C LEU A 318 -19.87 50.09 -6.54
N ASN A 319 -20.76 49.93 -7.51
CA ASN A 319 -22.17 50.24 -7.39
C ASN A 319 -22.98 49.06 -7.94
N TRP A 320 -23.51 48.23 -7.04
CA TRP A 320 -24.33 47.06 -7.42
C TRP A 320 -25.81 47.39 -7.62
N ASP A 321 -26.47 46.63 -8.48
CA ASP A 321 -27.93 46.71 -8.63
C ASP A 321 -28.59 45.66 -7.75
N GLU A 322 -29.92 45.62 -7.78
CA GLU A 322 -30.71 44.74 -6.91
C GLU A 322 -30.45 43.25 -7.11
N LYS A 323 -30.01 42.86 -8.31
CA LYS A 323 -29.72 41.46 -8.65
C LYS A 323 -28.36 40.98 -8.12
N GLY A 324 -27.44 41.91 -7.89
CA GLY A 324 -26.10 41.61 -7.41
C GLY A 324 -24.99 41.84 -8.44
N ASP A 325 -25.28 42.52 -9.55
CA ASP A 325 -24.31 42.79 -10.61
C ASP A 325 -23.77 44.20 -10.51
N LEU A 326 -22.50 44.37 -10.87
CA LEU A 326 -21.88 45.70 -10.96
C LEU A 326 -22.44 46.48 -12.14
N LYS A 327 -22.61 47.79 -11.93
CA LYS A 327 -23.09 48.69 -12.97
C LYS A 327 -21.89 49.46 -13.50
N GLY A 328 -21.79 49.57 -14.81
CA GLY A 328 -20.67 50.24 -15.45
C GLY A 328 -19.35 49.48 -15.44
N PHE A 329 -19.41 48.16 -15.53
CA PHE A 329 -18.23 47.32 -15.77
C PHE A 329 -18.06 47.15 -17.28
N ASP A 330 -17.04 47.81 -17.83
CA ASP A 330 -16.84 47.86 -19.28
C ASP A 330 -15.64 47.04 -19.71
N PHE A 331 -15.79 46.34 -20.84
CA PHE A 331 -14.69 45.65 -21.49
C PHE A 331 -14.17 46.49 -22.66
N GLY A 332 -12.86 46.47 -22.87
CA GLY A 332 -12.22 47.07 -24.03
C GLY A 332 -11.63 46.01 -24.96
N VAL A 333 -11.18 46.43 -26.13
CA VAL A 333 -10.62 45.52 -27.13
C VAL A 333 -9.11 45.75 -27.23
N PHE A 334 -8.38 44.64 -27.30
CA PHE A 334 -6.92 44.65 -27.31
C PHE A 334 -6.36 43.78 -28.41
N GLN A 335 -5.30 44.26 -29.05
CA GLN A 335 -4.53 43.49 -30.01
C GLN A 335 -3.40 42.79 -29.26
N TRP A 336 -3.31 41.47 -29.40
CA TRP A 336 -2.30 40.68 -28.71
C TRP A 336 -1.05 40.58 -29.57
N HIS A 337 0.10 40.40 -28.92
CA HIS A 337 1.38 40.32 -29.62
C HIS A 337 2.10 39.02 -29.25
N ALA A 338 3.13 38.70 -30.02
CA ALA A 338 3.82 37.41 -29.90
C ALA A 338 4.58 37.27 -28.57
N ASP A 339 4.97 38.39 -27.97
CA ASP A 339 5.69 38.38 -26.69
C ASP A 339 4.79 38.39 -25.44
N GLY A 340 3.47 38.29 -25.65
CA GLY A 340 2.53 38.26 -24.54
C GLY A 340 1.98 39.63 -24.18
N SER A 341 2.63 40.70 -24.65
CA SER A 341 2.14 42.05 -24.43
C SER A 341 0.91 42.30 -25.27
N SER A 342 0.25 43.43 -25.02
CA SER A 342 -0.93 43.82 -25.78
C SER A 342 -1.10 45.34 -25.82
N THR A 343 -1.89 45.82 -26.77
CA THR A 343 -2.20 47.26 -26.88
C THR A 343 -3.66 47.45 -27.24
N LYS A 344 -4.28 48.50 -26.69
CA LYS A 344 -5.67 48.83 -27.03
C LYS A 344 -5.75 49.15 -28.51
N ALA A 345 -6.82 48.69 -29.16
CA ALA A 345 -6.94 48.77 -30.62
C ALA A 345 -7.79 49.96 -31.05
N LYS A 346 -8.58 50.50 -30.27
N ASP B 1 19.15 -25.71 -50.66
CA ASP B 1 19.98 -24.75 -49.86
C ASP B 1 19.38 -24.57 -48.48
N ASP B 2 20.22 -24.16 -47.53
CA ASP B 2 19.79 -23.90 -46.15
C ASP B 2 18.87 -22.68 -46.10
N ILE B 3 17.75 -22.81 -45.40
CA ILE B 3 16.82 -21.71 -45.18
C ILE B 3 17.04 -21.16 -43.77
N LYS B 4 17.64 -19.98 -43.68
CA LYS B 4 17.93 -19.35 -42.38
C LYS B 4 16.68 -18.71 -41.76
N VAL B 5 16.51 -18.92 -40.46
CA VAL B 5 15.36 -18.42 -39.71
C VAL B 5 15.85 -17.91 -38.36
N ALA B 6 15.70 -16.61 -38.11
CA ALA B 6 16.04 -16.02 -36.82
C ALA B 6 15.03 -16.44 -35.75
N VAL B 7 15.52 -16.78 -34.56
CA VAL B 7 14.66 -17.01 -33.40
C VAL B 7 15.12 -16.07 -32.31
N VAL B 8 14.29 -15.08 -31.96
CA VAL B 8 14.67 -14.06 -31.01
C VAL B 8 13.86 -14.09 -29.72
N GLY B 9 14.57 -14.03 -28.60
CA GLY B 9 13.95 -13.88 -27.29
C GLY B 9 14.97 -13.64 -26.19
N ALA B 10 14.52 -13.72 -24.94
CA ALA B 10 15.39 -13.51 -23.79
C ALA B 10 16.23 -14.75 -23.47
N MET B 11 17.53 -14.65 -23.69
CA MET B 11 18.50 -15.65 -23.20
C MET B 11 19.22 -15.11 -21.95
N SER B 12 18.90 -13.89 -21.55
CA SER B 12 19.41 -13.28 -20.32
C SER B 12 18.35 -12.37 -19.69
N GLY B 13 18.70 -11.74 -18.57
CA GLY B 13 17.79 -10.83 -17.88
C GLY B 13 16.83 -11.55 -16.94
N PRO B 14 15.95 -10.79 -16.30
CA PRO B 14 15.13 -11.31 -15.20
C PRO B 14 13.99 -12.27 -15.60
N ILE B 15 13.72 -12.45 -16.90
CA ILE B 15 12.69 -13.40 -17.35
C ILE B 15 13.20 -14.31 -18.46
N ALA B 16 14.47 -14.71 -18.36
CA ALA B 16 15.05 -15.67 -19.31
C ALA B 16 14.41 -17.06 -19.24
N GLN B 17 13.69 -17.36 -18.15
CA GLN B 17 12.98 -18.63 -18.01
C GLN B 17 11.88 -18.77 -19.07
N TRP B 18 11.20 -17.67 -19.39
CA TRP B 18 10.22 -17.65 -20.48
C TRP B 18 10.91 -17.93 -21.82
N GLY B 19 12.07 -17.30 -22.02
CA GLY B 19 12.87 -17.55 -23.21
C GLY B 19 13.30 -18.99 -23.33
N ASP B 20 13.59 -19.66 -22.21
CA ASP B 20 14.05 -21.05 -22.22
C ASP B 20 12.99 -21.94 -22.87
N MET B 21 11.73 -21.68 -22.56
CA MET B 21 10.62 -22.39 -23.19
C MET B 21 10.57 -22.14 -24.69
N GLU B 22 10.74 -20.88 -25.09
CA GLU B 22 10.68 -20.48 -26.48
C GLU B 22 11.71 -21.23 -27.32
N PHE B 23 12.97 -21.15 -26.89
CA PHE B 23 14.07 -21.73 -27.64
C PHE B 23 14.01 -23.25 -27.67
N ASN B 24 13.48 -23.85 -26.61
CA ASN B 24 13.33 -25.30 -26.56
C ASN B 24 12.24 -25.80 -27.51
N GLY B 25 11.18 -25.01 -27.65
CA GLY B 25 10.09 -25.34 -28.56
C GLY B 25 10.50 -25.16 -30.01
N ALA B 26 11.27 -24.10 -30.29
CA ALA B 26 11.72 -23.81 -31.65
C ALA B 26 12.74 -24.84 -32.12
N ARG B 27 13.68 -25.21 -31.26
CA ARG B 27 14.70 -26.19 -31.61
C ARG B 27 14.09 -27.55 -31.95
N GLN B 28 13.11 -27.97 -31.15
CA GLN B 28 12.47 -29.26 -31.38
C GLN B 28 11.62 -29.25 -32.66
N ALA B 29 11.00 -28.11 -32.96
CA ALA B 29 10.20 -27.99 -34.18
C ALA B 29 11.09 -28.06 -35.41
N ILE B 30 12.23 -27.37 -35.35
CA ILE B 30 13.19 -27.38 -36.45
C ILE B 30 13.78 -28.78 -36.62
N LYS B 31 14.08 -29.46 -35.51
CA LYS B 31 14.67 -30.80 -35.55
C LYS B 31 13.69 -31.81 -36.14
N ASP B 32 12.43 -31.77 -35.70
CA ASP B 32 11.39 -32.68 -36.16
C ASP B 32 11.16 -32.51 -37.67
N ILE B 33 11.12 -31.27 -38.13
CA ILE B 33 10.91 -30.96 -39.55
C ILE B 33 12.08 -31.46 -40.42
N ASN B 34 13.31 -31.16 -39.99
CA ASN B 34 14.50 -31.59 -40.71
C ASN B 34 14.69 -33.10 -40.78
N ALA B 35 14.28 -33.83 -39.75
CA ALA B 35 14.38 -35.30 -39.73
C ALA B 35 13.42 -35.95 -40.73
N LYS B 36 12.31 -35.27 -41.03
CA LYS B 36 11.36 -35.69 -42.06
C LYS B 36 11.77 -35.24 -43.47
N GLY B 37 12.84 -34.44 -43.56
CA GLY B 37 13.40 -34.04 -44.84
C GLY B 37 13.48 -32.54 -45.09
N GLY B 38 13.04 -31.74 -44.12
CA GLY B 38 12.99 -30.30 -44.31
C GLY B 38 11.83 -29.89 -45.20
N ILE B 39 11.96 -28.74 -45.85
CA ILE B 39 10.93 -28.22 -46.74
C ILE B 39 11.32 -28.58 -48.17
N LYS B 40 10.86 -29.72 -48.64
CA LYS B 40 11.25 -30.27 -49.95
C LYS B 40 12.77 -30.23 -50.14
N GLY B 41 13.51 -30.85 -49.21
CA GLY B 41 14.94 -30.99 -49.33
C GLY B 41 15.81 -29.88 -48.74
N ASP B 42 15.21 -28.72 -48.44
CA ASP B 42 15.93 -27.59 -47.85
C ASP B 42 15.78 -27.63 -46.33
N LYS B 43 16.89 -27.72 -45.61
CA LYS B 43 16.84 -27.80 -44.14
C LYS B 43 16.70 -26.41 -43.50
N LEU B 44 15.87 -26.31 -42.47
CA LEU B 44 15.80 -25.09 -41.66
C LEU B 44 17.01 -24.99 -40.74
N VAL B 45 17.50 -23.77 -40.53
CA VAL B 45 18.57 -23.49 -39.58
C VAL B 45 18.13 -22.35 -38.66
N GLY B 46 18.04 -22.62 -37.37
CA GLY B 46 17.70 -21.62 -36.39
C GLY B 46 18.93 -20.82 -35.98
N VAL B 47 18.93 -19.53 -36.31
CA VAL B 47 19.97 -18.60 -35.86
C VAL B 47 19.40 -17.82 -34.68
N GLU B 48 19.98 -18.02 -33.50
CA GLU B 48 19.42 -17.52 -32.26
C GLU B 48 20.02 -16.18 -31.84
N TYR B 49 19.14 -15.26 -31.42
CA TYR B 49 19.51 -13.91 -31.00
C TYR B 49 18.94 -13.62 -29.62
N ASP B 50 19.78 -13.05 -28.75
CA ASP B 50 19.40 -12.66 -27.40
C ASP B 50 19.08 -11.18 -27.38
N ASP B 51 17.81 -10.83 -27.20
CA ASP B 51 17.42 -9.43 -27.02
C ASP B 51 17.13 -9.06 -25.56
N ALA B 52 17.17 -10.04 -24.66
CA ALA B 52 17.03 -9.84 -23.21
C ALA B 52 15.69 -9.22 -22.79
N CYS B 53 14.70 -9.28 -23.68
CA CYS B 53 13.42 -8.59 -23.51
C CYS B 53 13.58 -7.13 -23.10
N ASP B 54 14.50 -6.45 -23.80
CA ASP B 54 14.85 -5.05 -23.53
C ASP B 54 14.73 -4.28 -24.85
N PRO B 55 13.84 -3.28 -24.88
CA PRO B 55 13.53 -2.54 -26.13
C PRO B 55 14.74 -2.06 -26.94
N LYS B 56 15.77 -1.57 -26.27
CA LYS B 56 16.97 -1.08 -26.95
C LYS B 56 17.71 -2.23 -27.64
N GLN B 57 17.89 -3.34 -26.93
CA GLN B 57 18.59 -4.50 -27.47
C GLN B 57 17.81 -5.19 -28.59
N ALA B 58 16.47 -5.08 -28.53
CA ALA B 58 15.62 -5.64 -29.57
C ALA B 58 15.82 -4.92 -30.89
N VAL B 59 16.05 -3.60 -30.82
CA VAL B 59 16.33 -2.80 -32.01
C VAL B 59 17.70 -3.17 -32.59
N ALA B 60 18.70 -3.33 -31.73
CA ALA B 60 20.02 -3.78 -32.17
C ALA B 60 19.97 -5.15 -32.85
N VAL B 61 19.15 -6.06 -32.32
CA VAL B 61 19.03 -7.41 -32.87
C VAL B 61 18.28 -7.36 -34.21
N ALA B 62 17.34 -6.43 -34.33
CA ALA B 62 16.52 -6.31 -35.53
C ALA B 62 17.32 -5.78 -36.72
N ASN B 63 18.20 -4.82 -36.46
CA ASN B 63 19.08 -4.26 -37.49
C ASN B 63 20.18 -5.23 -37.88
N LYS B 64 20.58 -6.09 -36.95
CA LYS B 64 21.59 -7.10 -37.22
C LYS B 64 21.07 -8.20 -38.14
N ILE B 65 19.80 -8.58 -37.95
CA ILE B 65 19.15 -9.61 -38.78
C ILE B 65 18.99 -9.14 -40.24
N VAL B 66 18.67 -7.86 -40.40
CA VAL B 66 18.61 -7.25 -41.72
C VAL B 66 19.98 -7.32 -42.39
N ASN B 67 21.01 -6.98 -41.62
CA ASN B 67 22.39 -6.99 -42.09
C ASN B 67 22.90 -8.41 -42.37
N ASP B 68 22.35 -9.40 -41.68
CA ASP B 68 22.72 -10.80 -41.87
C ASP B 68 22.00 -11.45 -43.06
N GLY B 69 21.00 -10.76 -43.62
CA GLY B 69 20.31 -11.23 -44.80
C GLY B 69 19.22 -12.26 -44.56
N ILE B 70 18.84 -12.46 -43.30
CA ILE B 70 17.78 -13.40 -42.94
C ILE B 70 16.42 -12.77 -43.26
N LYS B 71 15.54 -13.58 -43.85
CA LYS B 71 14.25 -13.09 -44.35
C LYS B 71 13.07 -13.40 -43.43
N TYR B 72 13.27 -14.31 -42.46
CA TYR B 72 12.20 -14.79 -41.59
C TYR B 72 12.61 -14.77 -40.12
N VAL B 73 11.67 -14.45 -39.23
CA VAL B 73 11.98 -14.28 -37.80
C VAL B 73 10.85 -14.85 -36.96
N ILE B 74 11.18 -15.78 -36.08
CA ILE B 74 10.28 -16.22 -35.03
C ILE B 74 10.67 -15.47 -33.75
N GLY B 75 9.99 -14.34 -33.52
CA GLY B 75 10.23 -13.50 -32.35
C GLY B 75 9.44 -12.20 -32.42
N HIS B 76 9.66 -11.28 -31.49
CA HIS B 76 10.46 -11.49 -30.30
C HIS B 76 9.56 -12.14 -29.23
N LEU B 77 10.01 -12.14 -27.97
CA LEU B 77 9.30 -12.84 -26.89
C LEU B 77 8.32 -11.96 -26.12
N CYS B 78 8.74 -10.76 -25.76
CA CYS B 78 7.94 -9.83 -24.96
C CYS B 78 7.28 -8.78 -25.84
N SER B 79 6.37 -7.99 -25.28
CA SER B 79 5.64 -6.98 -26.05
C SER B 79 6.47 -5.73 -26.29
N SER B 80 7.18 -5.27 -25.25
CA SER B 80 7.97 -4.04 -25.35
C SER B 80 9.22 -4.19 -26.22
N SER B 81 9.69 -5.43 -26.41
CA SER B 81 10.78 -5.71 -27.33
C SER B 81 10.28 -6.00 -28.75
N THR B 82 9.13 -6.66 -28.88
CA THR B 82 8.59 -7.06 -30.18
C THR B 82 8.13 -5.87 -31.02
N GLN B 83 7.47 -4.89 -30.40
CA GLN B 83 6.91 -3.77 -31.17
C GLN B 83 7.95 -2.93 -31.93
N PRO B 84 8.97 -2.37 -31.26
CA PRO B 84 9.98 -1.57 -31.96
C PRO B 84 10.78 -2.39 -33.00
N ALA B 85 10.98 -3.67 -32.75
CA ALA B 85 11.66 -4.55 -33.71
C ALA B 85 10.83 -4.76 -34.97
N SER B 86 9.51 -4.83 -34.81
CA SER B 86 8.59 -5.04 -35.93
C SER B 86 8.52 -3.84 -36.87
N ASP B 87 8.86 -2.65 -36.38
CA ASP B 87 8.93 -1.45 -37.22
C ASP B 87 10.05 -1.59 -38.25
N ILE B 88 11.18 -2.15 -37.82
CA ILE B 88 12.31 -2.40 -38.72
C ILE B 88 12.02 -3.51 -39.72
N TYR B 89 11.44 -4.62 -39.25
CA TYR B 89 11.14 -5.77 -40.12
C TYR B 89 10.12 -5.38 -41.18
N GLU B 90 9.15 -4.55 -40.80
CA GLU B 90 8.11 -4.11 -41.71
C GLU B 90 8.67 -3.27 -42.86
N ASP B 91 9.67 -2.45 -42.56
CA ASP B 91 10.29 -1.57 -43.56
C ASP B 91 11.26 -2.28 -44.50
N GLU B 92 11.79 -3.43 -44.07
CA GLU B 92 12.76 -4.19 -44.86
C GLU B 92 12.13 -5.39 -45.55
N GLY B 93 10.82 -5.60 -45.35
CA GLY B 93 10.11 -6.71 -45.96
C GLY B 93 10.41 -8.06 -45.35
N ILE B 94 10.70 -8.08 -44.04
CA ILE B 94 11.04 -9.30 -43.31
C ILE B 94 9.82 -9.84 -42.56
N LEU B 95 9.51 -11.12 -42.78
CA LEU B 95 8.44 -11.82 -42.11
C LEU B 95 8.78 -12.02 -40.63
N MET B 96 7.91 -11.56 -39.74
CA MET B 96 8.04 -11.76 -38.30
C MET B 96 6.76 -12.38 -37.72
N ILE B 97 6.91 -13.53 -37.06
CA ILE B 97 5.82 -14.21 -36.33
C ILE B 97 6.23 -14.29 -34.87
N SER B 98 5.51 -13.60 -33.99
CA SER B 98 5.83 -13.59 -32.56
C SER B 98 5.08 -14.70 -31.83
N PRO B 99 5.82 -15.58 -31.15
CA PRO B 99 5.20 -16.62 -30.31
C PRO B 99 4.95 -16.18 -28.86
N GLY B 100 5.29 -14.95 -28.50
CA GLY B 100 5.22 -14.51 -27.11
C GLY B 100 4.40 -13.26 -26.83
N ALA B 101 4.42 -12.31 -27.76
CA ALA B 101 3.80 -10.99 -27.54
C ALA B 101 2.28 -11.06 -27.59
N THR B 102 1.63 -10.50 -26.57
CA THR B 102 0.18 -10.53 -26.44
C THR B 102 -0.47 -9.15 -26.45
N ASN B 103 0.31 -8.09 -26.32
CA ASN B 103 -0.23 -6.73 -26.38
C ASN B 103 -0.83 -6.46 -27.76
N PRO B 104 -2.08 -5.98 -27.80
CA PRO B 104 -2.81 -5.79 -29.07
C PRO B 104 -2.19 -4.81 -30.06
N GLU B 105 -1.44 -3.80 -29.61
CA GLU B 105 -0.98 -2.72 -30.49
C GLU B 105 -0.05 -3.16 -31.62
N LEU B 106 0.60 -4.30 -31.44
CA LEU B 106 1.49 -4.87 -32.46
C LEU B 106 0.80 -5.02 -33.81
N THR B 107 -0.41 -5.56 -33.82
CA THR B 107 -1.14 -5.81 -35.07
C THR B 107 -2.30 -4.85 -35.32
N GLN B 108 -2.25 -3.67 -34.70
CA GLN B 108 -3.32 -2.68 -34.83
C GLN B 108 -2.85 -1.45 -35.63
N ARG B 109 -1.87 -1.65 -36.51
CA ARG B 109 -1.19 -0.57 -37.23
C ARG B 109 -1.01 -0.82 -38.73
N GLY B 110 -1.79 -1.74 -39.29
CA GLY B 110 -1.78 -2.00 -40.73
C GLY B 110 -0.49 -2.58 -41.28
N TYR B 111 0.25 -3.34 -40.47
CA TYR B 111 1.48 -3.98 -40.92
C TYR B 111 1.15 -5.28 -41.66
N GLN B 112 1.83 -5.49 -42.79
CA GLN B 112 1.52 -6.60 -43.68
C GLN B 112 2.47 -7.79 -43.53
N HIS B 113 3.58 -7.60 -42.82
CA HIS B 113 4.57 -8.66 -42.62
C HIS B 113 4.51 -9.29 -41.22
N ILE B 114 3.63 -8.80 -40.36
CA ILE B 114 3.59 -9.19 -38.94
C ILE B 114 2.45 -10.15 -38.61
N MET B 115 2.76 -11.16 -37.78
CA MET B 115 1.78 -12.15 -37.32
C MET B 115 2.12 -12.60 -35.89
N ARG B 116 1.28 -13.45 -35.30
CA ARG B 116 1.58 -14.07 -34.01
C ARG B 116 0.80 -15.35 -33.76
N THR B 117 1.44 -16.29 -33.06
CA THR B 117 0.76 -17.48 -32.56
C THR B 117 0.40 -17.37 -31.08
N ALA B 118 0.91 -16.34 -30.40
CA ALA B 118 0.47 -16.01 -29.05
C ALA B 118 -0.95 -15.43 -29.07
N GLY B 119 -1.63 -15.48 -27.93
CA GLY B 119 -2.95 -14.89 -27.77
C GLY B 119 -2.94 -13.38 -27.66
N LEU B 120 -4.08 -12.80 -27.27
CA LEU B 120 -4.24 -11.35 -27.20
C LEU B 120 -4.70 -10.92 -25.80
N ASP B 121 -4.21 -9.78 -25.34
CA ASP B 121 -4.54 -9.27 -24.00
C ASP B 121 -5.87 -8.53 -24.02
N SER B 122 -6.40 -8.25 -25.21
CA SER B 122 -7.76 -7.76 -25.37
C SER B 122 -8.77 -8.86 -25.04
N SER B 123 -8.26 -10.08 -24.91
CA SER B 123 -9.03 -11.21 -24.41
C SER B 123 -8.63 -11.63 -22.98
N GLN B 124 -7.32 -11.67 -22.71
CA GLN B 124 -6.83 -12.10 -21.39
C GLN B 124 -7.31 -11.22 -20.23
N GLY B 125 -7.32 -9.91 -20.44
CA GLY B 125 -7.78 -8.94 -19.47
C GLY B 125 -9.26 -9.11 -19.12
N PRO B 126 -10.15 -8.95 -20.10
CA PRO B 126 -11.58 -9.22 -19.90
C PRO B 126 -11.91 -10.58 -19.27
N THR B 127 -11.09 -11.61 -19.50
CA THR B 127 -11.31 -12.92 -18.88
C THR B 127 -11.05 -12.87 -17.38
N ALA B 128 -9.97 -12.21 -16.98
CA ALA B 128 -9.70 -11.98 -15.56
C ALA B 128 -10.83 -11.17 -14.92
N ALA B 129 -11.24 -10.08 -15.59
CA ALA B 129 -12.26 -9.19 -15.05
C ALA B 129 -13.58 -9.91 -14.81
N LYS B 130 -13.98 -10.74 -15.78
CA LYS B 130 -15.20 -11.54 -15.68
C LYS B 130 -15.12 -12.50 -14.48
N TYR B 131 -13.97 -13.13 -14.28
CA TYR B 131 -13.80 -14.06 -13.16
C TYR B 131 -13.84 -13.34 -11.81
N ILE B 132 -13.30 -12.12 -11.76
CA ILE B 132 -13.27 -11.34 -10.53
C ILE B 132 -14.69 -10.93 -10.12
N LEU B 133 -15.47 -10.44 -11.07
CA LEU B 133 -16.81 -9.93 -10.80
C LEU B 133 -17.81 -11.03 -10.49
N GLU B 134 -17.73 -12.15 -11.21
CA GLU B 134 -18.75 -13.20 -11.13
C GLU B 134 -18.46 -14.31 -10.12
N THR B 135 -17.20 -14.51 -9.76
CA THR B 135 -16.80 -15.62 -8.89
C THR B 135 -16.17 -15.16 -7.58
N VAL B 136 -15.11 -14.34 -7.67
CA VAL B 136 -14.38 -13.92 -6.47
C VAL B 136 -15.20 -12.93 -5.64
N LYS B 137 -15.86 -11.99 -6.32
CA LYS B 137 -16.70 -10.98 -5.68
C LYS B 137 -16.06 -10.31 -4.47
N PRO B 138 -14.94 -9.60 -4.67
CA PRO B 138 -14.26 -8.91 -3.58
C PRO B 138 -14.91 -7.59 -3.22
N GLN B 139 -14.65 -7.10 -2.02
CA GLN B 139 -15.18 -5.82 -1.55
C GLN B 139 -14.33 -4.63 -1.97
N ARG B 140 -13.00 -4.78 -1.91
CA ARG B 140 -12.07 -3.68 -2.10
C ARG B 140 -10.86 -4.15 -2.91
N ILE B 141 -10.69 -3.56 -4.09
CA ILE B 141 -9.71 -4.01 -5.08
C ILE B 141 -8.61 -2.97 -5.26
N ALA B 142 -7.37 -3.42 -5.39
CA ALA B 142 -6.28 -2.58 -5.87
C ALA B 142 -5.69 -3.23 -7.13
N ILE B 143 -5.15 -2.40 -8.01
CA ILE B 143 -4.57 -2.87 -9.27
C ILE B 143 -3.16 -2.30 -9.41
N ILE B 144 -2.19 -3.20 -9.65
CA ILE B 144 -0.78 -2.86 -9.68
C ILE B 144 -0.16 -3.35 -10.99
N HIS B 145 0.89 -2.67 -11.45
CA HIS B 145 1.60 -3.05 -12.69
C HIS B 145 3.06 -2.63 -12.64
N ASP B 146 3.86 -3.13 -13.57
CA ASP B 146 5.30 -2.85 -13.58
C ASP B 146 5.75 -1.75 -14.55
N LYS B 147 4.80 -0.92 -15.00
CA LYS B 147 5.07 0.26 -15.84
C LYS B 147 5.57 -0.04 -17.26
N GLN B 148 5.57 -1.32 -17.64
CA GLN B 148 5.99 -1.73 -18.99
C GLN B 148 4.76 -2.13 -19.79
N GLN B 149 4.92 -2.21 -21.11
CA GLN B 149 3.79 -2.34 -22.04
C GLN B 149 2.87 -3.53 -21.76
N TYR B 150 3.45 -4.69 -21.43
CA TYR B 150 2.67 -5.91 -21.23
C TYR B 150 1.76 -5.79 -20.01
N GLY B 151 2.36 -5.56 -18.85
CA GLY B 151 1.68 -5.59 -17.57
C GLY B 151 0.76 -4.40 -17.33
N GLU B 152 1.20 -3.21 -17.76
CA GLU B 152 0.38 -2.01 -17.60
C GLU B 152 -0.83 -2.09 -18.52
N GLY B 153 -0.63 -2.59 -19.74
CA GLY B 153 -1.73 -2.80 -20.67
C GLY B 153 -2.81 -3.71 -20.11
N LEU B 154 -2.38 -4.81 -19.47
CA LEU B 154 -3.32 -5.76 -18.87
C LEU B 154 -3.97 -5.22 -17.61
N ALA B 155 -3.24 -4.40 -16.85
CA ALA B 155 -3.78 -3.76 -15.65
C ALA B 155 -4.85 -2.73 -16.01
N ARG B 156 -4.59 -1.93 -17.03
CA ARG B 156 -5.58 -0.93 -17.50
C ARG B 156 -6.79 -1.61 -18.10
N SER B 157 -6.59 -2.78 -18.69
CA SER B 157 -7.68 -3.55 -19.28
C SER B 157 -8.59 -4.09 -18.18
N VAL B 158 -8.00 -4.67 -17.14
CA VAL B 158 -8.77 -5.24 -16.03
C VAL B 158 -9.47 -4.13 -15.23
N GLN B 159 -8.79 -2.98 -15.07
CA GLN B 159 -9.40 -1.83 -14.41
C GLN B 159 -10.63 -1.38 -15.16
N ASP B 160 -10.51 -1.27 -16.48
CA ASP B 160 -11.61 -0.84 -17.34
C ASP B 160 -12.78 -1.80 -17.24
N GLY B 161 -12.50 -3.10 -17.28
CA GLY B 161 -13.53 -4.12 -17.17
C GLY B 161 -14.25 -4.06 -15.84
N LEU B 162 -13.49 -3.80 -14.78
CA LEU B 162 -14.06 -3.72 -13.44
C LEU B 162 -14.85 -2.42 -13.27
N LYS B 163 -14.33 -1.33 -13.82
CA LYS B 163 -14.97 -0.02 -13.72
C LYS B 163 -16.29 0.02 -14.51
N ALA B 164 -16.41 -0.80 -15.55
CA ALA B 164 -17.65 -0.90 -16.33
C ALA B 164 -18.78 -1.49 -15.48
N ALA B 165 -18.43 -2.42 -14.58
CA ALA B 165 -19.37 -2.98 -13.62
C ALA B 165 -19.40 -2.23 -12.27
N ASN B 166 -18.72 -1.08 -12.24
CA ASN B 166 -18.73 -0.17 -11.08
C ASN B 166 -18.22 -0.82 -9.80
N ALA B 167 -17.25 -1.72 -9.94
CA ALA B 167 -16.60 -2.34 -8.80
C ALA B 167 -15.74 -1.30 -8.08
N ASN B 168 -15.51 -1.53 -6.79
CA ASN B 168 -14.77 -0.57 -5.97
C ASN B 168 -13.26 -0.76 -6.12
N VAL B 169 -12.70 -0.16 -7.17
CA VAL B 169 -11.25 -0.13 -7.35
C VAL B 169 -10.70 1.04 -6.54
N VAL B 170 -10.14 0.72 -5.38
CA VAL B 170 -9.71 1.72 -4.41
C VAL B 170 -8.48 2.50 -4.88
N PHE B 171 -7.53 1.82 -5.52
CA PHE B 171 -6.40 2.51 -6.13
C PHE B 171 -5.69 1.72 -7.22
N PHE B 172 -4.98 2.47 -8.07
CA PHE B 172 -4.25 1.96 -9.23
C PHE B 172 -2.85 2.58 -9.18
N ASP B 173 -1.80 1.75 -9.30
CA ASP B 173 -0.43 2.24 -9.14
C ASP B 173 0.62 1.29 -9.73
N GLY B 174 1.71 1.87 -10.22
CA GLY B 174 2.81 1.10 -10.76
C GLY B 174 3.97 0.96 -9.80
N ILE B 175 4.61 -0.21 -9.83
CA ILE B 175 5.89 -0.45 -9.18
C ILE B 175 7.00 -0.54 -10.22
N THR B 176 8.25 -0.44 -9.78
CA THR B 176 9.40 -0.56 -10.66
C THR B 176 9.80 -2.04 -10.78
N ALA B 177 9.99 -2.52 -12.01
CA ALA B 177 10.50 -3.87 -12.23
C ALA B 177 11.92 -3.95 -11.70
N GLY B 178 12.23 -4.99 -10.94
CA GLY B 178 13.49 -5.11 -10.24
C GLY B 178 13.39 -4.74 -8.76
N GLU B 179 12.22 -4.26 -8.34
CA GLU B 179 11.98 -3.87 -6.95
C GLU B 179 12.02 -5.10 -6.05
N LYS B 180 12.84 -5.04 -5.00
CA LYS B 180 12.99 -6.12 -4.05
C LYS B 180 12.10 -5.92 -2.83
N ASP B 181 11.94 -4.67 -2.41
CA ASP B 181 11.22 -4.31 -1.19
C ASP B 181 9.83 -3.74 -1.51
N PHE B 182 8.80 -4.54 -1.23
CA PHE B 182 7.41 -4.11 -1.43
C PHE B 182 6.73 -3.65 -0.13
N SER B 183 7.49 -3.36 0.91
CA SER B 183 6.93 -3.05 2.23
C SER B 183 5.95 -1.86 2.20
N ALA B 184 6.21 -0.86 1.35
CA ALA B 184 5.34 0.31 1.27
C ALA B 184 4.02 0.00 0.55
N LEU B 185 4.07 -0.84 -0.47
CA LEU B 185 2.85 -1.34 -1.11
C LEU B 185 2.01 -2.19 -0.14
N ILE B 186 2.67 -3.09 0.60
CA ILE B 186 2.01 -3.98 1.55
C ILE B 186 1.33 -3.20 2.69
N ALA B 187 1.95 -2.09 3.10
CA ALA B 187 1.42 -1.23 4.16
C ALA B 187 0.17 -0.53 3.70
N ARG B 188 0.14 -0.14 2.43
CA ARG B 188 -1.02 0.52 1.84
C ARG B 188 -2.19 -0.44 1.63
N LEU B 189 -1.91 -1.70 1.38
CA LEU B 189 -2.95 -2.72 1.23
C LEU B 189 -3.64 -2.95 2.59
N LYS B 190 -2.85 -2.95 3.65
CA LYS B 190 -3.35 -3.09 5.03
C LYS B 190 -4.23 -1.91 5.45
N LYS B 191 -3.79 -0.69 5.17
CA LYS B 191 -4.49 0.51 5.62
C LYS B 191 -5.81 0.71 4.86
N GLU B 192 -5.83 0.36 3.57
CA GLU B 192 -7.04 0.48 2.75
C GLU B 192 -7.86 -0.82 2.73
N ASN B 193 -7.54 -1.76 3.62
CA ASN B 193 -8.29 -3.01 3.76
C ASN B 193 -8.63 -3.69 2.42
N ILE B 194 -7.60 -3.89 1.61
CA ILE B 194 -7.73 -4.46 0.28
C ILE B 194 -7.77 -5.97 0.38
N ASP B 195 -8.88 -6.58 -0.05
CA ASP B 195 -8.98 -8.04 -0.05
C ASP B 195 -8.70 -8.68 -1.40
N PHE B 196 -8.45 -7.87 -2.44
CA PHE B 196 -8.09 -8.39 -3.76
C PHE B 196 -7.16 -7.47 -4.55
N VAL B 197 -6.04 -8.02 -5.02
CA VAL B 197 -5.12 -7.31 -5.91
C VAL B 197 -4.94 -8.04 -7.24
N TYR B 198 -5.10 -7.32 -8.35
CA TYR B 198 -4.63 -7.80 -9.64
C TYR B 198 -3.30 -7.15 -9.94
N TYR B 199 -2.33 -7.96 -10.37
CA TYR B 199 -1.01 -7.47 -10.73
C TYR B 199 -0.71 -7.81 -12.18
N GLY B 200 -0.58 -6.78 -13.02
CA GLY B 200 -0.13 -6.94 -14.39
C GLY B 200 1.39 -6.88 -14.50
N GLY B 201 1.99 -8.00 -14.88
CA GLY B 201 3.44 -8.10 -14.93
C GLY B 201 3.94 -9.54 -15.02
N TYR B 202 5.20 -9.73 -14.63
CA TYR B 202 5.88 -11.03 -14.71
C TYR B 202 6.21 -11.57 -13.32
N TYR B 203 6.67 -12.82 -13.30
CA TYR B 203 6.83 -13.58 -12.05
C TYR B 203 7.87 -13.11 -11.02
N PRO B 204 8.97 -12.44 -11.40
CA PRO B 204 9.93 -11.99 -10.38
C PRO B 204 9.30 -11.03 -9.37
N GLU B 205 8.43 -10.14 -9.85
CA GLU B 205 7.77 -9.16 -8.98
C GLU B 205 6.61 -9.78 -8.21
N MET B 206 5.81 -10.58 -8.90
CA MET B 206 4.68 -11.26 -8.25
C MET B 206 5.12 -12.14 -7.08
N GLY B 207 6.16 -12.94 -7.29
CA GLY B 207 6.62 -13.88 -6.28
C GLY B 207 7.09 -13.22 -5.00
N GLN B 208 7.81 -12.10 -5.13
CA GLN B 208 8.28 -11.31 -3.98
C GLN B 208 7.12 -10.65 -3.26
N MET B 209 6.17 -10.13 -4.05
CA MET B 209 5.00 -9.46 -3.51
C MET B 209 4.22 -10.42 -2.62
N LEU B 210 4.03 -11.65 -3.09
CA LEU B 210 3.25 -12.65 -2.36
C LEU B 210 3.91 -13.02 -1.05
N ARG B 211 5.21 -13.29 -1.10
CA ARG B 211 5.95 -13.75 0.08
C ARG B 211 5.89 -12.72 1.19
N GLN B 212 6.19 -11.48 0.85
CA GLN B 212 6.27 -10.40 1.83
C GLN B 212 4.88 -10.06 2.39
N ALA B 213 3.84 -10.30 1.59
CA ALA B 213 2.46 -10.04 2.02
C ALA B 213 2.01 -11.02 3.10
N ARG B 214 2.33 -12.30 2.93
CA ARG B 214 1.94 -13.31 3.92
C ARG B 214 2.80 -13.24 5.17
N SER B 215 4.01 -12.70 5.04
CA SER B 215 4.92 -12.60 6.19
C SER B 215 4.41 -11.60 7.24
N VAL B 216 3.60 -10.62 6.82
CA VAL B 216 2.97 -9.68 7.75
C VAL B 216 1.46 -9.90 7.93
N GLY B 217 0.96 -11.03 7.42
CA GLY B 217 -0.39 -11.50 7.71
C GLY B 217 -1.52 -10.95 6.85
N LEU B 218 -1.22 -10.49 5.64
CA LEU B 218 -2.26 -10.04 4.70
C LEU B 218 -3.11 -11.24 4.24
N LYS B 219 -4.43 -11.06 4.25
CA LYS B 219 -5.37 -12.09 3.83
C LYS B 219 -5.76 -11.92 2.34
N THR B 220 -5.27 -10.85 1.73
CA THR B 220 -5.59 -10.47 0.35
C THR B 220 -5.41 -11.59 -0.66
N GLN B 221 -6.34 -11.67 -1.61
CA GLN B 221 -6.28 -12.63 -2.72
C GLN B 221 -5.60 -11.95 -3.92
N PHE B 222 -4.55 -12.55 -4.45
CA PHE B 222 -3.83 -11.98 -5.59
C PHE B 222 -4.17 -12.70 -6.89
N MET B 223 -4.00 -11.98 -8.00
CA MET B 223 -4.25 -12.52 -9.34
C MET B 223 -3.32 -11.85 -10.34
N GLY B 224 -2.92 -12.60 -11.38
CA GLY B 224 -2.06 -12.07 -12.42
C GLY B 224 -2.31 -12.72 -13.78
N PRO B 225 -1.66 -12.20 -14.83
CA PRO B 225 -1.72 -12.78 -16.17
C PRO B 225 -0.76 -13.95 -16.35
N GLU B 226 -0.67 -14.51 -17.56
CA GLU B 226 0.13 -15.72 -17.81
C GLU B 226 1.62 -15.53 -17.56
N GLY B 227 2.08 -14.29 -17.68
CA GLY B 227 3.46 -13.92 -17.42
C GLY B 227 3.96 -14.21 -16.01
N VAL B 228 3.06 -14.37 -15.04
CA VAL B 228 3.41 -14.81 -13.68
C VAL B 228 3.31 -16.33 -13.48
N GLY B 229 2.54 -17.03 -14.31
CA GLY B 229 2.34 -18.47 -14.21
C GLY B 229 3.49 -19.33 -14.73
N ASN B 230 4.57 -19.34 -13.96
CA ASN B 230 5.86 -19.90 -14.36
C ASN B 230 6.38 -20.78 -13.22
N ALA B 231 7.26 -21.73 -13.52
CA ALA B 231 7.82 -22.60 -12.49
C ALA B 231 8.56 -21.81 -11.40
N SER B 232 9.14 -20.66 -11.78
CA SER B 232 9.86 -19.79 -10.86
C SER B 232 8.97 -19.18 -9.77
N LEU B 233 7.70 -18.94 -10.09
CA LEU B 233 6.79 -18.24 -9.16
C LEU B 233 6.72 -18.90 -7.79
N SER B 234 6.47 -20.19 -7.74
CA SER B 234 6.32 -20.90 -6.47
C SER B 234 7.65 -21.10 -5.75
N ASN B 235 8.76 -21.05 -6.48
CA ASN B 235 10.09 -21.03 -5.86
C ASN B 235 10.40 -19.71 -5.15
N ILE B 236 9.96 -18.60 -5.75
CA ILE B 236 10.18 -17.26 -5.22
C ILE B 236 9.18 -16.95 -4.09
N ALA B 237 7.91 -17.31 -4.28
CA ALA B 237 6.86 -17.00 -3.30
C ALA B 237 6.82 -17.98 -2.13
N GLY B 238 7.20 -19.23 -2.36
CA GLY B 238 7.06 -20.28 -1.38
C GLY B 238 5.59 -20.61 -1.13
N ASP B 239 5.22 -20.79 0.13
CA ASP B 239 3.85 -21.12 0.53
C ASP B 239 2.82 -20.06 0.13
N ALA B 240 3.27 -18.81 0.00
CA ALA B 240 2.41 -17.69 -0.39
C ALA B 240 1.81 -17.83 -1.80
N ALA B 241 2.42 -18.69 -2.62
CA ALA B 241 1.88 -18.99 -3.94
C ALA B 241 0.52 -19.67 -3.89
N GLU B 242 0.20 -20.30 -2.75
CA GLU B 242 -1.06 -21.03 -2.57
C GLU B 242 -2.28 -20.12 -2.68
N GLY B 243 -3.17 -20.44 -3.61
CA GLY B 243 -4.37 -19.66 -3.84
C GLY B 243 -4.24 -18.57 -4.90
N MET B 244 -3.03 -18.35 -5.41
CA MET B 244 -2.79 -17.35 -6.45
C MET B 244 -3.59 -17.71 -7.71
N LEU B 245 -4.41 -16.77 -8.17
CA LEU B 245 -5.17 -16.94 -9.40
C LEU B 245 -4.35 -16.48 -10.61
N VAL B 246 -4.51 -17.14 -11.75
CA VAL B 246 -3.75 -16.78 -12.95
C VAL B 246 -4.51 -17.12 -14.24
N THR B 247 -4.42 -16.24 -15.24
CA THR B 247 -4.97 -16.55 -16.55
C THR B 247 -3.87 -17.17 -17.41
N MET B 248 -4.17 -18.33 -18.02
CA MET B 248 -3.18 -19.04 -18.83
C MET B 248 -3.81 -19.76 -20.02
N PRO B 249 -3.03 -20.03 -21.06
CA PRO B 249 -3.51 -20.85 -22.19
C PRO B 249 -3.88 -22.28 -21.79
N LYS B 250 -4.48 -22.99 -22.73
CA LYS B 250 -4.76 -24.41 -22.58
C LYS B 250 -3.45 -25.18 -22.32
N ARG B 251 -3.54 -26.28 -21.58
CA ARG B 251 -2.38 -27.14 -21.32
C ARG B 251 -2.19 -28.05 -22.52
N TYR B 252 -1.42 -27.57 -23.50
CA TYR B 252 -1.21 -28.29 -24.75
C TYR B 252 -0.46 -29.62 -24.55
N ASP B 253 0.35 -29.68 -23.50
CA ASP B 253 1.15 -30.87 -23.19
C ASP B 253 0.33 -32.08 -22.73
N GLN B 254 -0.96 -31.87 -22.42
CA GLN B 254 -1.88 -32.95 -22.05
C GLN B 254 -2.66 -33.48 -23.26
N ASP B 255 -2.53 -32.84 -24.42
CA ASP B 255 -3.13 -33.33 -25.65
C ASP B 255 -2.38 -34.61 -26.06
N PRO B 256 -3.08 -35.74 -26.18
CA PRO B 256 -2.42 -36.98 -26.61
C PRO B 256 -1.73 -36.92 -27.98
N ALA B 257 -2.14 -36.02 -28.86
CA ALA B 257 -1.45 -35.79 -30.15
C ALA B 257 -0.02 -35.27 -29.95
N ASN B 258 0.19 -34.53 -28.86
CA ASN B 258 1.50 -33.96 -28.53
C ASN B 258 2.40 -34.87 -27.70
N GLN B 259 2.02 -36.13 -27.51
CA GLN B 259 2.74 -37.04 -26.63
C GLN B 259 4.16 -37.39 -27.13
N GLY B 260 4.35 -37.42 -28.45
CA GLY B 260 5.66 -37.67 -29.03
C GLY B 260 6.65 -36.54 -28.77
N ILE B 261 6.17 -35.30 -28.80
CA ILE B 261 7.00 -34.14 -28.50
C ILE B 261 7.30 -34.05 -26.99
N VAL B 262 6.33 -34.41 -26.16
CA VAL B 262 6.53 -34.46 -24.73
C VAL B 262 7.63 -35.46 -24.38
N ASP B 263 7.63 -36.60 -25.07
CA ASP B 263 8.60 -37.68 -24.83
C ASP B 263 9.99 -37.31 -25.32
N ALA B 264 10.06 -36.51 -26.38
CA ALA B 264 11.32 -36.03 -26.92
C ALA B 264 11.93 -34.96 -26.02
N LEU B 265 11.08 -34.11 -25.45
CA LEU B 265 11.53 -33.10 -24.50
C LEU B 265 11.99 -33.75 -23.20
N LYS B 266 11.23 -34.74 -22.73
CA LYS B 266 11.56 -35.45 -21.48
C LYS B 266 12.85 -36.27 -21.62
N ALA B 267 13.18 -36.68 -22.84
CA ALA B 267 14.42 -37.40 -23.12
C ALA B 267 15.64 -36.49 -23.01
N ASP B 268 15.49 -35.24 -23.44
CA ASP B 268 16.53 -34.21 -23.28
C ASP B 268 16.48 -33.56 -21.88
N LYS B 269 15.72 -34.14 -20.97
CA LYS B 269 15.55 -33.64 -19.60
C LYS B 269 15.15 -32.16 -19.57
N LYS B 270 14.06 -31.86 -20.28
CA LYS B 270 13.51 -30.51 -20.35
C LYS B 270 12.03 -30.53 -19.99
N ASP B 271 11.55 -29.45 -19.40
CA ASP B 271 10.16 -29.36 -18.92
C ASP B 271 9.22 -29.09 -20.09
N PRO B 272 8.30 -30.00 -20.38
CA PRO B 272 7.36 -29.84 -21.49
C PRO B 272 6.07 -29.09 -21.14
N SER B 273 5.89 -28.69 -19.88
CA SER B 273 4.60 -28.21 -19.38
C SER B 273 4.29 -26.73 -19.70
N GLY B 274 5.31 -25.93 -19.95
CA GLY B 274 5.13 -24.50 -20.16
C GLY B 274 4.49 -24.18 -21.50
N PRO B 275 3.53 -23.25 -21.53
CA PRO B 275 2.74 -22.98 -22.75
C PRO B 275 3.52 -22.48 -23.97
N TYR B 276 4.56 -21.67 -23.77
CA TYR B 276 5.33 -21.10 -24.89
C TYR B 276 6.35 -22.05 -25.53
N VAL B 277 6.50 -23.25 -24.98
CA VAL B 277 7.16 -24.34 -25.69
C VAL B 277 6.32 -24.66 -26.92
N TRP B 278 5.02 -24.80 -26.72
CA TRP B 278 4.09 -25.20 -27.78
C TRP B 278 3.71 -24.07 -28.72
N ILE B 279 3.55 -22.86 -28.19
CA ILE B 279 3.19 -21.71 -29.01
C ILE B 279 4.32 -21.33 -29.97
N THR B 280 5.57 -21.47 -29.52
CA THR B 280 6.73 -21.27 -30.40
C THR B 280 6.91 -22.40 -31.44
N TYR B 281 6.69 -23.64 -31.01
CA TYR B 281 6.68 -24.81 -31.91
C TYR B 281 5.67 -24.60 -33.03
N ALA B 282 4.50 -24.10 -32.68
CA ALA B 282 3.43 -23.87 -33.65
C ALA B 282 3.79 -22.77 -34.63
N ALA B 283 4.56 -21.79 -34.16
CA ALA B 283 5.05 -20.69 -35.00
C ALA B 283 6.01 -21.18 -36.08
N VAL B 284 6.90 -22.10 -35.70
CA VAL B 284 7.84 -22.70 -36.66
C VAL B 284 7.10 -23.57 -37.65
N GLN B 285 6.12 -24.34 -37.17
CA GLN B 285 5.24 -25.14 -38.02
C GLN B 285 4.47 -24.30 -39.03
N SER B 286 4.10 -23.08 -38.64
CA SER B 286 3.34 -22.18 -39.51
C SER B 286 4.20 -21.66 -40.64
N LEU B 287 5.40 -21.22 -40.32
CA LEU B 287 6.37 -20.78 -41.33
C LEU B 287 6.72 -21.91 -42.31
N ALA B 288 6.82 -23.14 -41.78
CA ALA B 288 7.18 -24.31 -42.59
C ALA B 288 6.03 -24.73 -43.50
N THR B 289 4.80 -24.48 -43.05
CA THR B 289 3.60 -24.80 -43.81
C THR B 289 3.48 -23.89 -45.02
N ALA B 290 3.82 -22.62 -44.85
CA ALA B 290 3.74 -21.62 -45.90
C ALA B 290 4.84 -21.82 -46.95
N LEU B 291 6.05 -22.13 -46.49
CA LEU B 291 7.16 -22.37 -47.39
C LEU B 291 6.90 -23.58 -48.29
N GLU B 292 6.24 -24.59 -47.74
CA GLU B 292 6.00 -25.86 -48.44
C GLU B 292 4.85 -25.76 -49.43
N ARG B 293 3.84 -24.96 -49.11
CA ARG B 293 2.60 -24.89 -49.89
C ARG B 293 2.73 -23.98 -51.09
N THR B 294 3.32 -22.82 -50.87
CA THR B 294 3.53 -21.82 -51.92
C THR B 294 4.77 -22.12 -52.74
N GLY B 295 5.81 -22.62 -52.08
CA GLY B 295 7.10 -22.86 -52.72
C GLY B 295 7.85 -21.56 -52.97
N SER B 296 7.45 -20.51 -52.27
CA SER B 296 7.98 -19.19 -52.45
C SER B 296 8.97 -18.88 -51.35
N ASP B 297 9.88 -17.95 -51.63
CA ASP B 297 10.81 -17.42 -50.63
C ASP B 297 10.51 -15.96 -50.30
N GLU B 298 9.41 -15.43 -50.85
CA GLU B 298 8.97 -14.06 -50.61
C GLU B 298 8.24 -13.96 -49.28
N PRO B 299 8.76 -13.19 -48.33
CA PRO B 299 8.10 -12.94 -47.03
C PRO B 299 6.63 -12.52 -47.10
N LEU B 300 6.30 -11.58 -47.99
CA LEU B 300 4.92 -11.10 -48.12
C LEU B 300 3.98 -12.19 -48.66
N ALA B 301 4.46 -12.98 -49.62
CA ALA B 301 3.67 -14.09 -50.18
C ALA B 301 3.33 -15.16 -49.15
N LEU B 302 4.20 -15.32 -48.15
CA LEU B 302 4.04 -16.34 -47.12
C LEU B 302 3.02 -15.93 -46.06
N VAL B 303 3.07 -14.66 -45.67
CA VAL B 303 2.11 -14.12 -44.70
C VAL B 303 0.70 -14.15 -45.30
N LYS B 304 0.60 -13.81 -46.57
CA LYS B 304 -0.66 -13.84 -47.30
C LYS B 304 -1.22 -15.26 -47.42
N ASP B 305 -0.34 -16.25 -47.54
CA ASP B 305 -0.76 -17.64 -47.65
C ASP B 305 -1.29 -18.20 -46.32
N LEU B 306 -0.69 -17.79 -45.21
CA LEU B 306 -1.14 -18.24 -43.89
C LEU B 306 -2.49 -17.61 -43.52
N LYS B 307 -2.69 -16.35 -43.89
CA LYS B 307 -3.96 -15.67 -43.63
C LYS B 307 -5.12 -16.26 -44.45
N ALA B 308 -4.82 -16.79 -45.62
CA ALA B 308 -5.86 -17.36 -46.48
C ALA B 308 -6.20 -18.80 -46.11
N ASN B 309 -5.18 -19.60 -45.79
CA ASN B 309 -5.32 -21.06 -45.69
C ASN B 309 -5.02 -21.70 -44.33
N GLY B 310 -4.40 -20.95 -43.41
CA GLY B 310 -4.16 -21.42 -42.07
C GLY B 310 -3.05 -22.46 -41.96
N ALA B 311 -3.03 -23.19 -40.86
CA ALA B 311 -2.01 -24.21 -40.62
C ALA B 311 -2.40 -25.10 -39.45
N ASN B 312 -2.19 -26.41 -39.59
CA ASN B 312 -2.38 -27.34 -38.48
C ASN B 312 -1.11 -27.36 -37.63
N THR B 313 -1.28 -27.19 -36.33
CA THR B 313 -0.14 -27.11 -35.40
C THR B 313 -0.40 -27.84 -34.08
N VAL B 314 0.57 -27.80 -33.18
CA VAL B 314 0.48 -28.47 -31.90
C VAL B 314 -0.46 -27.79 -30.90
N ILE B 315 -0.85 -26.54 -31.18
CA ILE B 315 -1.83 -25.83 -30.36
C ILE B 315 -3.21 -25.74 -31.02
N GLY B 316 -3.39 -26.44 -32.14
CA GLY B 316 -4.68 -26.56 -32.81
C GLY B 316 -4.69 -26.02 -34.22
N PRO B 317 -5.83 -26.12 -34.89
CA PRO B 317 -5.99 -25.50 -36.22
C PRO B 317 -5.95 -23.98 -36.09
N LEU B 318 -4.98 -23.35 -36.75
CA LEU B 318 -4.75 -21.92 -36.65
C LEU B 318 -5.38 -21.18 -37.83
N ASN B 319 -6.20 -20.19 -37.50
CA ASN B 319 -6.83 -19.31 -38.49
C ASN B 319 -6.45 -17.87 -38.14
N TRP B 320 -5.80 -17.16 -39.06
CA TRP B 320 -5.43 -15.75 -38.83
C TRP B 320 -6.34 -14.77 -39.56
N ASP B 321 -6.70 -13.67 -38.91
CA ASP B 321 -7.40 -12.56 -39.58
C ASP B 321 -6.39 -11.68 -40.33
N GLU B 322 -6.87 -10.65 -41.01
CA GLU B 322 -6.03 -9.81 -41.88
C GLU B 322 -4.99 -8.97 -41.12
N LYS B 323 -5.25 -8.72 -39.84
CA LYS B 323 -4.29 -8.01 -38.98
C LYS B 323 -3.08 -8.86 -38.62
N GLY B 324 -3.25 -10.19 -38.63
CA GLY B 324 -2.20 -11.14 -38.28
C GLY B 324 -2.36 -11.76 -36.90
N ASP B 325 -3.53 -11.61 -36.29
CA ASP B 325 -3.84 -12.26 -35.00
C ASP B 325 -4.58 -13.57 -35.22
N LEU B 326 -4.58 -14.42 -34.20
CA LEU B 326 -5.32 -15.68 -34.22
C LEU B 326 -6.79 -15.45 -33.85
N LYS B 327 -7.65 -16.32 -34.38
CA LYS B 327 -9.04 -16.38 -33.99
C LYS B 327 -9.22 -17.57 -33.04
N GLY B 328 -9.86 -17.33 -31.90
CA GLY B 328 -10.21 -18.40 -30.97
C GLY B 328 -9.10 -18.82 -30.01
N PHE B 329 -8.25 -17.87 -29.60
CA PHE B 329 -7.26 -18.14 -28.56
C PHE B 329 -7.83 -17.72 -27.21
N ASP B 330 -8.13 -18.71 -26.38
CA ASP B 330 -8.79 -18.50 -25.09
C ASP B 330 -7.81 -18.68 -23.93
N PHE B 331 -8.04 -17.92 -22.86
CA PHE B 331 -7.34 -18.09 -21.60
C PHE B 331 -8.34 -18.60 -20.58
N GLY B 332 -7.92 -19.54 -19.75
CA GLY B 332 -8.71 -20.03 -18.64
C GLY B 332 -8.09 -19.58 -17.33
N VAL B 333 -8.88 -19.61 -16.25
CA VAL B 333 -8.38 -19.25 -14.92
C VAL B 333 -7.87 -20.51 -14.18
N PHE B 334 -6.77 -20.34 -13.44
CA PHE B 334 -6.13 -21.42 -12.70
C PHE B 334 -5.77 -20.99 -11.28
N GLN B 335 -5.91 -21.90 -10.32
CA GLN B 335 -5.49 -21.68 -8.95
C GLN B 335 -4.12 -22.32 -8.74
N TRP B 336 -3.13 -21.49 -8.44
CA TRP B 336 -1.77 -21.94 -8.23
C TRP B 336 -1.59 -22.57 -6.86
N HIS B 337 -0.59 -23.44 -6.75
CA HIS B 337 -0.27 -24.10 -5.50
C HIS B 337 1.21 -23.90 -5.14
N ALA B 338 1.55 -24.21 -3.90
CA ALA B 338 2.90 -23.95 -3.39
C ALA B 338 3.97 -24.86 -4.01
N ASP B 339 3.57 -26.00 -4.60
CA ASP B 339 4.52 -26.91 -5.24
C ASP B 339 4.66 -26.70 -6.77
N GLY B 340 4.04 -25.66 -7.30
CA GLY B 340 4.19 -25.31 -8.71
C GLY B 340 3.12 -25.85 -9.63
N SER B 341 2.32 -26.79 -9.11
CA SER B 341 1.17 -27.33 -9.83
C SER B 341 0.04 -26.31 -9.85
N SER B 342 -0.98 -26.57 -10.64
CA SER B 342 -2.17 -25.73 -10.72
C SER B 342 -3.45 -26.52 -11.02
N THR B 343 -4.59 -25.91 -10.68
CA THR B 343 -5.89 -26.52 -10.81
C THR B 343 -6.81 -25.66 -11.68
N LYS B 344 -7.68 -26.30 -12.45
CA LYS B 344 -8.75 -25.60 -13.17
C LYS B 344 -9.64 -24.91 -12.14
N ALA B 345 -9.80 -23.59 -12.26
CA ALA B 345 -10.74 -22.87 -11.41
C ALA B 345 -12.16 -23.12 -11.89
N LYS B 346 -12.43 -23.21 -13.08
N ASP C 1 0.76 -28.44 30.17
CA ASP C 1 1.06 -27.10 29.59
C ASP C 1 1.83 -27.25 28.27
N ASP C 2 1.64 -26.29 27.37
CA ASP C 2 2.31 -26.32 26.07
C ASP C 2 3.83 -26.16 26.19
N ILE C 3 4.57 -26.90 25.36
CA ILE C 3 6.02 -26.79 25.27
C ILE C 3 6.40 -25.98 24.03
N LYS C 4 6.93 -24.77 24.23
CA LYS C 4 7.32 -23.90 23.12
C LYS C 4 8.68 -24.31 22.54
N VAL C 5 8.78 -24.28 21.22
CA VAL C 5 10.01 -24.60 20.50
C VAL C 5 10.18 -23.63 19.33
N ALA C 6 11.18 -22.76 19.39
CA ALA C 6 11.48 -21.86 18.29
C ALA C 6 12.05 -22.63 17.09
N VAL C 7 11.56 -22.33 15.90
CA VAL C 7 12.14 -22.81 14.66
C VAL C 7 12.64 -21.61 13.86
N VAL C 8 13.92 -21.59 13.50
CA VAL C 8 14.55 -20.40 12.93
C VAL C 8 15.24 -20.67 11.61
N GLY C 9 14.96 -19.82 10.62
CA GLY C 9 15.63 -19.88 9.33
C GLY C 9 15.22 -18.76 8.40
N ALA C 10 15.58 -18.89 7.12
CA ALA C 10 15.26 -17.86 6.13
C ALA C 10 13.82 -17.94 5.67
N MET C 11 13.04 -16.91 6.00
CA MET C 11 11.71 -16.68 5.44
C MET C 11 11.75 -15.49 4.48
N SER C 12 12.91 -14.84 4.38
CA SER C 12 13.16 -13.79 3.40
C SER C 12 14.63 -13.82 2.96
N GLY C 13 14.97 -13.00 1.99
CA GLY C 13 16.33 -12.91 1.48
C GLY C 13 16.58 -13.84 0.31
N PRO C 14 17.82 -13.88 -0.16
CA PRO C 14 18.16 -14.59 -1.41
C PRO C 14 18.10 -16.13 -1.40
N ILE C 15 18.12 -16.78 -0.23
CA ILE C 15 18.02 -18.25 -0.16
C ILE C 15 16.85 -18.72 0.71
N ALA C 16 15.72 -18.03 0.56
CA ALA C 16 14.49 -18.38 1.29
C ALA C 16 13.93 -19.76 0.96
N GLN C 17 14.26 -20.30 -0.22
CA GLN C 17 13.74 -21.62 -0.60
C GLN C 17 14.30 -22.76 0.25
N TRP C 18 15.51 -22.59 0.79
CA TRP C 18 16.05 -23.54 1.75
C TRP C 18 15.26 -23.50 3.05
N GLY C 19 14.89 -22.31 3.47
CA GLY C 19 14.05 -22.13 4.64
C GLY C 19 12.65 -22.69 4.45
N ASP C 20 12.13 -22.63 3.22
CA ASP C 20 10.79 -23.12 2.90
C ASP C 20 10.67 -24.57 3.28
N MET C 21 11.68 -25.37 2.95
CA MET C 21 11.65 -26.79 3.27
C MET C 21 11.92 -27.05 4.75
N GLU C 22 12.67 -26.17 5.40
CA GLU C 22 12.90 -26.25 6.84
C GLU C 22 11.60 -26.12 7.61
N PHE C 23 10.79 -25.13 7.26
CA PHE C 23 9.57 -24.86 8.00
C PHE C 23 8.47 -25.88 7.69
N ASN C 24 8.37 -26.32 6.44
CA ASN C 24 7.45 -27.39 6.08
C ASN C 24 7.75 -28.70 6.82
N GLY C 25 9.04 -28.97 7.05
CA GLY C 25 9.46 -30.16 7.74
C GLY C 25 9.18 -30.14 9.23
N ALA C 26 9.48 -29.01 9.87
CA ALA C 26 9.22 -28.84 11.31
C ALA C 26 7.73 -28.80 11.63
N ARG C 27 6.93 -28.21 10.74
CA ARG C 27 5.49 -28.12 10.94
C ARG C 27 4.86 -29.49 10.94
N GLN C 28 5.24 -30.30 9.95
CA GLN C 28 4.72 -31.66 9.82
C GLN C 28 5.15 -32.55 10.97
N ALA C 29 6.37 -32.34 11.48
CA ALA C 29 6.89 -33.11 12.57
C ALA C 29 6.14 -32.81 13.86
N ILE C 30 5.94 -31.51 14.13
CA ILE C 30 5.19 -31.09 15.30
C ILE C 30 3.75 -31.63 15.26
N LYS C 31 3.15 -31.62 14.08
CA LYS C 31 1.78 -32.10 13.89
C LYS C 31 1.66 -33.61 14.13
N ASP C 32 2.66 -34.37 13.67
CA ASP C 32 2.65 -35.83 13.78
C ASP C 32 2.87 -36.30 15.22
N ILE C 33 3.73 -35.59 15.95
CA ILE C 33 4.02 -35.89 17.35
C ILE C 33 2.83 -35.56 18.25
N ASN C 34 2.17 -34.43 17.99
CA ASN C 34 0.95 -34.06 18.71
C ASN C 34 -0.19 -35.06 18.49
N ALA C 35 -0.26 -35.63 17.29
CA ALA C 35 -1.34 -36.57 16.93
C ALA C 35 -1.21 -37.92 17.64
N LYS C 36 0.01 -38.28 18.04
CA LYS C 36 0.27 -39.55 18.73
C LYS C 36 0.42 -39.36 20.25
N GLY C 37 -0.17 -38.30 20.79
CA GLY C 37 -0.23 -38.07 22.24
C GLY C 37 0.66 -36.98 22.79
N GLY C 38 1.44 -36.33 21.93
CA GLY C 38 2.35 -35.27 22.34
C GLY C 38 3.54 -35.79 23.13
N ILE C 39 4.03 -34.97 24.05
CA ILE C 39 5.10 -35.35 24.98
C ILE C 39 4.48 -35.68 26.34
N LYS C 40 4.10 -36.94 26.52
CA LYS C 40 3.40 -37.40 27.72
C LYS C 40 2.16 -36.55 28.04
N GLY C 41 1.42 -36.18 27.00
CA GLY C 41 0.18 -35.42 27.14
C GLY C 41 0.27 -33.98 26.69
N ASP C 42 1.46 -33.39 26.78
CA ASP C 42 1.65 -31.98 26.49
C ASP C 42 1.83 -31.72 24.99
N LYS C 43 1.44 -30.53 24.56
CA LYS C 43 1.42 -30.16 23.14
C LYS C 43 2.67 -29.37 22.73
N LEU C 44 3.35 -29.82 21.68
CA LEU C 44 4.42 -29.05 21.05
C LEU C 44 3.85 -27.90 20.25
N VAL C 45 4.29 -26.68 20.56
CA VAL C 45 3.93 -25.49 19.79
C VAL C 45 5.20 -24.91 19.17
N GLY C 46 5.21 -24.76 17.85
CA GLY C 46 6.32 -24.16 17.13
C GLY C 46 6.13 -22.66 16.97
N VAL C 47 7.16 -21.89 17.35
CA VAL C 47 7.18 -20.44 17.18
C VAL C 47 8.22 -20.10 16.11
N GLU C 48 7.79 -19.50 15.01
CA GLU C 48 8.65 -19.32 13.84
C GLU C 48 9.29 -17.92 13.77
N TYR C 49 10.61 -17.92 13.54
CA TYR C 49 11.42 -16.71 13.48
C TYR C 49 12.18 -16.65 12.16
N ASP C 50 12.21 -15.48 11.56
CA ASP C 50 12.91 -15.22 10.30
C ASP C 50 14.23 -14.51 10.59
N ASP C 51 15.35 -15.18 10.32
CA ASP C 51 16.66 -14.53 10.42
C ASP C 51 17.26 -14.17 9.06
N ALA C 52 16.57 -14.56 7.97
CA ALA C 52 16.95 -14.20 6.61
C ALA C 52 18.35 -14.67 6.24
N CYS C 53 18.84 -15.68 6.96
CA CYS C 53 20.21 -16.19 6.81
C CYS C 53 21.24 -15.06 6.75
N ASP C 54 21.13 -14.13 7.69
CA ASP C 54 22.00 -12.96 7.78
C ASP C 54 22.55 -12.87 9.21
N PRO C 55 23.87 -12.80 9.38
CA PRO C 55 24.49 -12.81 10.72
C PRO C 55 23.93 -11.78 11.74
N LYS C 56 23.65 -10.57 11.31
CA LYS C 56 23.18 -9.52 12.22
C LYS C 56 21.72 -9.74 12.66
N GLN C 57 20.89 -10.20 11.72
CA GLN C 57 19.50 -10.51 12.01
C GLN C 57 19.37 -11.78 12.86
N ALA C 58 20.35 -12.68 12.73
CA ALA C 58 20.37 -13.94 13.46
C ALA C 58 20.59 -13.70 14.95
N VAL C 59 21.47 -12.75 15.26
CA VAL C 59 21.72 -12.32 16.63
C VAL C 59 20.47 -11.67 17.21
N ALA C 60 19.82 -10.82 16.41
CA ALA C 60 18.58 -10.15 16.82
C ALA C 60 17.49 -11.16 17.22
N VAL C 61 17.37 -12.21 16.42
CA VAL C 61 16.38 -13.27 16.67
C VAL C 61 16.73 -14.04 17.95
N ALA C 62 18.02 -14.35 18.12
CA ALA C 62 18.48 -15.09 19.29
C ALA C 62 18.19 -14.36 20.61
N ASN C 63 18.45 -13.06 20.66
CA ASN C 63 18.12 -12.26 21.84
C ASN C 63 16.62 -12.21 22.10
N LYS C 64 15.83 -12.19 21.02
CA LYS C 64 14.37 -12.21 21.15
C LYS C 64 13.88 -13.52 21.77
N ILE C 65 14.39 -14.65 21.29
CA ILE C 65 14.06 -15.98 21.84
C ILE C 65 14.39 -16.09 23.34
N VAL C 66 15.53 -15.53 23.74
CA VAL C 66 15.93 -15.50 25.16
C VAL C 66 14.89 -14.75 25.97
N ASN C 67 14.51 -13.57 25.49
CA ASN C 67 13.51 -12.73 26.15
C ASN C 67 12.10 -13.35 26.15
N ASP C 68 11.77 -14.08 25.08
CA ASP C 68 10.45 -14.71 24.96
C ASP C 68 10.26 -15.90 25.92
N GLY C 69 11.34 -16.37 26.53
CA GLY C 69 11.29 -17.43 27.52
C GLY C 69 11.39 -18.82 26.93
N ILE C 70 11.67 -18.91 25.64
CA ILE C 70 11.78 -20.20 24.96
C ILE C 70 13.18 -20.79 25.23
N LYS C 71 13.22 -22.08 25.55
CA LYS C 71 14.47 -22.76 25.91
C LYS C 71 14.88 -23.85 24.93
N TYR C 72 14.10 -24.04 23.86
CA TYR C 72 14.43 -25.01 22.82
C TYR C 72 14.42 -24.33 21.45
N VAL C 73 15.47 -24.57 20.67
CA VAL C 73 15.61 -23.94 19.35
C VAL C 73 15.97 -24.98 18.31
N ILE C 74 15.09 -25.14 17.32
CA ILE C 74 15.43 -25.87 16.12
C ILE C 74 15.92 -24.83 15.10
N GLY C 75 17.21 -24.57 15.09
CA GLY C 75 17.81 -23.62 14.16
C GLY C 75 19.31 -23.45 14.39
N HIS C 76 19.97 -22.52 13.69
CA HIS C 76 19.41 -21.77 12.58
C HIS C 76 19.62 -22.59 11.30
N LEU C 77 19.47 -21.96 10.13
CA LEU C 77 19.58 -22.65 8.86
C LEU C 77 21.00 -22.62 8.27
N CYS C 78 21.53 -21.42 8.08
CA CYS C 78 22.83 -21.23 7.45
C CYS C 78 23.95 -21.19 8.49
N SER C 79 25.18 -21.41 8.04
CA SER C 79 26.31 -21.52 8.96
C SER C 79 26.71 -20.18 9.56
N SER C 80 26.72 -19.13 8.75
CA SER C 80 27.13 -17.81 9.22
C SER C 80 26.07 -17.14 10.12
N SER C 81 24.83 -17.62 10.07
CA SER C 81 23.79 -17.15 10.99
C SER C 81 23.70 -18.00 12.27
N THR C 82 23.94 -19.31 12.13
CA THR C 82 23.82 -20.26 13.24
C THR C 82 24.92 -20.05 14.28
N GLN C 83 26.14 -19.75 13.84
CA GLN C 83 27.28 -19.66 14.75
C GLN C 83 27.19 -18.49 15.77
N PRO C 84 26.97 -17.25 15.32
CA PRO C 84 26.84 -16.13 16.27
C PRO C 84 25.63 -16.26 17.20
N ALA C 85 24.51 -16.79 16.71
CA ALA C 85 23.35 -17.04 17.57
C ALA C 85 23.65 -18.10 18.63
N SER C 86 24.47 -19.09 18.28
CA SER C 86 24.82 -20.17 19.20
C SER C 86 25.65 -19.70 20.40
N ASP C 87 26.38 -18.59 20.24
CA ASP C 87 27.09 -17.94 21.35
C ASP C 87 26.10 -17.44 22.42
N ILE C 88 25.01 -16.83 21.96
CA ILE C 88 23.95 -16.33 22.84
C ILE C 88 23.21 -17.46 23.56
N TYR C 89 22.90 -18.53 22.85
CA TYR C 89 22.17 -19.66 23.44
C TYR C 89 23.03 -20.38 24.47
N GLU C 90 24.30 -20.60 24.15
CA GLU C 90 25.24 -21.27 25.06
C GLU C 90 25.35 -20.52 26.40
N ASP C 91 25.51 -19.21 26.31
CA ASP C 91 25.59 -18.33 27.47
C ASP C 91 24.31 -18.38 28.33
N GLU C 92 23.15 -18.47 27.66
CA GLU C 92 21.85 -18.43 28.34
C GLU C 92 21.28 -19.82 28.64
N GLY C 93 22.05 -20.86 28.40
CA GLY C 93 21.62 -22.22 28.69
C GLY C 93 20.44 -22.71 27.87
N ILE C 94 20.38 -22.30 26.60
CA ILE C 94 19.29 -22.66 25.70
C ILE C 94 19.79 -23.74 24.74
N LEU C 95 18.99 -24.80 24.60
CA LEU C 95 19.30 -25.90 23.69
C LEU C 95 19.13 -25.44 22.25
N MET C 96 20.09 -25.79 21.39
CA MET C 96 20.01 -25.49 19.97
C MET C 96 20.43 -26.69 19.12
N ILE C 97 19.51 -27.15 18.28
CA ILE C 97 19.78 -28.16 17.28
C ILE C 97 19.56 -27.52 15.90
N SER C 98 20.62 -27.45 15.10
CA SER C 98 20.53 -26.85 13.77
C SER C 98 20.32 -27.92 12.70
N PRO C 99 19.24 -27.80 11.92
CA PRO C 99 18.97 -28.77 10.85
C PRO C 99 19.69 -28.46 9.54
N GLY C 100 20.38 -27.31 9.43
CA GLY C 100 20.97 -26.88 8.17
C GLY C 100 22.46 -26.56 8.15
N ALA C 101 23.02 -26.14 9.28
CA ALA C 101 24.41 -25.66 9.33
C ALA C 101 25.41 -26.80 9.20
N THR C 102 26.25 -26.76 8.16
CA THR C 102 27.22 -27.83 7.87
C THR C 102 28.68 -27.44 8.18
N ASN C 103 28.95 -26.17 8.39
CA ASN C 103 30.32 -25.72 8.67
C ASN C 103 30.81 -26.27 10.02
N PRO C 104 32.02 -26.84 10.04
CA PRO C 104 32.51 -27.56 11.23
C PRO C 104 32.74 -26.73 12.49
N GLU C 105 33.10 -25.45 12.34
CA GLU C 105 33.49 -24.61 13.49
C GLU C 105 32.41 -24.48 14.58
N LEU C 106 31.14 -24.66 14.21
CA LEU C 106 30.01 -24.60 15.13
C LEU C 106 30.17 -25.48 16.37
N THR C 107 30.68 -26.69 16.19
CA THR C 107 30.81 -27.64 17.29
C THR C 107 32.25 -27.88 17.76
N GLN C 108 33.17 -26.99 17.38
CA GLN C 108 34.59 -27.12 17.76
C GLN C 108 35.05 -26.09 18.79
N ARG C 109 34.13 -25.55 19.57
CA ARG C 109 34.45 -24.52 20.57
C ARG C 109 34.05 -24.90 22.00
N GLY C 110 33.76 -26.18 22.21
CA GLY C 110 33.46 -26.73 23.52
C GLY C 110 32.09 -26.38 24.07
N TYR C 111 31.12 -26.14 23.18
CA TYR C 111 29.76 -25.78 23.62
C TYR C 111 28.97 -27.04 23.98
N GLN C 112 28.24 -26.97 25.09
CA GLN C 112 27.53 -28.12 25.67
C GLN C 112 26.04 -28.15 25.35
N HIS C 113 25.51 -27.05 24.80
CA HIS C 113 24.09 -26.95 24.48
C HIS C 113 23.80 -27.07 22.98
N ILE C 114 24.85 -27.31 22.19
CA ILE C 114 24.75 -27.20 20.74
C ILE C 114 24.89 -28.54 20.04
N MET C 115 23.98 -28.80 19.10
CA MET C 115 24.01 -30.00 18.27
C MET C 115 23.57 -29.64 16.86
N ARG C 116 23.60 -30.64 15.98
CA ARG C 116 22.98 -30.53 14.66
C ARG C 116 22.56 -31.89 14.09
N THR C 117 21.61 -31.86 13.15
CA THR C 117 21.22 -33.05 12.40
C THR C 117 21.70 -33.00 10.95
N ALA C 118 22.25 -31.85 10.53
CA ALA C 118 22.91 -31.74 9.24
C ALA C 118 24.28 -32.43 9.27
N GLY C 119 24.81 -32.72 8.09
CA GLY C 119 26.15 -33.28 7.96
C GLY C 119 27.23 -32.23 8.18
N LEU C 120 28.46 -32.59 7.87
CA LEU C 120 29.61 -31.69 8.05
C LEU C 120 30.28 -31.43 6.72
N ASP C 121 30.92 -30.28 6.59
CA ASP C 121 31.63 -29.95 5.35
C ASP C 121 33.03 -30.58 5.38
N SER C 122 33.49 -30.95 6.58
CA SER C 122 34.70 -31.76 6.71
C SER C 122 34.55 -33.13 6.04
N SER C 123 33.30 -33.53 5.77
CA SER C 123 32.99 -34.72 4.98
C SER C 123 32.64 -34.39 3.52
N GLN C 124 31.88 -33.31 3.30
CA GLN C 124 31.35 -32.97 1.99
C GLN C 124 32.44 -32.49 1.04
N GLY C 125 33.41 -31.76 1.59
CA GLY C 125 34.54 -31.25 0.84
C GLY C 125 35.43 -32.35 0.28
N PRO C 126 35.96 -33.22 1.15
CA PRO C 126 36.70 -34.40 0.67
C PRO C 126 35.91 -35.31 -0.28
N THR C 127 34.58 -35.39 -0.14
CA THR C 127 33.77 -36.23 -1.03
C THR C 127 33.84 -35.72 -2.47
N ALA C 128 33.80 -34.40 -2.63
CA ALA C 128 33.87 -33.78 -3.95
C ALA C 128 35.27 -33.92 -4.53
N ALA C 129 36.30 -33.61 -3.73
CA ALA C 129 37.69 -33.75 -4.14
C ALA C 129 38.03 -35.17 -4.63
N LYS C 130 37.46 -36.18 -3.98
CA LYS C 130 37.67 -37.57 -4.38
C LYS C 130 37.04 -37.83 -5.74
N TYR C 131 35.79 -37.39 -5.91
CA TYR C 131 35.10 -37.51 -7.18
C TYR C 131 35.83 -36.79 -8.33
N ILE C 132 36.44 -35.65 -8.05
CA ILE C 132 37.16 -34.88 -9.06
C ILE C 132 38.45 -35.57 -9.48
N LEU C 133 39.14 -36.18 -8.52
CA LEU C 133 40.45 -36.74 -8.79
C LEU C 133 40.35 -38.09 -9.50
N GLU C 134 39.31 -38.87 -9.17
CA GLU C 134 39.19 -40.26 -9.59
C GLU C 134 38.18 -40.54 -10.70
N THR C 135 37.40 -39.54 -11.11
CA THR C 135 36.38 -39.72 -12.15
C THR C 135 36.41 -38.62 -13.22
N VAL C 136 36.35 -37.36 -12.80
CA VAL C 136 36.38 -36.23 -13.76
C VAL C 136 37.77 -36.09 -14.38
N LYS C 137 38.80 -36.15 -13.55
CA LYS C 137 40.20 -36.00 -13.98
C LYS C 137 40.44 -34.79 -14.89
N PRO C 138 40.21 -33.59 -14.37
CA PRO C 138 40.43 -32.37 -15.14
C PRO C 138 41.91 -31.99 -15.21
N GLN C 139 42.30 -31.33 -16.29
CA GLN C 139 43.68 -30.88 -16.48
C GLN C 139 43.94 -29.54 -15.76
N ARG C 140 42.98 -28.62 -15.87
CA ARG C 140 43.11 -27.27 -15.31
C ARG C 140 41.88 -26.87 -14.50
N ILE C 141 42.10 -26.56 -13.22
CA ILE C 141 41.02 -26.33 -12.25
C ILE C 141 41.02 -24.89 -11.73
N ALA C 142 39.84 -24.36 -11.44
CA ALA C 142 39.68 -23.10 -10.73
C ALA C 142 38.73 -23.31 -9.56
N ILE C 143 39.01 -22.69 -8.44
CA ILE C 143 38.16 -22.77 -7.26
C ILE C 143 37.61 -21.39 -6.97
N ILE C 144 36.27 -21.28 -6.93
CA ILE C 144 35.57 -20.03 -6.65
C ILE C 144 34.69 -20.17 -5.40
N HIS C 145 34.47 -19.07 -4.69
CA HIS C 145 33.56 -19.03 -3.53
C HIS C 145 32.90 -17.64 -3.39
N ASP C 146 31.93 -17.53 -2.46
CA ASP C 146 31.18 -16.29 -2.25
C ASP C 146 31.56 -15.51 -0.98
N LYS C 147 32.72 -15.83 -0.41
CA LYS C 147 33.26 -15.12 0.76
C LYS C 147 32.42 -15.24 2.04
N GLN C 148 31.58 -16.28 2.14
CA GLN C 148 30.80 -16.54 3.34
C GLN C 148 31.28 -17.84 3.96
N GLN C 149 31.12 -17.98 5.27
CA GLN C 149 31.62 -19.12 6.03
C GLN C 149 31.37 -20.48 5.36
N TYR C 150 30.17 -20.68 4.84
CA TYR C 150 29.79 -21.96 4.25
C TYR C 150 30.53 -22.25 2.95
N GLY C 151 30.51 -21.30 2.02
CA GLY C 151 31.07 -21.47 0.71
C GLY C 151 32.58 -21.44 0.71
N GLU C 152 33.14 -20.40 1.32
CA GLU C 152 34.59 -20.25 1.44
C GLU C 152 35.22 -21.44 2.15
N GLY C 153 34.57 -21.92 3.21
CA GLY C 153 35.04 -23.09 3.95
C GLY C 153 35.13 -24.31 3.06
N LEU C 154 34.09 -24.56 2.27
CA LEU C 154 34.03 -25.72 1.38
C LEU C 154 35.02 -25.62 0.21
N ALA C 155 35.20 -24.41 -0.32
CA ALA C 155 36.17 -24.15 -1.38
C ALA C 155 37.60 -24.42 -0.92
N ARG C 156 37.92 -24.01 0.31
CA ARG C 156 39.24 -24.27 0.88
C ARG C 156 39.43 -25.74 1.22
N SER C 157 38.34 -26.44 1.51
CA SER C 157 38.40 -27.86 1.79
C SER C 157 38.74 -28.61 0.51
N VAL C 158 38.06 -28.26 -0.57
CA VAL C 158 38.27 -28.87 -1.87
C VAL C 158 39.66 -28.57 -2.39
N GLN C 159 40.07 -27.30 -2.28
CA GLN C 159 41.41 -26.89 -2.67
C GLN C 159 42.48 -27.73 -1.98
N ASP C 160 42.33 -27.90 -0.67
CA ASP C 160 43.26 -28.72 0.11
C ASP C 160 43.24 -30.18 -0.34
N GLY C 161 42.05 -30.73 -0.58
CA GLY C 161 41.90 -32.11 -1.02
C GLY C 161 42.60 -32.37 -2.34
N LEU C 162 42.52 -31.41 -3.27
CA LEU C 162 43.13 -31.52 -4.59
C LEU C 162 44.63 -31.33 -4.52
N LYS C 163 45.06 -30.38 -3.68
CA LYS C 163 46.47 -30.06 -3.50
C LYS C 163 47.24 -31.20 -2.85
N ALA C 164 46.56 -32.00 -2.03
CA ALA C 164 47.14 -33.19 -1.44
C ALA C 164 47.60 -34.14 -2.55
N ALA C 165 46.78 -34.26 -3.61
CA ALA C 165 47.09 -35.09 -4.77
C ALA C 165 47.79 -34.32 -5.91
N ASN C 166 48.27 -33.11 -5.60
CA ASN C 166 49.09 -32.30 -6.50
C ASN C 166 48.44 -32.02 -7.86
N ALA C 167 47.12 -31.83 -7.84
CA ALA C 167 46.37 -31.54 -9.04
C ALA C 167 46.58 -30.07 -9.41
N ASN C 168 46.41 -29.73 -10.68
CA ASN C 168 46.68 -28.38 -11.14
C ASN C 168 45.55 -27.41 -10.79
N VAL C 169 45.61 -26.85 -9.58
CA VAL C 169 44.69 -25.79 -9.18
C VAL C 169 45.30 -24.49 -9.68
N VAL C 170 44.69 -23.91 -10.72
CA VAL C 170 45.26 -22.77 -11.44
C VAL C 170 45.07 -21.47 -10.66
N PHE C 171 43.85 -21.22 -10.18
CA PHE C 171 43.60 -20.07 -9.33
C PHE C 171 42.42 -20.22 -8.36
N PHE C 172 42.45 -19.42 -7.31
CA PHE C 172 41.47 -19.39 -6.24
C PHE C 172 41.02 -17.94 -6.08
N ASP C 173 39.70 -17.73 -6.02
CA ASP C 173 39.17 -16.37 -6.07
C ASP C 173 37.78 -16.29 -5.44
N GLY C 174 37.48 -15.15 -4.84
CA GLY C 174 36.18 -14.90 -4.26
C GLY C 174 35.39 -13.90 -5.08
N ILE C 175 34.07 -14.02 -5.01
CA ILE C 175 33.14 -13.06 -5.61
C ILE C 175 32.10 -12.66 -4.55
N THR C 176 31.38 -11.57 -4.80
CA THR C 176 30.39 -11.06 -3.84
C THR C 176 29.04 -11.71 -4.09
N ALA C 177 28.38 -12.13 -3.00
CA ALA C 177 27.01 -12.64 -3.07
C ALA C 177 26.10 -11.50 -3.52
N GLY C 178 25.19 -11.82 -4.44
CA GLY C 178 24.33 -10.83 -5.07
C GLY C 178 24.80 -10.39 -6.45
N GLU C 179 26.03 -10.76 -6.82
CA GLU C 179 26.57 -10.42 -8.15
C GLU C 179 25.71 -11.02 -9.26
N LYS C 180 25.35 -10.20 -10.24
CA LYS C 180 24.62 -10.68 -11.42
C LYS C 180 25.48 -10.70 -12.68
N ASP C 181 26.71 -10.16 -12.59
CA ASP C 181 27.59 -10.03 -13.74
C ASP C 181 28.89 -10.81 -13.54
N PHE C 182 29.01 -11.91 -14.27
CA PHE C 182 30.17 -12.79 -14.17
C PHE C 182 31.02 -12.81 -15.46
N SER C 183 30.85 -11.79 -16.31
CA SER C 183 31.59 -11.73 -17.57
C SER C 183 33.12 -11.63 -17.38
N ALA C 184 33.55 -10.94 -16.32
CA ALA C 184 34.99 -10.84 -16.02
C ALA C 184 35.55 -12.20 -15.60
N LEU C 185 34.82 -12.91 -14.75
CA LEU C 185 35.23 -14.23 -14.27
C LEU C 185 35.24 -15.26 -15.40
N ILE C 186 34.23 -15.20 -16.27
CA ILE C 186 34.11 -16.11 -17.40
C ILE C 186 35.23 -15.89 -18.42
N ALA C 187 35.64 -14.65 -18.62
CA ALA C 187 36.74 -14.33 -19.53
C ALA C 187 38.04 -14.88 -18.98
N ARG C 188 38.21 -14.81 -17.67
CA ARG C 188 39.38 -15.38 -17.00
C ARG C 188 39.45 -16.89 -17.18
N LEU C 189 38.30 -17.56 -17.20
CA LEU C 189 38.25 -19.01 -17.38
C LEU C 189 38.57 -19.42 -18.84
N LYS C 190 38.23 -18.56 -19.80
CA LYS C 190 38.59 -18.78 -21.20
C LYS C 190 40.09 -18.61 -21.42
N LYS C 191 40.63 -17.49 -20.96
CA LYS C 191 42.04 -17.14 -21.17
C LYS C 191 42.97 -18.16 -20.51
N GLU C 192 42.69 -18.50 -19.25
CA GLU C 192 43.52 -19.43 -18.52
C GLU C 192 43.14 -20.91 -18.77
N ASN C 193 42.22 -21.13 -19.71
CA ASN C 193 41.92 -22.47 -20.25
C ASN C 193 41.44 -23.49 -19.21
N ILE C 194 40.57 -23.04 -18.31
CA ILE C 194 40.05 -23.89 -17.23
C ILE C 194 38.97 -24.82 -17.77
N ASP C 195 39.12 -26.12 -17.51
CA ASP C 195 38.10 -27.10 -17.90
C ASP C 195 37.23 -27.60 -16.74
N PHE C 196 37.54 -27.18 -15.51
CA PHE C 196 36.77 -27.57 -14.32
C PHE C 196 36.75 -26.47 -13.25
N VAL C 197 35.57 -26.20 -12.69
CA VAL C 197 35.40 -25.22 -11.61
C VAL C 197 34.63 -25.84 -10.46
N TYR C 198 35.15 -25.68 -9.24
CA TYR C 198 34.36 -25.90 -8.02
C TYR C 198 33.93 -24.56 -7.47
N TYR C 199 32.62 -24.39 -7.30
CA TYR C 199 32.06 -23.19 -6.69
C TYR C 199 31.51 -23.53 -5.31
N GLY C 200 32.05 -22.88 -4.28
CA GLY C 200 31.56 -23.01 -2.92
C GLY C 200 30.58 -21.90 -2.59
N GLY C 201 29.30 -22.24 -2.52
CA GLY C 201 28.26 -21.25 -2.27
C GLY C 201 26.85 -21.78 -2.51
N TYR C 202 25.92 -20.85 -2.70
CA TYR C 202 24.51 -21.18 -2.86
C TYR C 202 24.02 -21.05 -4.31
N TYR C 203 22.81 -21.50 -4.56
CA TYR C 203 22.25 -21.60 -5.91
C TYR C 203 22.12 -20.29 -6.72
N PRO C 204 21.79 -19.15 -6.11
CA PRO C 204 21.57 -17.94 -6.91
C PRO C 204 22.80 -17.53 -7.73
N GLU C 205 23.99 -17.70 -7.15
CA GLU C 205 25.22 -17.31 -7.82
C GLU C 205 25.65 -18.40 -8.80
N MET C 206 25.47 -19.66 -8.42
CA MET C 206 25.78 -20.78 -9.30
C MET C 206 24.94 -20.72 -10.57
N GLY C 207 23.68 -20.30 -10.43
CA GLY C 207 22.74 -20.29 -11.52
C GLY C 207 23.08 -19.27 -12.59
N GLN C 208 23.41 -18.05 -12.15
CA GLN C 208 23.83 -16.98 -13.06
C GLN C 208 25.12 -17.37 -13.75
N MET C 209 26.07 -17.90 -12.98
CA MET C 209 27.38 -18.27 -13.50
C MET C 209 27.25 -19.29 -14.63
N LEU C 210 26.42 -20.30 -14.43
CA LEU C 210 26.20 -21.34 -15.43
C LEU C 210 25.60 -20.80 -16.72
N ARG C 211 24.54 -20.01 -16.62
CA ARG C 211 23.88 -19.43 -17.79
C ARG C 211 24.85 -18.62 -18.63
N GLN C 212 25.55 -17.69 -17.97
CA GLN C 212 26.43 -16.74 -18.66
C GLN C 212 27.64 -17.45 -19.29
N ALA C 213 28.08 -18.55 -18.67
CA ALA C 213 29.16 -19.36 -19.21
C ALA C 213 28.78 -20.02 -20.53
N ARG C 214 27.57 -20.56 -20.62
CA ARG C 214 27.11 -21.24 -21.84
C ARG C 214 26.73 -20.27 -22.96
N SER C 215 26.40 -19.03 -22.62
CA SER C 215 26.04 -18.03 -23.61
C SER C 215 27.28 -17.64 -24.45
N VAL C 216 28.46 -17.68 -23.83
CA VAL C 216 29.71 -17.39 -24.53
C VAL C 216 30.48 -18.64 -24.97
N GLY C 217 29.84 -19.80 -24.89
CA GLY C 217 30.40 -21.03 -25.43
C GLY C 217 31.42 -21.75 -24.56
N LEU C 218 31.58 -21.31 -23.31
CA LEU C 218 32.46 -22.01 -22.37
C LEU C 218 32.05 -23.47 -22.23
N LYS C 219 33.03 -24.37 -22.15
CA LYS C 219 32.76 -25.81 -22.05
C LYS C 219 33.15 -26.37 -20.68
N THR C 220 33.52 -25.48 -19.76
CA THR C 220 33.95 -25.83 -18.41
C THR C 220 32.92 -26.68 -17.64
N GLN C 221 33.37 -27.80 -17.05
CA GLN C 221 32.56 -28.58 -16.13
C GLN C 221 32.47 -27.88 -14.78
N PHE C 222 31.27 -27.73 -14.25
CA PHE C 222 31.04 -27.06 -12.96
C PHE C 222 30.59 -28.04 -11.88
N MET C 223 30.90 -27.70 -10.64
CA MET C 223 30.51 -28.51 -9.48
C MET C 223 30.30 -27.60 -8.27
N GLY C 224 29.47 -28.05 -7.33
CA GLY C 224 29.21 -27.31 -6.12
C GLY C 224 28.66 -28.16 -4.99
N PRO C 225 28.55 -27.60 -3.78
CA PRO C 225 28.02 -28.33 -2.63
C PRO C 225 26.49 -28.34 -2.62
N GLU C 226 25.89 -28.90 -1.57
CA GLU C 226 24.45 -29.13 -1.56
C GLU C 226 23.62 -27.84 -1.64
N GLY C 227 24.22 -26.72 -1.25
CA GLY C 227 23.56 -25.43 -1.28
C GLY C 227 23.13 -24.98 -2.66
N VAL C 228 23.76 -25.51 -3.72
CA VAL C 228 23.33 -25.21 -5.09
C VAL C 228 22.30 -26.20 -5.65
N GLY C 229 22.12 -27.34 -4.99
CA GLY C 229 21.19 -28.37 -5.44
C GLY C 229 19.75 -28.10 -5.03
N ASN C 230 19.17 -27.09 -5.65
CA ASN C 230 17.84 -26.57 -5.33
C ASN C 230 16.97 -26.58 -6.58
N ALA C 231 15.65 -26.52 -6.43
CA ALA C 231 14.74 -26.44 -7.59
C ALA C 231 14.92 -25.12 -8.36
N SER C 232 15.31 -24.07 -7.65
CA SER C 232 15.57 -22.77 -8.25
C SER C 232 16.77 -22.79 -9.19
N LEU C 233 17.74 -23.67 -8.94
CA LEU C 233 18.96 -23.74 -9.75
C LEU C 233 18.72 -23.83 -11.26
N SER C 234 17.91 -24.80 -11.68
CA SER C 234 17.67 -25.03 -13.11
C SER C 234 16.76 -23.96 -13.71
N ASN C 235 15.92 -23.34 -12.89
CA ASN C 235 15.11 -22.21 -13.33
C ASN C 235 15.95 -20.98 -13.64
N ILE C 236 17.01 -20.79 -12.86
CA ILE C 236 17.90 -19.64 -13.02
C ILE C 236 18.90 -19.87 -14.16
N ALA C 237 19.46 -21.08 -14.24
CA ALA C 237 20.52 -21.38 -15.20
C ALA C 237 20.01 -21.85 -16.58
N GLY C 238 18.74 -22.24 -16.66
CA GLY C 238 18.18 -22.77 -17.88
C GLY C 238 18.85 -24.07 -18.31
N ASP C 239 19.07 -24.23 -19.61
CA ASP C 239 19.75 -25.39 -20.20
C ASP C 239 21.17 -25.62 -19.65
N ALA C 240 21.79 -24.56 -19.14
CA ALA C 240 23.17 -24.62 -18.65
C ALA C 240 23.36 -25.40 -17.34
N ALA C 241 22.26 -25.78 -16.69
CA ALA C 241 22.33 -26.61 -15.49
C ALA C 241 22.57 -28.09 -15.81
N GLU C 242 22.41 -28.46 -17.08
CA GLU C 242 22.65 -29.84 -17.54
C GLU C 242 24.12 -30.26 -17.34
N GLY C 243 24.32 -31.37 -16.63
CA GLY C 243 25.65 -31.89 -16.37
C GLY C 243 26.38 -31.26 -15.19
N MET C 244 25.72 -30.39 -14.43
CA MET C 244 26.34 -29.80 -13.25
C MET C 244 26.43 -30.85 -12.13
N LEU C 245 27.61 -30.97 -11.55
CA LEU C 245 27.84 -31.90 -10.46
C LEU C 245 27.56 -31.22 -9.12
N VAL C 246 27.05 -32.00 -8.17
CA VAL C 246 26.70 -31.47 -6.85
C VAL C 246 26.71 -32.58 -5.79
N THR C 247 27.26 -32.28 -4.61
CA THR C 247 27.18 -33.21 -3.48
C THR C 247 25.88 -32.97 -2.74
N MET C 248 25.11 -34.03 -2.49
CA MET C 248 23.86 -33.94 -1.74
C MET C 248 23.77 -35.07 -0.71
N PRO C 249 22.95 -34.90 0.32
CA PRO C 249 22.56 -36.03 1.16
C PRO C 249 21.76 -37.09 0.38
N LYS C 250 21.63 -38.27 0.98
CA LYS C 250 20.78 -39.32 0.42
C LYS C 250 19.36 -38.78 0.22
N ARG C 251 18.64 -39.33 -0.75
CA ARG C 251 17.26 -38.94 -1.00
C ARG C 251 16.33 -39.62 -0.01
N TYR C 252 16.02 -38.93 1.08
CA TYR C 252 15.20 -39.48 2.16
C TYR C 252 13.72 -39.62 1.77
N ASP C 253 13.30 -38.83 0.79
CA ASP C 253 11.92 -38.89 0.29
C ASP C 253 11.56 -40.19 -0.45
N GLN C 254 12.57 -40.94 -0.89
CA GLN C 254 12.37 -42.20 -1.63
C GLN C 254 12.46 -43.47 -0.76
N ASP C 255 12.60 -43.31 0.56
CA ASP C 255 12.61 -44.45 1.47
C ASP C 255 11.17 -44.87 1.81
N PRO C 256 10.83 -46.14 1.64
CA PRO C 256 9.49 -46.66 1.94
C PRO C 256 8.87 -46.19 3.27
N ALA C 257 9.68 -46.09 4.33
CA ALA C 257 9.16 -45.74 5.66
C ALA C 257 8.73 -44.28 5.79
N ASN C 258 9.26 -43.41 4.95
CA ASN C 258 8.86 -42.01 4.94
C ASN C 258 7.70 -41.68 3.98
N GLN C 259 7.03 -42.70 3.44
CA GLN C 259 6.00 -42.49 2.44
C GLN C 259 4.69 -41.90 3.00
N GLY C 260 4.48 -42.01 4.30
CA GLY C 260 3.34 -41.39 4.95
C GLY C 260 3.51 -39.89 5.08
N ILE C 261 4.73 -39.47 5.38
CA ILE C 261 5.07 -38.05 5.48
C ILE C 261 5.12 -37.42 4.08
N VAL C 262 5.47 -38.22 3.08
CA VAL C 262 5.48 -37.77 1.69
C VAL C 262 4.07 -37.40 1.24
N ASP C 263 3.12 -38.27 1.56
CA ASP C 263 1.73 -38.10 1.11
C ASP C 263 1.03 -36.98 1.88
N ALA C 264 1.44 -36.75 3.12
CA ALA C 264 0.90 -35.66 3.91
C ALA C 264 1.34 -34.31 3.33
N LEU C 265 2.60 -34.22 2.90
CA LEU C 265 3.13 -33.01 2.29
C LEU C 265 2.48 -32.75 0.93
N LYS C 266 2.38 -33.78 0.10
CA LYS C 266 1.71 -33.69 -1.20
C LYS C 266 0.24 -33.33 -1.07
N ALA C 267 -0.39 -33.74 0.03
CA ALA C 267 -1.78 -33.37 0.32
C ALA C 267 -1.89 -31.87 0.58
N ASP C 268 -0.89 -31.28 1.24
CA ASP C 268 -0.80 -29.84 1.48
C ASP C 268 -0.20 -29.06 0.29
N LYS C 269 0.07 -29.74 -0.82
CA LYS C 269 0.67 -29.15 -2.03
C LYS C 269 2.07 -28.57 -1.79
N LYS C 270 2.90 -29.34 -1.09
CA LYS C 270 4.29 -28.96 -0.85
C LYS C 270 5.23 -29.99 -1.44
N ASP C 271 6.46 -29.56 -1.74
CA ASP C 271 7.47 -30.40 -2.39
C ASP C 271 8.19 -31.21 -1.32
N PRO C 272 8.08 -32.53 -1.36
CA PRO C 272 8.74 -33.38 -0.36
C PRO C 272 10.16 -33.80 -0.74
N SER C 273 10.68 -33.36 -1.88
CA SER C 273 11.93 -33.87 -2.42
C SER C 273 13.20 -33.29 -1.80
N GLY C 274 13.09 -32.16 -1.11
CA GLY C 274 14.26 -31.44 -0.61
C GLY C 274 14.88 -32.08 0.62
N PRO C 275 16.21 -32.12 0.69
CA PRO C 275 16.89 -32.76 1.83
C PRO C 275 16.54 -32.14 3.20
N TYR C 276 16.35 -30.82 3.27
CA TYR C 276 16.13 -30.15 4.54
C TYR C 276 14.69 -30.16 5.09
N VAL C 277 13.74 -30.69 4.31
CA VAL C 277 12.45 -31.09 4.86
C VAL C 277 12.70 -32.17 5.92
N TRP C 278 13.49 -33.17 5.54
CA TRP C 278 13.69 -34.38 6.32
C TRP C 278 14.70 -34.21 7.45
N ILE C 279 15.74 -33.43 7.20
CA ILE C 279 16.75 -33.17 8.23
C ILE C 279 16.17 -32.32 9.37
N THR C 280 15.25 -31.42 9.04
CA THR C 280 14.56 -30.61 10.06
C THR C 280 13.53 -31.46 10.83
N TYR C 281 12.76 -32.26 10.10
CA TYR C 281 11.84 -33.22 10.71
C TYR C 281 12.57 -34.02 11.79
N ALA C 282 13.76 -34.51 11.45
CA ALA C 282 14.60 -35.30 12.34
C ALA C 282 15.07 -34.54 13.57
N ALA C 283 15.28 -33.22 13.43
CA ALA C 283 15.65 -32.37 14.56
C ALA C 283 14.52 -32.30 15.60
N VAL C 284 13.29 -32.13 15.12
CA VAL C 284 12.12 -32.10 16.01
C VAL C 284 11.90 -33.47 16.65
N GLN C 285 12.12 -34.53 15.89
CA GLN C 285 11.97 -35.91 16.39
C GLN C 285 12.99 -36.18 17.49
N SER C 286 14.21 -35.66 17.30
CA SER C 286 15.29 -35.83 18.25
C SER C 286 15.02 -35.10 19.57
N LEU C 287 14.50 -33.88 19.48
CA LEU C 287 14.12 -33.12 20.66
C LEU C 287 13.02 -33.83 21.43
N ALA C 288 12.03 -34.34 20.69
CA ALA C 288 10.87 -34.99 21.28
C ALA C 288 11.22 -36.31 21.96
N THR C 289 12.24 -36.99 21.44
CA THR C 289 12.74 -38.23 22.02
C THR C 289 13.38 -37.95 23.38
N ALA C 290 14.19 -36.90 23.45
CA ALA C 290 14.85 -36.51 24.69
C ALA C 290 13.84 -36.14 25.77
N LEU C 291 12.82 -35.38 25.41
CA LEU C 291 11.77 -34.97 26.34
C LEU C 291 10.98 -36.14 26.90
N GLU C 292 10.62 -37.09 26.01
CA GLU C 292 9.84 -38.27 26.41
C GLU C 292 10.63 -39.18 27.33
N ARG C 293 11.87 -39.47 26.96
CA ARG C 293 12.69 -40.49 27.61
C ARG C 293 13.17 -40.05 29.01
N THR C 294 13.47 -38.78 29.17
CA THR C 294 14.00 -38.26 30.44
C THR C 294 12.91 -37.67 31.34
N GLY C 295 11.77 -37.32 30.74
CA GLY C 295 10.73 -36.59 31.46
C GLY C 295 11.27 -35.33 32.11
N SER C 296 12.27 -34.71 31.48
CA SER C 296 12.96 -33.55 32.03
C SER C 296 12.78 -32.36 31.08
N ASP C 297 12.76 -31.16 31.65
CA ASP C 297 12.65 -29.93 30.86
C ASP C 297 13.94 -29.13 30.82
N GLU C 298 14.99 -29.63 31.48
CA GLU C 298 16.28 -28.92 31.55
C GLU C 298 17.05 -29.08 30.23
N PRO C 299 17.33 -27.97 29.55
CA PRO C 299 18.04 -28.01 28.25
C PRO C 299 19.33 -28.83 28.24
N LEU C 300 20.16 -28.69 29.27
CA LEU C 300 21.42 -29.42 29.34
C LEU C 300 21.20 -30.93 29.43
N ALA C 301 20.25 -31.35 30.27
CA ALA C 301 19.93 -32.78 30.43
C ALA C 301 19.40 -33.44 29.15
N LEU C 302 18.77 -32.66 28.29
CA LEU C 302 18.23 -33.19 27.02
C LEU C 302 19.35 -33.41 26.00
N VAL C 303 20.29 -32.48 25.92
CA VAL C 303 21.43 -32.58 25.02
C VAL C 303 22.29 -33.77 25.43
N LYS C 304 22.53 -33.89 26.73
CA LYS C 304 23.32 -34.96 27.30
C LYS C 304 22.66 -36.32 27.07
N ASP C 305 21.32 -36.36 27.12
CA ASP C 305 20.56 -37.58 26.88
C ASP C 305 20.64 -38.02 25.42
N LEU C 306 20.70 -37.06 24.49
CA LEU C 306 20.80 -37.39 23.07
C LEU C 306 22.19 -37.88 22.71
N LYS C 307 23.22 -37.32 23.33
CA LYS C 307 24.59 -37.75 23.08
C LYS C 307 24.86 -39.17 23.60
N ALA C 308 24.14 -39.59 24.63
CA ALA C 308 24.35 -40.89 25.26
C ALA C 308 23.56 -42.03 24.60
N ASN C 309 22.30 -41.76 24.24
CA ASN C 309 21.36 -42.81 23.84
C ASN C 309 20.80 -42.69 22.42
N GLY C 310 20.91 -41.51 21.81
CA GLY C 310 20.57 -41.31 20.41
C GLY C 310 19.10 -41.06 20.14
N ALA C 311 18.71 -41.16 18.88
CA ALA C 311 17.32 -40.97 18.47
C ALA C 311 17.09 -41.58 17.11
N ASN C 312 15.94 -42.22 16.93
CA ASN C 312 15.58 -42.81 15.65
C ASN C 312 14.66 -41.87 14.87
N THR C 313 15.10 -41.48 13.68
CA THR C 313 14.42 -40.44 12.91
C THR C 313 14.18 -40.83 11.46
N VAL C 314 13.59 -39.92 10.70
CA VAL C 314 13.29 -40.12 9.27
C VAL C 314 14.54 -40.16 8.37
N ILE C 315 15.66 -39.62 8.86
CA ILE C 315 16.93 -39.66 8.14
C ILE C 315 17.85 -40.80 8.61
N GLY C 316 17.36 -41.61 9.54
CA GLY C 316 18.08 -42.79 10.00
C GLY C 316 18.29 -42.77 11.51
N PRO C 317 18.91 -43.83 12.05
CA PRO C 317 19.29 -43.87 13.46
C PRO C 317 20.45 -42.91 13.75
N LEU C 318 20.19 -41.91 14.57
CA LEU C 318 21.14 -40.82 14.83
C LEU C 318 21.98 -41.10 16.09
N ASN C 319 23.29 -40.92 15.96
CA ASN C 319 24.21 -41.07 17.08
C ASN C 319 25.22 -39.94 17.09
N TRP C 320 25.11 -39.07 18.08
CA TRP C 320 25.98 -37.89 18.19
C TRP C 320 27.25 -38.20 18.98
N ASP C 321 28.31 -37.46 18.68
CA ASP C 321 29.54 -37.51 19.46
C ASP C 321 29.48 -36.45 20.56
N GLU C 322 30.57 -36.29 21.30
CA GLU C 322 30.62 -35.42 22.48
C GLU C 322 30.46 -33.94 22.12
N LYS C 323 30.87 -33.59 20.90
CA LYS C 323 30.81 -32.22 20.40
C LYS C 323 29.42 -31.81 19.91
N GLY C 324 28.57 -32.79 19.61
CA GLY C 324 27.25 -32.53 19.07
C GLY C 324 27.13 -32.71 17.57
N ASP C 325 28.14 -33.31 16.93
CA ASP C 325 28.08 -33.70 15.51
C ASP C 325 27.59 -35.14 15.35
N LEU C 326 26.81 -35.41 14.30
CA LEU C 326 26.42 -36.78 13.95
C LEU C 326 27.60 -37.63 13.48
N LYS C 327 27.48 -38.93 13.68
CA LYS C 327 28.44 -39.90 13.15
C LYS C 327 27.88 -40.48 11.86
N GLY C 328 28.73 -40.57 10.84
CA GLY C 328 28.37 -41.27 9.61
C GLY C 328 27.29 -40.64 8.72
N PHE C 329 27.20 -39.31 8.73
CA PHE C 329 26.37 -38.59 7.75
C PHE C 329 27.11 -38.49 6.41
N ASP C 330 26.60 -39.17 5.38
CA ASP C 330 27.29 -39.25 4.08
C ASP C 330 26.68 -38.37 3.01
N PHE C 331 27.54 -37.83 2.15
CA PHE C 331 27.13 -37.15 0.92
C PHE C 331 27.49 -38.01 -0.29
N GLY C 332 26.60 -38.03 -1.28
CA GLY C 332 26.86 -38.65 -2.56
C GLY C 332 27.04 -37.60 -3.64
N VAL C 333 27.44 -38.04 -4.84
CA VAL C 333 27.61 -37.13 -5.97
C VAL C 333 26.47 -37.33 -6.97
N PHE C 334 25.90 -36.23 -7.43
CA PHE C 334 24.76 -36.23 -8.35
C PHE C 334 25.02 -35.35 -9.57
N GLN C 335 24.33 -35.65 -10.66
CA GLN C 335 24.42 -34.87 -11.89
C GLN C 335 23.06 -34.22 -12.14
N TRP C 336 23.06 -32.90 -12.31
CA TRP C 336 21.83 -32.12 -12.41
C TRP C 336 21.37 -32.06 -13.85
N HIS C 337 20.09 -31.76 -14.05
CA HIS C 337 19.51 -31.65 -15.39
C HIS C 337 18.69 -30.37 -15.55
N ALA C 338 18.38 -30.02 -16.80
CA ALA C 338 17.69 -28.77 -17.10
C ALA C 338 16.27 -28.71 -16.53
N ASP C 339 15.65 -29.87 -16.31
CA ASP C 339 14.29 -29.92 -15.77
C ASP C 339 14.22 -29.91 -14.22
N GLY C 340 15.38 -29.77 -13.58
CA GLY C 340 15.45 -29.74 -12.12
C GLY C 340 15.61 -31.09 -11.47
N SER C 341 15.61 -32.17 -12.26
CA SER C 341 15.82 -33.52 -11.74
C SER C 341 17.32 -33.76 -11.58
N SER C 342 17.67 -34.88 -10.96
CA SER C 342 19.06 -35.27 -10.76
C SER C 342 19.21 -36.80 -10.83
N THR C 343 20.42 -37.27 -11.13
CA THR C 343 20.71 -38.70 -11.15
C THR C 343 22.06 -39.03 -10.50
N LYS C 344 22.15 -40.22 -9.93
CA LYS C 344 23.36 -40.69 -9.27
C LYS C 344 24.53 -40.59 -10.25
N ALA C 345 25.70 -40.22 -9.74
CA ALA C 345 26.89 -40.07 -10.58
C ALA C 345 27.48 -41.42 -10.93
N LYS C 346 27.89 -42.16 -10.03
N ASP D 1 -7.19 16.41 3.58
CA ASP D 1 -8.46 15.65 3.76
C ASP D 1 -9.00 15.78 5.19
N ASP D 2 -10.24 15.33 5.38
CA ASP D 2 -10.80 15.19 6.71
C ASP D 2 -10.21 13.91 7.32
N ILE D 3 -9.77 13.99 8.57
CA ILE D 3 -9.25 12.83 9.31
C ILE D 3 -10.30 12.34 10.30
N LYS D 4 -10.84 11.14 10.05
CA LYS D 4 -11.85 10.54 10.91
C LYS D 4 -11.24 9.97 12.20
N VAL D 5 -11.97 10.13 13.31
CA VAL D 5 -11.55 9.65 14.63
C VAL D 5 -12.79 9.16 15.39
N ALA D 6 -12.88 7.85 15.59
CA ALA D 6 -14.00 7.28 16.34
C ALA D 6 -13.88 7.58 17.83
N VAL D 7 -14.93 8.13 18.42
CA VAL D 7 -15.02 8.31 19.87
C VAL D 7 -16.07 7.36 20.40
N VAL D 8 -15.67 6.47 21.32
CA VAL D 8 -16.53 5.39 21.79
C VAL D 8 -16.72 5.41 23.30
N GLY D 9 -17.98 5.32 23.73
CA GLY D 9 -18.33 5.26 25.13
C GLY D 9 -19.81 4.98 25.39
N ALA D 10 -20.19 5.00 26.67
CA ALA D 10 -21.57 4.79 27.06
C ALA D 10 -22.46 6.02 26.77
N MET D 11 -23.32 5.88 25.75
CA MET D 11 -24.38 6.83 25.46
C MET D 11 -25.73 6.32 26.00
N SER D 12 -25.77 5.05 26.40
CA SER D 12 -26.94 4.47 27.06
C SER D 12 -26.49 3.60 28.24
N GLY D 13 -27.46 3.04 28.97
CA GLY D 13 -27.17 2.13 30.06
C GLY D 13 -26.99 2.84 31.39
N PRO D 14 -26.69 2.07 32.44
CA PRO D 14 -26.68 2.58 33.82
C PRO D 14 -25.60 3.64 34.13
N ILE D 15 -24.48 3.66 33.42
CA ILE D 15 -23.41 4.63 33.70
C ILE D 15 -23.16 5.58 32.52
N ALA D 16 -24.23 5.97 31.85
CA ALA D 16 -24.16 6.89 30.72
C ALA D 16 -23.66 8.28 31.12
N GLN D 17 -23.72 8.63 32.40
CA GLN D 17 -23.22 9.94 32.85
C GLN D 17 -21.69 10.04 32.71
N TRP D 18 -20.98 8.94 32.94
CA TRP D 18 -19.54 8.91 32.66
C TRP D 18 -19.30 9.19 31.19
N GLY D 19 -20.07 8.51 30.33
CA GLY D 19 -20.04 8.76 28.90
C GLY D 19 -20.28 10.20 28.47
N ASP D 20 -21.18 10.91 29.16
CA ASP D 20 -21.48 12.31 28.84
C ASP D 20 -20.24 13.21 28.96
N MET D 21 -19.46 13.00 30.00
CA MET D 21 -18.18 13.68 30.18
C MET D 21 -17.25 13.41 29.02
N GLU D 22 -17.15 12.14 28.62
CA GLU D 22 -16.21 11.71 27.59
C GLU D 22 -16.48 12.42 26.27
N PHE D 23 -17.75 12.42 25.86
CA PHE D 23 -18.13 13.01 24.58
C PHE D 23 -18.08 14.53 24.61
N ASN D 24 -18.33 15.14 25.77
CA ASN D 24 -18.20 16.59 25.92
C ASN D 24 -16.73 17.01 25.85
N GLY D 25 -15.86 16.18 26.42
CA GLY D 25 -14.43 16.43 26.42
C GLY D 25 -13.86 16.38 25.01
N ALA D 26 -14.12 15.28 24.31
CA ALA D 26 -13.63 15.08 22.95
C ALA D 26 -14.18 16.09 21.94
N ARG D 27 -15.44 16.50 22.11
CA ARG D 27 -16.07 17.46 21.21
C ARG D 27 -15.38 18.83 21.27
N GLN D 28 -15.08 19.28 22.49
CA GLN D 28 -14.41 20.57 22.69
C GLN D 28 -12.95 20.51 22.24
N ALA D 29 -12.34 19.34 22.34
CA ALA D 29 -10.96 19.15 21.91
C ALA D 29 -10.86 19.23 20.38
N ILE D 30 -11.77 18.53 19.70
CA ILE D 30 -11.82 18.52 18.23
C ILE D 30 -12.16 19.92 17.68
N LYS D 31 -12.96 20.68 18.43
CA LYS D 31 -13.33 22.04 18.03
C LYS D 31 -12.16 23.02 18.18
N ASP D 32 -11.49 22.97 19.34
CA ASP D 32 -10.39 23.90 19.64
C ASP D 32 -9.20 23.69 18.71
N ILE D 33 -9.02 22.47 18.22
CA ILE D 33 -7.90 22.13 17.34
C ILE D 33 -8.14 22.65 15.92
N ASN D 34 -9.37 22.48 15.41
CA ASN D 34 -9.73 22.96 14.07
C ASN D 34 -9.63 24.47 13.94
N ALA D 35 -9.97 25.18 15.01
CA ALA D 35 -9.96 26.64 15.03
C ALA D 35 -8.53 27.20 15.05
N LYS D 36 -7.58 26.39 15.52
CA LYS D 36 -6.17 26.78 15.56
C LYS D 36 -5.41 26.42 14.28
N GLY D 37 -6.02 25.58 13.44
CA GLY D 37 -5.42 25.19 12.18
C GLY D 37 -5.76 23.76 11.79
N GLY D 38 -5.69 22.86 12.77
CA GLY D 38 -5.96 21.45 12.57
C GLY D 38 -4.65 20.68 12.45
N ILE D 39 -4.68 19.60 11.68
CA ILE D 39 -3.48 18.82 11.39
C ILE D 39 -2.88 19.31 10.08
N LYS D 40 -2.30 20.51 10.13
CA LYS D 40 -1.70 21.17 8.97
C LYS D 40 -2.74 21.47 7.89
N GLY D 41 -3.81 22.15 8.28
CA GLY D 41 -4.90 22.49 7.39
C GLY D 41 -6.01 21.45 7.27
N ASP D 42 -5.72 20.21 7.67
CA ASP D 42 -6.69 19.12 7.64
C ASP D 42 -7.60 19.16 8.87
N LYS D 43 -8.89 18.97 8.66
CA LYS D 43 -9.89 19.12 9.73
C LYS D 43 -10.15 17.79 10.42
N LEU D 44 -10.20 17.80 11.76
CA LEU D 44 -10.55 16.62 12.54
C LEU D 44 -12.06 16.45 12.60
N VAL D 45 -12.53 15.23 12.30
CA VAL D 45 -13.95 14.89 12.36
C VAL D 45 -14.15 13.75 13.35
N GLY D 46 -14.90 14.01 14.42
CA GLY D 46 -15.26 12.99 15.39
C GLY D 46 -16.46 12.18 14.93
N VAL D 47 -16.35 10.86 15.00
CA VAL D 47 -17.42 9.95 14.60
C VAL D 47 -17.81 9.07 15.80
N GLU D 48 -18.96 9.36 16.39
CA GLU D 48 -19.31 8.82 17.70
C GLU D 48 -20.07 7.50 17.65
N TYR D 49 -19.81 6.65 18.66
CA TYR D 49 -20.35 5.30 18.74
C TYR D 49 -20.84 4.99 20.16
N ASP D 50 -21.95 4.26 20.25
CA ASP D 50 -22.51 3.85 21.52
C ASP D 50 -22.24 2.36 21.75
N ASP D 51 -21.33 2.07 22.68
CA ASP D 51 -21.12 0.69 23.12
C ASP D 51 -21.81 0.38 24.45
N ALA D 52 -22.32 1.41 25.12
CA ALA D 52 -23.11 1.27 26.36
C ALA D 52 -22.36 0.57 27.50
N CYS D 53 -21.03 0.58 27.44
CA CYS D 53 -20.17 -0.17 28.36
C CYS D 53 -20.58 -1.63 28.53
N ASP D 54 -21.07 -2.22 27.44
CA ASP D 54 -21.46 -3.64 27.38
C ASP D 54 -20.44 -4.35 26.48
N PRO D 55 -19.78 -5.40 26.99
CA PRO D 55 -18.76 -6.13 26.22
C PRO D 55 -19.21 -6.66 24.86
N LYS D 56 -20.40 -7.26 24.78
CA LYS D 56 -20.92 -7.78 23.51
C LYS D 56 -21.15 -6.66 22.50
N GLN D 57 -21.73 -5.55 22.96
CA GLN D 57 -22.02 -4.39 22.10
C GLN D 57 -20.75 -3.65 21.71
N ALA D 58 -19.70 -3.75 22.54
CA ALA D 58 -18.43 -3.08 22.29
C ALA D 58 -17.64 -3.79 21.19
N VAL D 59 -17.78 -5.11 21.13
CA VAL D 59 -17.19 -5.92 20.06
C VAL D 59 -17.86 -5.61 18.72
N ALA D 60 -19.18 -5.52 18.73
CA ALA D 60 -19.95 -5.19 17.53
C ALA D 60 -19.58 -3.80 16.99
N VAL D 61 -19.24 -2.89 17.90
CA VAL D 61 -18.83 -1.51 17.55
C VAL D 61 -17.39 -1.46 17.05
N ALA D 62 -16.54 -2.35 17.57
CA ALA D 62 -15.15 -2.43 17.14
C ALA D 62 -15.07 -3.00 15.73
N ASN D 63 -15.99 -3.92 15.40
CA ASN D 63 -16.07 -4.51 14.07
C ASN D 63 -16.59 -3.49 13.06
N LYS D 64 -17.55 -2.66 13.48
CA LYS D 64 -18.11 -1.62 12.60
C LYS D 64 -17.07 -0.56 12.23
N ILE D 65 -16.23 -0.18 13.19
CA ILE D 65 -15.18 0.83 12.97
C ILE D 65 -14.13 0.34 11.96
N VAL D 66 -13.83 -0.95 11.99
CA VAL D 66 -12.92 -1.57 11.03
C VAL D 66 -13.50 -1.47 9.62
N ASN D 67 -14.80 -1.72 9.50
CA ASN D 67 -15.49 -1.69 8.21
C ASN D 67 -15.66 -0.27 7.64
N ASP D 68 -15.65 0.74 8.51
CA ASP D 68 -15.83 2.12 8.08
C ASP D 68 -14.51 2.78 7.63
N GLY D 69 -13.41 2.02 7.70
CA GLY D 69 -12.11 2.51 7.27
C GLY D 69 -11.45 3.51 8.22
N ILE D 70 -11.96 3.60 9.45
CA ILE D 70 -11.39 4.49 10.46
C ILE D 70 -10.16 3.81 11.06
N LYS D 71 -9.10 4.58 11.26
CA LYS D 71 -7.81 4.05 11.70
C LYS D 71 -7.46 4.42 13.14
N TYR D 72 -8.12 5.45 13.69
CA TYR D 72 -7.82 5.96 15.03
C TYR D 72 -9.06 6.00 15.92
N VAL D 73 -8.93 5.53 17.16
CA VAL D 73 -10.07 5.38 18.07
C VAL D 73 -9.76 5.92 19.47
N ILE D 74 -10.44 7.01 19.85
CA ILE D 74 -10.44 7.48 21.24
C ILE D 74 -11.52 6.73 22.04
N GLY D 75 -11.13 5.62 22.65
CA GLY D 75 -12.05 4.78 23.42
C GLY D 75 -11.44 3.45 23.84
N HIS D 76 -12.23 2.55 24.43
CA HIS D 76 -13.62 2.79 24.83
C HIS D 76 -13.61 3.44 26.21
N LEU D 77 -14.77 3.46 26.89
CA LEU D 77 -14.88 4.15 28.18
C LEU D 77 -14.50 3.23 29.35
N CYS D 78 -15.23 2.12 29.48
CA CYS D 78 -15.07 1.22 30.62
C CYS D 78 -14.07 0.12 30.31
N SER D 79 -13.60 -0.57 31.33
CA SER D 79 -12.53 -1.57 31.17
C SER D 79 -13.03 -2.86 30.51
N SER D 80 -14.20 -3.35 30.91
CA SER D 80 -14.73 -4.62 30.41
C SER D 80 -15.25 -4.54 28.97
N SER D 81 -15.45 -3.32 28.48
CA SER D 81 -15.81 -3.06 27.08
C SER D 81 -14.58 -2.80 26.20
N THR D 82 -13.58 -2.12 26.77
CA THR D 82 -12.34 -1.77 26.07
C THR D 82 -11.44 -2.97 25.77
N GLN D 83 -11.36 -3.93 26.68
CA GLN D 83 -10.44 -5.06 26.50
C GLN D 83 -10.81 -6.00 25.33
N PRO D 84 -12.04 -6.50 25.25
CA PRO D 84 -12.43 -7.33 24.09
C PRO D 84 -12.41 -6.53 22.78
N ALA D 85 -12.67 -5.23 22.86
CA ALA D 85 -12.58 -4.34 21.69
C ALA D 85 -11.14 -4.16 21.21
N SER D 86 -10.18 -4.16 22.14
CA SER D 86 -8.77 -3.97 21.82
C SER D 86 -8.19 -5.17 21.06
N ASP D 87 -8.72 -6.37 21.31
CA ASP D 87 -8.30 -7.58 20.60
C ASP D 87 -8.54 -7.44 19.09
N ILE D 88 -9.66 -6.83 18.72
CA ILE D 88 -10.01 -6.60 17.32
C ILE D 88 -9.17 -5.47 16.71
N TYR D 89 -8.92 -4.40 17.46
CA TYR D 89 -8.13 -3.29 16.96
C TYR D 89 -6.66 -3.68 16.75
N GLU D 90 -6.20 -4.70 17.48
CA GLU D 90 -4.83 -5.18 17.34
C GLU D 90 -4.66 -6.00 16.06
N ASP D 91 -5.63 -6.87 15.77
CA ASP D 91 -5.62 -7.69 14.56
C ASP D 91 -5.63 -6.83 13.30
N GLU D 92 -6.40 -5.75 13.33
CA GLU D 92 -6.68 -4.94 12.14
C GLU D 92 -5.78 -3.71 12.01
N GLY D 93 -4.84 -3.55 12.94
CA GLY D 93 -3.89 -2.44 12.88
C GLY D 93 -4.53 -1.09 13.06
N ILE D 94 -5.36 -0.95 14.10
CA ILE D 94 -6.03 0.30 14.41
C ILE D 94 -5.56 0.82 15.77
N LEU D 95 -5.14 2.08 15.80
CA LEU D 95 -4.72 2.72 17.03
C LEU D 95 -5.91 2.93 17.98
N MET D 96 -5.68 2.70 19.27
CA MET D 96 -6.72 2.88 20.29
C MET D 96 -6.13 3.47 21.57
N ILE D 97 -6.53 4.68 21.89
CA ILE D 97 -6.18 5.35 23.15
C ILE D 97 -7.44 5.53 24.00
N SER D 98 -7.55 4.73 25.06
CA SER D 98 -8.72 4.77 25.96
C SER D 98 -8.60 5.87 27.01
N PRO D 99 -9.58 6.77 27.07
CA PRO D 99 -9.59 7.83 28.07
C PRO D 99 -10.20 7.43 29.43
N GLY D 100 -10.74 6.21 29.55
CA GLY D 100 -11.43 5.83 30.77
C GLY D 100 -10.98 4.54 31.45
N ALA D 101 -10.55 3.55 30.67
CA ALA D 101 -10.24 2.23 31.20
C ALA D 101 -9.00 2.28 32.09
N THR D 102 -9.13 1.79 33.32
CA THR D 102 -8.06 1.82 34.31
C THR D 102 -7.58 0.43 34.73
N ASN D 103 -8.24 -0.62 34.26
CA ASN D 103 -7.86 -1.98 34.64
C ASN D 103 -6.54 -2.38 33.96
N PRO D 104 -5.56 -2.86 34.74
CA PRO D 104 -4.20 -3.07 34.22
C PRO D 104 -4.07 -4.01 33.01
N GLU D 105 -4.87 -5.08 32.95
CA GLU D 105 -4.69 -6.13 31.92
C GLU D 105 -4.68 -5.62 30.48
N LEU D 106 -5.36 -4.52 30.21
CA LEU D 106 -5.41 -3.92 28.88
C LEU D 106 -4.04 -3.83 28.20
N THR D 107 -3.04 -3.38 28.95
CA THR D 107 -1.72 -3.09 28.40
C THR D 107 -0.60 -4.04 28.87
N GLN D 108 -0.96 -5.15 29.51
CA GLN D 108 0.03 -6.13 29.99
C GLN D 108 0.07 -7.37 29.08
N ARG D 109 -0.07 -7.16 27.77
CA ARG D 109 -0.20 -8.28 26.82
C ARG D 109 0.53 -8.08 25.47
N GLY D 110 1.48 -7.14 25.41
CA GLY D 110 2.32 -6.94 24.24
C GLY D 110 1.67 -6.28 23.03
N TYR D 111 0.55 -5.59 23.25
CA TYR D 111 -0.17 -4.92 22.16
C TYR D 111 0.54 -3.62 21.81
N GLN D 112 0.89 -3.46 20.55
CA GLN D 112 1.66 -2.29 20.08
C GLN D 112 0.77 -1.12 19.66
N HIS D 113 -0.53 -1.39 19.49
CA HIS D 113 -1.48 -0.38 18.99
C HIS D 113 -2.34 0.26 20.10
N ILE D 114 -2.15 -0.18 21.34
CA ILE D 114 -3.02 0.21 22.46
C ILE D 114 -2.33 1.13 23.47
N MET D 115 -2.98 2.24 23.81
CA MET D 115 -2.54 3.15 24.88
C MET D 115 -3.73 3.63 25.72
N ARG D 116 -3.46 4.56 26.64
CA ARG D 116 -4.50 5.20 27.43
C ARG D 116 -4.04 6.51 28.07
N THR D 117 -4.99 7.36 28.43
CA THR D 117 -4.72 8.57 29.21
C THR D 117 -5.30 8.48 30.62
N ALA D 118 -6.07 7.42 30.89
CA ALA D 118 -6.57 7.14 32.22
C ALA D 118 -5.45 6.57 33.09
N GLY D 119 -5.65 6.59 34.40
CA GLY D 119 -4.71 6.00 35.34
C GLY D 119 -4.80 4.49 35.37
N LEU D 120 -4.10 3.89 36.33
CA LEU D 120 -4.11 2.44 36.53
C LEU D 120 -4.71 2.10 37.87
N ASP D 121 -5.39 0.96 37.96
CA ASP D 121 -5.95 0.48 39.21
C ASP D 121 -4.91 -0.24 40.05
N SER D 122 -3.78 -0.56 39.41
CA SER D 122 -2.58 -1.00 40.12
C SER D 122 -2.00 0.12 40.99
N SER D 123 -2.51 1.34 40.76
CA SER D 123 -2.13 2.52 41.53
C SER D 123 -3.27 3.00 42.44
N GLN D 124 -4.47 3.10 41.88
CA GLN D 124 -5.66 3.53 42.61
C GLN D 124 -5.99 2.63 43.81
N GLY D 125 -5.82 1.33 43.63
CA GLY D 125 -6.13 0.34 44.66
C GLY D 125 -5.25 0.44 45.90
N PRO D 126 -3.94 0.29 45.73
CA PRO D 126 -2.99 0.54 46.83
C PRO D 126 -3.15 1.90 47.51
N THR D 127 -3.58 2.92 46.77
CA THR D 127 -3.78 4.25 47.33
C THR D 127 -4.92 4.26 48.36
N ALA D 128 -6.01 3.55 48.06
CA ALA D 128 -7.13 3.42 48.98
C ALA D 128 -6.73 2.62 50.22
N ALA D 129 -6.04 1.50 50.00
CA ALA D 129 -5.65 0.61 51.10
C ALA D 129 -4.71 1.29 52.08
N LYS D 130 -3.83 2.14 51.56
CA LYS D 130 -2.88 2.87 52.39
C LYS D 130 -3.61 3.90 53.23
N TYR D 131 -4.61 4.56 52.65
CA TYR D 131 -5.42 5.53 53.38
C TYR D 131 -6.25 4.85 54.47
N ILE D 132 -6.70 3.62 54.20
CA ILE D 132 -7.51 2.87 55.14
C ILE D 132 -6.67 2.45 56.34
N LEU D 133 -5.47 1.92 56.08
CA LEU D 133 -4.63 1.38 57.14
C LEU D 133 -4.06 2.47 58.02
N GLU D 134 -3.70 3.59 57.43
CA GLU D 134 -2.96 4.65 58.14
C GLU D 134 -3.85 5.72 58.75
N THR D 135 -4.93 6.09 58.06
CA THR D 135 -5.80 7.20 58.50
C THR D 135 -7.14 6.76 59.08
N VAL D 136 -7.84 5.86 58.39
CA VAL D 136 -9.18 5.46 58.82
C VAL D 136 -9.09 4.56 60.06
N LYS D 137 -8.15 3.61 60.02
CA LYS D 137 -7.90 2.66 61.10
C LYS D 137 -9.16 1.94 61.58
N PRO D 138 -9.82 1.21 60.69
CA PRO D 138 -11.02 0.45 61.04
C PRO D 138 -10.70 -0.83 61.82
N GLN D 139 -11.69 -1.34 62.54
CA GLN D 139 -11.56 -2.58 63.32
C GLN D 139 -12.04 -3.81 62.53
N ARG D 140 -13.20 -3.68 61.90
CA ARG D 140 -13.84 -4.78 61.16
C ARG D 140 -14.25 -4.32 59.76
N ILE D 141 -13.72 -4.99 58.74
CA ILE D 141 -13.81 -4.57 57.34
C ILE D 141 -14.59 -5.58 56.48
N ALA D 142 -15.33 -5.07 55.51
CA ALA D 142 -15.93 -5.89 54.47
C ALA D 142 -15.59 -5.27 53.12
N ILE D 143 -15.49 -6.11 52.10
CA ILE D 143 -15.14 -5.67 50.75
C ILE D 143 -16.15 -6.25 49.77
N ILE D 144 -16.91 -5.39 49.11
CA ILE D 144 -17.94 -5.79 48.16
C ILE D 144 -17.53 -5.33 46.74
N HIS D 145 -18.11 -5.96 45.72
CA HIS D 145 -17.87 -5.61 44.31
C HIS D 145 -19.05 -6.04 43.43
N ASP D 146 -19.04 -5.63 42.17
CA ASP D 146 -20.17 -5.90 41.25
C ASP D 146 -19.90 -6.98 40.18
N LYS D 147 -18.88 -7.80 40.40
CA LYS D 147 -18.58 -8.97 39.54
C LYS D 147 -18.08 -8.64 38.14
N GLN D 148 -17.75 -7.37 37.88
CA GLN D 148 -17.23 -6.93 36.60
C GLN D 148 -15.75 -6.56 36.77
N GLN D 149 -15.05 -6.35 35.65
CA GLN D 149 -13.59 -6.29 35.66
C GLN D 149 -13.00 -5.13 36.45
N TYR D 150 -13.60 -3.95 36.29
CA TYR D 150 -13.14 -2.74 36.97
C TYR D 150 -13.28 -2.87 38.48
N GLY D 151 -14.47 -3.21 38.93
CA GLY D 151 -14.83 -3.22 40.34
C GLY D 151 -14.20 -4.37 41.10
N GLU D 152 -14.34 -5.58 40.57
CA GLU D 152 -13.77 -6.77 41.17
C GLU D 152 -12.24 -6.68 41.22
N GLY D 153 -11.65 -6.08 40.21
CA GLY D 153 -10.20 -5.87 40.18
C GLY D 153 -9.73 -4.94 41.28
N LEU D 154 -10.45 -3.83 41.47
CA LEU D 154 -10.14 -2.88 42.55
C LEU D 154 -10.40 -3.47 43.93
N ALA D 155 -11.48 -4.24 44.07
CA ALA D 155 -11.82 -4.88 45.34
C ALA D 155 -10.73 -5.87 45.74
N ARG D 156 -10.27 -6.64 44.78
CA ARG D 156 -9.24 -7.66 45.00
C ARG D 156 -7.89 -7.02 45.28
N SER D 157 -7.65 -5.86 44.68
CA SER D 157 -6.42 -5.10 44.90
C SER D 157 -6.41 -4.56 46.32
N VAL D 158 -7.54 -4.03 46.79
CA VAL D 158 -7.64 -3.43 48.10
C VAL D 158 -7.64 -4.53 49.17
N GLN D 159 -8.29 -5.66 48.87
CA GLN D 159 -8.23 -6.80 49.78
C GLN D 159 -6.77 -7.26 49.97
N ASP D 160 -6.03 -7.34 48.87
CA ASP D 160 -4.64 -7.79 48.93
C ASP D 160 -3.76 -6.85 49.75
N GLY D 161 -3.87 -5.55 49.50
CA GLY D 161 -3.08 -4.56 50.22
C GLY D 161 -3.35 -4.58 51.72
N LEU D 162 -4.62 -4.69 52.08
CA LEU D 162 -5.05 -4.78 53.47
C LEU D 162 -4.55 -6.08 54.13
N LYS D 163 -4.62 -7.19 53.41
CA LYS D 163 -4.18 -8.48 53.92
C LYS D 163 -2.66 -8.53 54.11
N ALA D 164 -1.92 -7.74 53.34
CA ALA D 164 -0.47 -7.63 53.47
C ALA D 164 -0.10 -7.02 54.84
N ALA D 165 -0.93 -6.09 55.30
CA ALA D 165 -0.78 -5.49 56.64
C ALA D 165 -1.62 -6.22 57.69
N ASN D 166 -2.14 -7.39 57.33
CA ASN D 166 -2.90 -8.27 58.21
C ASN D 166 -4.08 -7.57 58.92
N ALA D 167 -4.80 -6.76 58.16
CA ALA D 167 -6.02 -6.10 58.64
C ALA D 167 -7.17 -7.10 58.70
N ASN D 168 -8.23 -6.77 59.42
CA ASN D 168 -9.29 -7.73 59.72
C ASN D 168 -10.40 -7.67 58.68
N VAL D 169 -10.16 -8.28 57.53
CA VAL D 169 -11.19 -8.39 56.50
C VAL D 169 -12.09 -9.56 56.89
N VAL D 170 -13.25 -9.23 57.43
CA VAL D 170 -14.23 -10.20 57.90
C VAL D 170 -14.80 -11.01 56.73
N PHE D 171 -15.21 -10.34 55.66
CA PHE D 171 -15.69 -11.04 54.47
C PHE D 171 -15.55 -10.28 53.16
N PHE D 172 -15.60 -11.05 52.08
CA PHE D 172 -15.48 -10.58 50.69
C PHE D 172 -16.69 -11.13 49.93
N ASP D 173 -17.37 -10.31 49.15
CA ASP D 173 -18.59 -10.76 48.48
C ASP D 173 -18.97 -9.95 47.25
N GLY D 174 -19.64 -10.61 46.30
CA GLY D 174 -20.12 -9.98 45.09
C GLY D 174 -21.62 -9.73 45.13
N ILE D 175 -22.07 -8.72 44.38
CA ILE D 175 -23.48 -8.41 44.19
C ILE D 175 -23.74 -8.15 42.71
N THR D 176 -25.00 -8.30 42.29
CA THR D 176 -25.38 -8.09 40.89
C THR D 176 -25.58 -6.60 40.60
N ALA D 177 -24.96 -6.11 39.53
CA ALA D 177 -25.15 -4.73 39.07
C ALA D 177 -26.58 -4.57 38.58
N GLY D 178 -27.27 -3.56 39.11
CA GLY D 178 -28.67 -3.33 38.84
C GLY D 178 -29.56 -3.78 39.99
N GLU D 179 -28.93 -4.25 41.07
CA GLU D 179 -29.66 -4.65 42.26
C GLU D 179 -30.15 -3.40 42.98
N LYS D 180 -31.45 -3.38 43.31
CA LYS D 180 -32.06 -2.27 44.02
C LYS D 180 -32.31 -2.60 45.49
N ASP D 181 -32.16 -3.87 45.85
CA ASP D 181 -32.43 -4.33 47.21
C ASP D 181 -31.14 -4.88 47.85
N PHE D 182 -30.56 -4.08 48.73
CA PHE D 182 -29.37 -4.47 49.48
C PHE D 182 -29.68 -4.80 50.95
N SER D 183 -30.95 -5.09 51.25
CA SER D 183 -31.38 -5.35 52.62
C SER D 183 -30.68 -6.57 53.24
N ALA D 184 -30.30 -7.54 52.42
CA ALA D 184 -29.57 -8.73 52.89
C ALA D 184 -28.10 -8.39 53.23
N LEU D 185 -27.49 -7.53 52.43
CA LEU D 185 -26.11 -7.10 52.68
C LEU D 185 -26.03 -6.23 53.93
N ILE D 186 -26.98 -5.31 54.06
CA ILE D 186 -27.05 -4.41 55.21
C ILE D 186 -27.27 -5.21 56.49
N ALA D 187 -28.10 -6.25 56.41
CA ALA D 187 -28.40 -7.09 57.59
C ALA D 187 -27.13 -7.80 58.05
N ARG D 188 -26.33 -8.25 57.08
CA ARG D 188 -25.07 -8.90 57.35
C ARG D 188 -24.01 -7.93 57.93
N LEU D 189 -24.01 -6.68 57.49
CA LEU D 189 -23.08 -5.68 58.03
C LEU D 189 -23.42 -5.34 59.48
N LYS D 190 -24.72 -5.45 59.82
CA LYS D 190 -25.20 -5.17 61.17
C LYS D 190 -24.83 -6.32 62.11
N LYS D 191 -25.14 -7.55 61.69
CA LYS D 191 -24.88 -8.74 62.49
C LYS D 191 -23.40 -8.93 62.77
N GLU D 192 -22.58 -8.74 61.73
CA GLU D 192 -21.14 -8.94 61.83
C GLU D 192 -20.37 -7.69 62.27
N ASN D 193 -21.09 -6.64 62.63
CA ASN D 193 -20.50 -5.46 63.28
C ASN D 193 -19.41 -4.77 62.45
N ILE D 194 -19.65 -4.64 61.14
CA ILE D 194 -18.69 -4.04 60.22
C ILE D 194 -18.72 -2.51 60.31
N ASP D 195 -17.58 -1.90 60.60
CA ASP D 195 -17.49 -0.43 60.62
C ASP D 195 -16.79 0.17 59.38
N PHE D 196 -16.37 -0.66 58.44
CA PHE D 196 -15.80 -0.15 57.18
C PHE D 196 -16.10 -1.07 55.99
N VAL D 197 -16.53 -0.46 54.90
CA VAL D 197 -16.77 -1.16 53.64
C VAL D 197 -16.06 -0.44 52.50
N TYR D 198 -15.28 -1.18 51.71
CA TYR D 198 -14.83 -0.72 50.39
C TYR D 198 -15.67 -1.41 49.32
N TYR D 199 -16.25 -0.61 48.43
CA TYR D 199 -17.02 -1.13 47.30
C TYR D 199 -16.31 -0.82 45.98
N GLY D 200 -15.90 -1.88 45.27
CA GLY D 200 -15.35 -1.75 43.94
C GLY D 200 -16.44 -1.80 42.89
N GLY D 201 -16.69 -0.67 42.23
CA GLY D 201 -17.78 -0.57 41.28
C GLY D 201 -18.17 0.85 40.98
N TYR D 202 -19.39 1.02 40.44
CA TYR D 202 -19.86 2.30 39.92
C TYR D 202 -20.95 2.92 40.81
N TYR D 203 -21.28 4.18 40.50
CA TYR D 203 -22.15 5.00 41.34
C TYR D 203 -23.60 4.50 41.59
N PRO D 204 -24.26 3.83 40.65
CA PRO D 204 -25.67 3.42 40.87
C PRO D 204 -25.81 2.52 42.09
N GLU D 205 -24.92 1.53 42.20
CA GLU D 205 -24.98 0.54 43.26
C GLU D 205 -24.51 1.13 44.60
N MET D 206 -23.42 1.90 44.57
CA MET D 206 -22.92 2.56 45.77
C MET D 206 -24.00 3.45 46.40
N GLY D 207 -24.70 4.22 45.56
CA GLY D 207 -25.72 5.14 46.00
C GLY D 207 -26.90 4.47 46.67
N GLN D 208 -27.33 3.32 46.14
CA GLN D 208 -28.46 2.59 46.71
C GLN D 208 -28.05 1.97 48.04
N MET D 209 -26.80 1.52 48.12
CA MET D 209 -26.28 0.87 49.31
C MET D 209 -26.15 1.86 50.46
N LEU D 210 -25.75 3.10 50.15
CA LEU D 210 -25.56 4.12 51.17
C LEU D 210 -26.89 4.55 51.76
N ARG D 211 -27.88 4.76 50.90
CA ARG D 211 -29.21 5.18 51.36
C ARG D 211 -29.84 4.13 52.28
N GLN D 212 -29.83 2.88 51.85
CA GLN D 212 -30.46 1.80 52.62
C GLN D 212 -29.73 1.55 53.95
N ALA D 213 -28.43 1.84 53.98
CA ALA D 213 -27.61 1.67 55.17
C ALA D 213 -27.96 2.69 56.26
N ARG D 214 -28.11 3.95 55.87
CA ARG D 214 -28.49 4.99 56.83
C ARG D 214 -29.94 4.84 57.31
N SER D 215 -30.79 4.19 56.52
CA SER D 215 -32.20 4.03 56.87
C SER D 215 -32.40 3.13 58.10
N VAL D 216 -31.56 2.10 58.24
CA VAL D 216 -31.63 1.18 59.40
C VAL D 216 -30.63 1.54 60.51
N GLY D 217 -29.85 2.61 60.29
CA GLY D 217 -29.00 3.16 61.33
C GLY D 217 -27.59 2.62 61.39
N LEU D 218 -27.12 2.02 60.30
CA LEU D 218 -25.70 1.65 60.19
C LEU D 218 -24.85 2.89 60.28
N LYS D 219 -23.76 2.81 61.04
CA LYS D 219 -22.80 3.90 61.16
C LYS D 219 -21.52 3.58 60.37
N THR D 220 -21.60 2.55 59.52
CA THR D 220 -20.47 2.06 58.73
C THR D 220 -19.88 3.13 57.79
N GLN D 221 -18.56 3.27 57.81
CA GLN D 221 -17.83 4.15 56.90
C GLN D 221 -17.65 3.44 55.55
N PHE D 222 -18.04 4.11 54.47
CA PHE D 222 -17.93 3.53 53.12
C PHE D 222 -16.85 4.20 52.30
N MET D 223 -16.29 3.45 51.35
CA MET D 223 -15.27 3.95 50.43
C MET D 223 -15.42 3.26 49.08
N GLY D 224 -15.04 3.95 48.01
CA GLY D 224 -15.08 3.39 46.66
C GLY D 224 -14.09 4.08 45.72
N PRO D 225 -13.91 3.52 44.52
CA PRO D 225 -13.00 4.10 43.53
C PRO D 225 -13.62 5.26 42.75
N GLU D 226 -12.89 5.79 41.77
CA GLU D 226 -13.31 6.99 41.03
C GLU D 226 -14.66 6.84 40.32
N GLY D 227 -15.04 5.60 39.98
CA GLY D 227 -16.31 5.30 39.34
C GLY D 227 -17.58 5.57 40.14
N VAL D 228 -17.47 5.74 41.46
CA VAL D 228 -18.60 6.15 42.30
C VAL D 228 -18.65 7.67 42.52
N GLY D 229 -17.52 8.36 42.30
CA GLY D 229 -17.42 9.80 42.48
C GLY D 229 -18.02 10.60 41.33
N ASN D 230 -19.34 10.66 41.32
CA ASN D 230 -20.10 11.24 40.22
C ASN D 230 -21.23 12.11 40.79
N ALA D 231 -21.75 13.05 40.00
CA ALA D 231 -22.85 13.89 40.45
C ALA D 231 -24.12 13.10 40.79
N SER D 232 -24.32 11.97 40.11
CA SER D 232 -25.49 11.13 40.36
C SER D 232 -25.50 10.52 41.77
N LEU D 233 -24.34 10.37 42.38
CA LEU D 233 -24.20 9.64 43.63
C LEU D 233 -24.96 10.24 44.81
N SER D 234 -24.83 11.55 45.00
CA SER D 234 -25.51 12.24 46.09
C SER D 234 -27.02 12.38 45.82
N ASN D 235 -27.42 12.33 44.55
CA ASN D 235 -28.85 12.31 44.21
C ASN D 235 -29.49 10.97 44.57
N ILE D 236 -28.78 9.88 44.29
CA ILE D 236 -29.27 8.54 44.58
C ILE D 236 -29.21 8.25 46.08
N ALA D 237 -28.14 8.70 46.73
CA ALA D 237 -27.88 8.35 48.14
C ALA D 237 -28.51 9.34 49.11
N GLY D 238 -28.65 10.59 48.68
CA GLY D 238 -29.17 11.66 49.52
C GLY D 238 -28.18 12.05 50.60
N ASP D 239 -28.68 12.23 51.82
CA ASP D 239 -27.85 12.59 52.98
C ASP D 239 -26.82 11.53 53.33
N ALA D 240 -27.06 10.29 52.88
CA ALA D 240 -26.19 9.15 53.16
C ALA D 240 -24.84 9.21 52.45
N ALA D 241 -24.70 10.10 51.48
CA ALA D 241 -23.43 10.31 50.78
C ALA D 241 -22.42 11.07 51.64
N GLU D 242 -22.90 11.76 52.68
CA GLU D 242 -22.04 12.48 53.60
C GLU D 242 -21.04 11.55 54.27
N GLY D 243 -19.75 11.86 54.11
CA GLY D 243 -18.69 11.08 54.74
C GLY D 243 -18.12 9.95 53.90
N MET D 244 -18.72 9.67 52.74
CA MET D 244 -18.21 8.65 51.83
C MET D 244 -16.82 9.03 51.28
N LEU D 245 -15.88 8.10 51.35
CA LEU D 245 -14.53 8.34 50.87
C LEU D 245 -14.41 7.85 49.43
N VAL D 246 -13.57 8.51 48.63
CA VAL D 246 -13.39 8.16 47.22
C VAL D 246 -12.02 8.57 46.70
N THR D 247 -11.40 7.71 45.90
CA THR D 247 -10.17 8.07 45.19
C THR D 247 -10.52 8.64 43.83
N MET D 248 -9.93 9.79 43.50
CA MET D 248 -10.18 10.48 42.24
C MET D 248 -8.88 11.05 41.66
N PRO D 249 -8.87 11.33 40.37
CA PRO D 249 -7.79 12.14 39.78
C PRO D 249 -7.74 13.56 40.35
N LYS D 250 -6.63 14.23 40.07
CA LYS D 250 -6.47 15.65 40.36
C LYS D 250 -7.61 16.44 39.69
N ARG D 251 -7.97 17.57 40.29
CA ARG D 251 -9.04 18.40 39.75
C ARG D 251 -8.47 19.36 38.70
N TYR D 252 -8.56 18.94 37.44
CA TYR D 252 -7.97 19.68 36.33
C TYR D 252 -8.72 20.96 35.99
N ASP D 253 -10.00 21.02 36.37
CA ASP D 253 -10.82 22.21 36.15
C ASP D 253 -10.47 23.40 37.06
N GLN D 254 -9.62 23.17 38.05
CA GLN D 254 -9.13 24.25 38.92
C GLN D 254 -7.77 24.79 38.43
N ASP D 255 -7.12 24.07 37.52
CA ASP D 255 -5.88 24.51 36.90
C ASP D 255 -6.07 25.83 36.14
N PRO D 256 -5.35 26.89 36.54
CA PRO D 256 -5.41 28.19 35.84
C PRO D 256 -5.24 28.13 34.31
N ALA D 257 -4.43 27.21 33.81
CA ALA D 257 -4.21 27.04 32.37
C ALA D 257 -5.45 26.56 31.61
N ASN D 258 -6.28 25.74 32.25
CA ASN D 258 -7.48 25.19 31.62
C ASN D 258 -8.73 26.09 31.71
N GLN D 259 -8.58 27.32 32.19
CA GLN D 259 -9.72 28.22 32.42
C GLN D 259 -10.46 28.64 31.15
N GLY D 260 -9.77 28.62 30.01
CA GLY D 260 -10.41 28.91 28.72
C GLY D 260 -11.36 27.81 28.27
N ILE D 261 -10.99 26.56 28.55
CA ILE D 261 -11.85 25.42 28.24
C ILE D 261 -13.03 25.33 29.22
N VAL D 262 -12.80 25.75 30.47
CA VAL D 262 -13.85 25.80 31.49
C VAL D 262 -14.97 26.76 31.07
N ASP D 263 -14.58 27.91 30.51
CA ASP D 263 -15.54 28.92 30.05
C ASP D 263 -16.32 28.42 28.83
N ALA D 264 -15.66 27.67 27.96
CA ALA D 264 -16.29 27.16 26.74
C ALA D 264 -17.39 26.15 27.06
N LEU D 265 -17.11 25.22 27.97
CA LEU D 265 -18.10 24.23 28.41
C LEU D 265 -19.27 24.90 29.14
N LYS D 266 -18.95 25.86 30.02
CA LYS D 266 -19.97 26.61 30.76
C LYS D 266 -20.90 27.42 29.85
N ALA D 267 -20.40 27.83 28.68
CA ALA D 267 -21.18 28.61 27.71
C ALA D 267 -22.17 27.73 26.95
N ASP D 268 -21.79 26.46 26.75
CA ASP D 268 -22.69 25.45 26.21
C ASP D 268 -23.47 24.75 27.32
N LYS D 269 -23.39 25.31 28.54
CA LYS D 269 -24.15 24.86 29.70
C LYS D 269 -23.88 23.38 30.01
N LYS D 270 -22.61 23.08 30.20
CA LYS D 270 -22.15 21.72 30.52
C LYS D 270 -21.23 21.76 31.73
N ASP D 271 -21.33 20.73 32.57
CA ASP D 271 -20.56 20.61 33.80
C ASP D 271 -19.08 20.34 33.49
N PRO D 272 -18.19 21.28 33.81
CA PRO D 272 -16.76 21.10 33.54
C PRO D 272 -15.98 20.42 34.67
N SER D 273 -16.65 19.95 35.72
CA SER D 273 -15.96 19.47 36.92
C SER D 273 -15.50 18.02 36.87
N GLY D 274 -16.11 17.21 36.01
CA GLY D 274 -15.82 15.79 35.96
C GLY D 274 -14.44 15.48 35.39
N PRO D 275 -13.73 14.50 35.97
CA PRO D 275 -12.36 14.19 35.56
C PRO D 275 -12.21 13.70 34.11
N TYR D 276 -13.20 12.97 33.58
CA TYR D 276 -13.09 12.38 32.24
C TYR D 276 -13.47 13.32 31.09
N VAL D 277 -13.90 14.53 31.42
CA VAL D 277 -13.97 15.62 30.43
C VAL D 277 -12.53 15.98 30.01
N TRP D 278 -11.64 16.05 31.00
CA TRP D 278 -10.27 16.48 30.78
C TRP D 278 -9.36 15.35 30.31
N ILE D 279 -9.54 14.16 30.87
CA ILE D 279 -8.75 13.00 30.44
C ILE D 279 -9.08 12.62 28.99
N THR D 280 -10.35 12.79 28.58
CA THR D 280 -10.73 12.55 27.19
C THR D 280 -10.21 13.64 26.25
N TYR D 281 -10.19 14.88 26.73
CA TYR D 281 -9.65 16.01 25.97
C TYR D 281 -8.17 15.76 25.66
N ALA D 282 -7.45 15.20 26.64
CA ALA D 282 -6.02 14.91 26.51
C ALA D 282 -5.74 13.74 25.58
N ALA D 283 -6.71 12.84 25.42
CA ALA D 283 -6.57 11.70 24.51
C ALA D 283 -6.67 12.13 23.04
N VAL D 284 -7.47 13.17 22.77
CA VAL D 284 -7.55 13.74 21.43
C VAL D 284 -6.31 14.57 21.15
N GLN D 285 -5.87 15.34 22.15
CA GLN D 285 -4.67 16.17 22.06
C GLN D 285 -3.40 15.37 21.75
N SER D 286 -3.33 14.15 22.25
CA SER D 286 -2.15 13.30 22.05
C SER D 286 -2.15 12.72 20.63
N LEU D 287 -3.32 12.37 20.13
CA LEU D 287 -3.46 11.88 18.76
C LEU D 287 -3.05 12.96 17.75
N ALA D 288 -3.51 14.18 18.01
CA ALA D 288 -3.24 15.32 17.13
C ALA D 288 -1.79 15.79 17.23
N THR D 289 -1.14 15.52 18.36
CA THR D 289 0.26 15.89 18.56
C THR D 289 1.14 14.98 17.71
N ALA D 290 0.83 13.69 17.70
CA ALA D 290 1.58 12.71 16.93
C ALA D 290 1.40 12.93 15.42
N LEU D 291 0.23 13.38 15.00
CA LEU D 291 -0.05 13.61 13.58
C LEU D 291 0.66 14.86 13.06
N GLU D 292 0.84 15.84 13.94
CA GLU D 292 1.45 17.12 13.56
C GLU D 292 2.93 16.96 13.24
N ARG D 293 3.70 16.44 14.19
CA ARG D 293 5.17 16.44 14.11
C ARG D 293 5.77 15.30 13.29
N THR D 294 5.05 14.18 13.15
CA THR D 294 5.50 13.08 12.30
C THR D 294 4.97 13.24 10.88
N GLY D 295 3.73 13.69 10.76
CA GLY D 295 3.08 13.83 9.47
C GLY D 295 2.66 12.50 8.87
N SER D 296 2.81 11.43 9.66
CA SER D 296 2.46 10.08 9.21
C SER D 296 0.97 9.83 9.42
N ASP D 297 0.39 8.98 8.57
CA ASP D 297 -1.00 8.56 8.70
C ASP D 297 -1.09 7.08 9.08
N GLU D 298 0.03 6.52 9.54
CA GLU D 298 0.10 5.10 9.89
C GLU D 298 -0.15 4.92 11.40
N PRO D 299 -1.12 4.07 11.75
CA PRO D 299 -1.44 3.77 13.15
C PRO D 299 -0.23 3.44 14.05
N LEU D 300 0.58 2.46 13.64
CA LEU D 300 1.69 1.98 14.46
C LEU D 300 2.82 3.00 14.62
N ALA D 301 2.98 3.87 13.62
CA ALA D 301 4.00 4.92 13.67
C ALA D 301 3.65 6.02 14.67
N LEU D 302 2.35 6.26 14.85
CA LEU D 302 1.87 7.29 15.76
C LEU D 302 2.01 6.88 17.22
N VAL D 303 1.73 5.61 17.52
CA VAL D 303 1.88 5.06 18.87
C VAL D 303 3.34 5.08 19.32
N LYS D 304 4.23 4.71 18.40
CA LYS D 304 5.67 4.67 18.69
C LYS D 304 6.19 6.09 18.94
N ASP D 305 5.62 7.06 18.25
CA ASP D 305 6.06 8.46 18.36
C ASP D 305 5.60 9.14 19.66
N LEU D 306 4.44 8.73 20.19
CA LEU D 306 3.98 9.26 21.48
C LEU D 306 4.81 8.68 22.62
N LYS D 307 5.15 7.39 22.51
CA LYS D 307 5.95 6.70 23.53
C LYS D 307 7.37 7.26 23.65
N ALA D 308 7.91 7.77 22.55
CA ALA D 308 9.27 8.27 22.52
C ALA D 308 9.38 9.75 22.87
N ASN D 309 8.37 10.55 22.50
CA ASN D 309 8.45 12.01 22.61
C ASN D 309 7.37 12.70 23.46
N GLY D 310 6.24 12.05 23.66
CA GLY D 310 5.22 12.52 24.60
C GLY D 310 4.26 13.56 24.04
N ALA D 311 3.57 14.29 24.92
CA ALA D 311 2.58 15.29 24.49
C ALA D 311 2.11 16.17 25.64
N ASN D 312 2.13 17.48 25.45
CA ASN D 312 1.57 18.41 26.43
C ASN D 312 0.05 18.51 26.30
N THR D 313 -0.67 18.25 27.39
CA THR D 313 -2.14 18.22 27.40
C THR D 313 -2.73 18.96 28.60
N VAL D 314 -4.06 18.98 28.67
CA VAL D 314 -4.76 19.68 29.75
C VAL D 314 -4.64 18.99 31.11
N ILE D 315 -4.15 17.75 31.12
CA ILE D 315 -3.86 17.04 32.37
C ILE D 315 -2.36 16.96 32.70
N GLY D 316 -1.56 17.76 32.01
CA GLY D 316 -0.12 17.83 32.21
C GLY D 316 0.68 17.19 31.09
N PRO D 317 2.01 17.28 31.16
CA PRO D 317 2.90 16.58 30.20
C PRO D 317 2.85 15.07 30.36
N LEU D 318 2.67 14.36 29.26
CA LEU D 318 2.40 12.92 29.31
C LEU D 318 3.54 12.12 28.68
N ASN D 319 4.14 11.24 29.47
CA ASN D 319 5.16 10.33 28.99
C ASN D 319 4.68 8.90 29.16
N TRP D 320 4.59 8.18 28.05
CA TRP D 320 4.15 6.78 28.05
C TRP D 320 5.34 5.83 28.02
N ASP D 321 5.21 4.71 28.72
CA ASP D 321 6.16 3.60 28.64
C ASP D 321 5.81 2.69 27.45
N GLU D 322 6.54 1.58 27.31
CA GLU D 322 6.42 0.71 26.13
C GLU D 322 5.11 -0.08 26.08
N LYS D 323 4.45 -0.23 27.22
CA LYS D 323 3.18 -0.94 27.30
C LYS D 323 2.00 -0.07 26.83
N GLY D 324 2.14 1.24 26.93
CA GLY D 324 1.09 2.18 26.57
C GLY D 324 0.45 2.91 27.74
N ASP D 325 0.93 2.66 28.96
CA ASP D 325 0.43 3.34 30.17
C ASP D 325 1.20 4.62 30.46
N LEU D 326 0.54 5.56 31.14
CA LEU D 326 1.19 6.79 31.60
C LEU D 326 2.08 6.53 32.80
N LYS D 327 3.06 7.40 32.98
CA LYS D 327 3.94 7.38 34.15
C LYS D 327 3.49 8.48 35.09
N GLY D 328 3.29 8.15 36.36
CA GLY D 328 3.00 9.13 37.38
C GLY D 328 1.60 9.73 37.39
N PHE D 329 0.59 8.92 37.07
CA PHE D 329 -0.82 9.31 37.21
C PHE D 329 -1.28 8.96 38.62
N ASP D 330 -1.46 9.99 39.46
CA ASP D 330 -1.80 9.78 40.87
C ASP D 330 -3.29 9.96 41.15
N PHE D 331 -3.77 9.22 42.14
CA PHE D 331 -5.10 9.42 42.70
C PHE D 331 -4.99 9.99 44.12
N GLY D 332 -5.86 10.92 44.45
CA GLY D 332 -5.97 11.45 45.80
C GLY D 332 -7.23 10.94 46.48
N VAL D 333 -7.34 11.14 47.79
CA VAL D 333 -8.53 10.75 48.52
C VAL D 333 -9.39 11.99 48.82
N PHE D 334 -10.70 11.81 48.69
CA PHE D 334 -11.67 12.90 48.85
C PHE D 334 -12.84 12.44 49.70
N GLN D 335 -13.35 13.33 50.54
CA GLN D 335 -14.55 13.07 51.32
C GLN D 335 -15.74 13.70 50.60
N TRP D 336 -16.80 12.92 50.43
CA TRP D 336 -17.97 13.37 49.68
C TRP D 336 -18.96 14.04 50.62
N HIS D 337 -19.89 14.79 50.03
CA HIS D 337 -20.91 15.50 50.79
C HIS D 337 -22.29 15.30 50.18
N ALA D 338 -23.32 15.65 50.94
CA ALA D 338 -24.71 15.40 50.53
C ALA D 338 -25.16 16.30 49.36
N ASP D 339 -24.52 17.47 49.23
CA ASP D 339 -24.79 18.38 48.11
C ASP D 339 -23.97 18.09 46.84
N GLY D 340 -23.25 16.98 46.82
CA GLY D 340 -22.46 16.58 45.65
C GLY D 340 -21.06 17.13 45.57
N SER D 341 -20.68 18.01 46.50
CA SER D 341 -19.33 18.57 46.55
C SER D 341 -18.37 17.60 47.24
N SER D 342 -17.09 17.93 47.21
CA SER D 342 -16.08 17.12 47.90
C SER D 342 -14.87 17.94 48.33
N THR D 343 -14.22 17.48 49.39
CA THR D 343 -13.02 18.13 49.92
C THR D 343 -11.91 17.10 50.12
N LYS D 344 -10.67 17.49 49.83
CA LYS D 344 -9.51 16.59 49.98
C LYS D 344 -9.27 16.29 51.46
N ALA D 345 -9.13 15.01 51.79
CA ALA D 345 -9.03 14.58 53.20
C ALA D 345 -7.78 15.10 53.91
N LYS D 346 -6.84 15.63 53.29
#